data_7XOF
#
_entry.id   7XOF
#
_cell.length_a   74.130
_cell.length_b   130.940
_cell.length_c   123.390
_cell.angle_alpha   90.000
_cell.angle_beta   101.880
_cell.angle_gamma   90.000
#
_symmetry.space_group_name_H-M   'P 1 21 1'
#
loop_
_entity.id
_entity.type
_entity.pdbx_description
1 polymer 'Glycine--tRNA ligase'
2 water water
#
_entity_poly.entity_id   1
_entity_poly.type   'polypeptide(L)'
_entity_poly.pdbx_seq_one_letter_code
;HHHHHHHHGSSLEVLFQGPAVASADGDAPSPVSVSASAATKGPSSSSVLTFQQAIQRLQDYWASVGCAVMQCSNTEVGAG
TMNPLTFLRVLGPEPWNVAYVEPSIRPDDSRYGDNPNRLQRHTQFQVILKPDPGNSQDLFLHSLSALGINVREHDIRFVE
DNWESPVLGAWGLGWEVWMDGMEITQFTYFQQSGSLPLLPVSVEITYGLERILMSLQGVDHFKNIQYTKGITYGELFLEN
EKEMSAYYLEHANVDNIQKHFDDFEEEARSLLSLWLPIPAYDHVLKASHAFNILDSRGFVGVTERARYFGRMRSLARQCA
QLWVKTRENLGYPLGTYQESNLIYPHVSEKPSRKGVVGQPRAFVLEIGTEELPPHDVIEATKQLEKSLIQILEKRRLSHG
KVRSYGTPRRLAVVVENLNMKQMEEEIELRGPPVAKAFDQEGRPTKAAEGFCRKNNVPIDSLYRRTDGKTEYIYARVKES
ARFADEVLTEDLPTIISGISFPKSMRWNSNIVFSRPIRWIFALHGDLIVPFCFAGISSGNQSCGLRNSSLANFKVEAAEL
YLHTLEKAGILIDMQERKQRILHDSSILAEGVGGDIIAPDSLVQEVINLVEAPMPIIGRYDVSFLALPKDVLITVMQKHQ
KYFPVTSKTMGNLLPCFITVANGAIKEEVVRKGNEAVLRARYEDAKFFYKMDTQKKLSEFRDQLSSILFHERLGTMLDKM
KRVENTVAEVALLLGINEKMIPAIKDAAALAMSDLATNIVTEFTSLAGIMARHYALRDGLSEQIAEALFEITLPRFSGDV
FPKTDPGIVLAVTDRLDSLVGLFGAGCQPSSTNDPFGLRRISYGLVQILVENKKNFDLTKALTLVAEEQPITIDSGVIDE
VVQFVTRRLEQLLVDEGINCEIVRSVLIERANCPYLASQTAIEMEAFSRTEDFPKIVEAYSRPTRIIRGKEIGSALEVDA
SVFEKDEERALWSAYLEVADKIHPGVDIKAFADASLELLQPLEDFFTNVFVMAEDEKVRNNRLALLTKVASLPKGIADLS
VLPGF
;
_entity_poly.pdbx_strand_id   A,B
#
# COMPACT_ATOMS: atom_id res chain seq x y z
N SER A 47 23.51 -14.06 -14.81
CA SER A 47 24.55 -14.51 -13.90
C SER A 47 24.09 -14.45 -12.45
N VAL A 48 24.13 -13.27 -11.84
CA VAL A 48 23.77 -13.11 -10.44
C VAL A 48 22.32 -12.65 -10.35
N LEU A 49 21.67 -13.09 -9.28
CA LEU A 49 20.25 -12.79 -9.06
C LEU A 49 20.05 -11.33 -8.71
N THR A 50 19.06 -10.71 -9.35
CA THR A 50 18.68 -9.33 -9.06
C THR A 50 17.54 -9.29 -8.04
N PHE A 51 17.29 -8.09 -7.52
CA PHE A 51 16.28 -7.89 -6.49
C PHE A 51 14.90 -8.33 -6.97
N GLN A 52 14.50 -7.89 -8.17
CA GLN A 52 13.15 -8.19 -8.62
C GLN A 52 12.98 -9.66 -8.98
N GLN A 53 14.04 -10.33 -9.46
CA GLN A 53 13.93 -11.77 -9.68
C GLN A 53 13.79 -12.51 -8.35
N ALA A 54 14.48 -12.06 -7.31
CA ALA A 54 14.27 -12.65 -5.98
C ALA A 54 12.81 -12.52 -5.57
N ILE A 55 12.21 -11.35 -5.80
CA ILE A 55 10.81 -11.15 -5.44
C ILE A 55 9.89 -12.07 -6.25
N GLN A 56 10.12 -12.15 -7.56
CA GLN A 56 9.30 -13.03 -8.40
C GLN A 56 9.45 -14.49 -7.99
N ARG A 57 10.68 -14.92 -7.70
CA ARG A 57 10.91 -16.31 -7.35
C ARG A 57 10.28 -16.66 -6.01
N LEU A 58 10.28 -15.72 -5.06
CA LEU A 58 9.63 -15.98 -3.79
C LEU A 58 8.11 -16.05 -3.95
N GLN A 59 7.53 -15.10 -4.70
CA GLN A 59 6.10 -15.16 -4.96
C GLN A 59 5.72 -16.47 -5.66
N ASP A 60 6.53 -16.90 -6.63
CA ASP A 60 6.22 -18.11 -7.37
C ASP A 60 6.34 -19.35 -6.49
N TYR A 61 7.39 -19.43 -5.67
CA TYR A 61 7.54 -20.58 -4.78
C TYR A 61 6.37 -20.67 -3.81
N TRP A 62 6.08 -19.58 -3.11
CA TRP A 62 5.03 -19.67 -2.09
C TRP A 62 3.65 -19.84 -2.71
N ALA A 63 3.43 -19.32 -3.93
CA ALA A 63 2.17 -19.61 -4.63
C ALA A 63 2.08 -21.08 -5.00
N SER A 64 3.20 -21.71 -5.36
CA SER A 64 3.18 -23.15 -5.67
C SER A 64 2.88 -24.01 -4.45
N VAL A 65 3.04 -23.48 -3.23
CA VAL A 65 2.80 -24.24 -2.01
C VAL A 65 1.35 -24.10 -1.55
N GLY A 66 0.56 -23.26 -2.20
CA GLY A 66 -0.82 -23.03 -1.81
C GLY A 66 -1.08 -21.65 -1.28
N CYS A 67 -0.04 -20.82 -1.13
CA CYS A 67 -0.24 -19.48 -0.63
C CYS A 67 -0.93 -18.62 -1.68
N ALA A 68 -1.57 -17.58 -1.20
CA ALA A 68 -2.16 -16.56 -2.05
C ALA A 68 -1.27 -15.33 -2.02
N VAL A 69 -0.89 -14.84 -3.20
CA VAL A 69 0.05 -13.72 -3.31
C VAL A 69 -0.74 -12.42 -3.24
N MET A 70 -0.51 -11.66 -2.17
CA MET A 70 -1.26 -10.45 -1.88
C MET A 70 -0.48 -9.23 -2.36
N GLN A 71 -0.94 -8.06 -1.95
CA GLN A 71 -0.30 -6.79 -2.27
C GLN A 71 0.21 -6.16 -0.99
N CYS A 72 1.07 -5.16 -1.15
CA CYS A 72 1.59 -4.40 -0.02
C CYS A 72 0.48 -3.59 0.61
N SER A 73 0.67 -3.22 1.87
CA SER A 73 -0.22 -2.25 2.51
C SER A 73 -0.19 -0.93 1.75
N ASN A 74 -1.36 -0.34 1.57
CA ASN A 74 -1.45 0.99 0.97
C ASN A 74 -1.53 2.09 2.02
N THR A 75 -1.16 1.75 3.26
CA THR A 75 -0.88 2.73 4.30
C THR A 75 0.43 2.30 4.96
N GLU A 76 1.15 3.27 5.52
CA GLU A 76 2.51 3.02 5.96
C GLU A 76 2.51 2.08 7.15
N VAL A 77 3.19 0.94 7.00
CA VAL A 77 3.35 -0.01 8.09
C VAL A 77 4.84 -0.22 8.33
N GLY A 78 5.20 -0.44 9.60
CA GLY A 78 6.58 -0.71 9.95
C GLY A 78 7.05 -2.12 9.72
N ALA A 79 6.15 -3.05 9.40
CA ALA A 79 6.50 -4.44 9.17
C ALA A 79 5.32 -5.13 8.51
N GLY A 80 5.62 -6.20 7.76
CA GLY A 80 4.55 -7.03 7.23
C GLY A 80 3.61 -7.55 8.29
N THR A 81 4.13 -7.82 9.49
CA THR A 81 3.29 -8.24 10.61
C THR A 81 2.17 -7.27 10.89
N MET A 82 2.44 -5.96 10.71
CA MET A 82 1.43 -4.96 11.02
C MET A 82 0.32 -4.91 9.98
N ASN A 83 0.59 -5.36 8.75
CA ASN A 83 -0.43 -5.40 7.73
C ASN A 83 -1.59 -6.26 8.25
N PRO A 84 -2.84 -5.82 8.07
CA PRO A 84 -3.98 -6.63 8.53
C PRO A 84 -3.99 -8.04 7.97
N LEU A 85 -3.41 -8.26 6.78
CA LEU A 85 -3.25 -9.60 6.25
C LEU A 85 -2.56 -10.54 7.22
N THR A 86 -1.85 -10.01 8.21
CA THR A 86 -1.25 -10.79 9.28
C THR A 86 -1.91 -10.52 10.62
N PHE A 87 -1.84 -9.28 11.13
CA PHE A 87 -2.34 -8.96 12.46
C PHE A 87 -3.78 -9.42 12.66
N LEU A 88 -4.68 -9.01 11.77
CA LEU A 88 -6.08 -9.40 11.93
C LEU A 88 -6.31 -10.86 11.52
N ARG A 89 -5.73 -11.27 10.39
CA ARG A 89 -6.08 -12.57 9.81
C ARG A 89 -5.60 -13.76 10.63
N VAL A 90 -4.58 -13.61 11.47
CA VAL A 90 -4.12 -14.73 12.29
C VAL A 90 -5.10 -15.08 13.39
N LEU A 91 -6.06 -14.20 13.66
CA LEU A 91 -7.06 -14.46 14.69
C LEU A 91 -8.13 -15.41 14.17
N GLY A 92 -8.86 -16.01 15.10
CA GLY A 92 -9.93 -16.93 14.79
C GLY A 92 -9.46 -18.27 14.24
N PRO A 93 -10.40 -19.20 14.07
CA PRO A 93 -10.06 -20.53 13.56
C PRO A 93 -9.92 -20.65 12.06
N GLU A 94 -10.20 -19.61 11.29
CA GLU A 94 -10.14 -19.73 9.84
C GLU A 94 -8.69 -19.92 9.38
N PRO A 95 -8.46 -20.76 8.38
CA PRO A 95 -7.10 -20.90 7.82
C PRO A 95 -6.72 -19.66 7.02
N TRP A 96 -5.42 -19.57 6.71
CA TRP A 96 -4.84 -18.39 6.09
C TRP A 96 -3.43 -18.66 5.58
N ASN A 97 -3.27 -18.79 4.26
CA ASN A 97 -1.97 -19.01 3.66
C ASN A 97 -1.72 -17.87 2.67
N VAL A 98 -0.82 -16.96 3.04
CA VAL A 98 -0.61 -15.74 2.25
C VAL A 98 0.86 -15.41 2.17
N ALA A 99 1.21 -14.68 1.10
CA ALA A 99 2.57 -14.25 0.84
C ALA A 99 2.53 -12.90 0.15
N TYR A 100 3.32 -11.94 0.65
CA TYR A 100 3.30 -10.62 0.05
C TYR A 100 4.58 -9.86 0.37
N VAL A 101 4.98 -9.02 -0.59
CA VAL A 101 6.04 -8.04 -0.35
C VAL A 101 5.50 -6.92 0.52
N GLU A 102 6.29 -6.47 1.48
CA GLU A 102 5.89 -5.35 2.33
C GLU A 102 7.04 -4.36 2.46
N PRO A 103 6.91 -3.18 1.87
CA PRO A 103 7.83 -2.09 2.23
C PRO A 103 7.56 -1.65 3.67
N SER A 104 8.55 -1.82 4.52
CA SER A 104 8.46 -1.48 5.93
C SER A 104 9.18 -0.17 6.19
N ILE A 105 8.49 0.74 6.87
CA ILE A 105 8.90 2.13 7.07
C ILE A 105 9.23 2.32 8.54
N ARG A 106 10.49 2.62 8.82
CA ARG A 106 10.97 2.83 10.19
C ARG A 106 11.67 4.18 10.26
N PRO A 107 10.92 5.24 10.60
CA PRO A 107 11.52 6.59 10.59
C PRO A 107 12.78 6.74 11.43
N ASP A 108 12.94 5.93 12.48
CA ASP A 108 14.13 6.07 13.31
C ASP A 108 15.37 5.52 12.61
N ASP A 109 15.19 4.60 11.67
CA ASP A 109 16.30 4.05 10.88
C ASP A 109 16.78 4.98 9.78
N SER A 110 16.27 6.21 9.72
CA SER A 110 16.72 7.19 8.72
C SER A 110 18.19 7.52 8.89
N ARG A 111 19.02 7.15 7.90
CA ARG A 111 20.44 7.47 7.90
C ARG A 111 20.86 8.23 6.65
N TYR A 112 19.90 8.84 5.93
CA TYR A 112 20.15 9.61 4.72
C TYR A 112 20.79 8.79 3.61
N GLY A 113 20.70 7.47 3.69
CA GLY A 113 21.32 6.61 2.70
C GLY A 113 22.82 6.47 2.84
N ASP A 114 23.41 7.02 3.89
CA ASP A 114 24.85 6.95 4.06
C ASP A 114 25.30 5.65 4.72
N ASN A 115 24.49 5.11 5.62
CA ASN A 115 24.78 3.80 6.22
C ASN A 115 24.51 2.71 5.18
N PRO A 116 25.36 1.68 5.12
CA PRO A 116 25.19 0.66 4.08
C PRO A 116 24.09 -0.36 4.35
N ASN A 117 23.45 -0.35 5.52
CA ASN A 117 22.42 -1.36 5.83
C ASN A 117 21.16 -0.77 6.41
N ARG A 118 21.25 0.23 7.30
CA ARG A 118 20.08 0.76 7.97
C ARG A 118 19.35 1.75 7.07
N LEU A 119 18.06 1.51 6.88
CA LEU A 119 17.24 2.20 5.89
C LEU A 119 15.91 2.58 6.49
N GLN A 120 15.44 3.80 6.22
CA GLN A 120 14.10 4.16 6.68
C GLN A 120 13.01 3.42 5.93
N ARG A 121 13.35 2.81 4.79
CA ARG A 121 12.41 2.00 4.03
C ARG A 121 13.15 0.76 3.54
N HIS A 122 12.83 -0.39 4.09
CA HIS A 122 13.40 -1.64 3.58
C HIS A 122 12.27 -2.58 3.18
N THR A 123 12.62 -3.68 2.53
CA THR A 123 11.63 -4.52 1.88
C THR A 123 11.64 -5.90 2.52
N GLN A 124 10.56 -6.24 3.25
CA GLN A 124 10.41 -7.59 3.75
C GLN A 124 9.55 -8.41 2.79
N PHE A 125 9.74 -9.72 2.85
CA PHE A 125 8.80 -10.66 2.25
C PHE A 125 8.10 -11.41 3.37
N GLN A 126 6.78 -11.36 3.38
CA GLN A 126 5.96 -11.86 4.48
C GLN A 126 5.22 -13.11 4.02
N VAL A 127 5.33 -14.18 4.82
CA VAL A 127 4.59 -15.41 4.61
C VAL A 127 3.88 -15.77 5.90
N ILE A 128 2.57 -16.02 5.81
CA ILE A 128 1.78 -16.52 6.93
C ILE A 128 1.20 -17.87 6.52
N LEU A 129 1.48 -18.91 7.31
CA LEU A 129 0.92 -20.24 7.11
C LEU A 129 0.05 -20.59 8.31
N LYS A 130 -1.24 -20.74 8.08
CA LYS A 130 -2.16 -21.03 9.18
C LYS A 130 -3.23 -22.00 8.70
N PRO A 131 -3.41 -23.16 9.38
CA PRO A 131 -2.62 -23.62 10.52
C PRO A 131 -1.23 -24.09 10.10
N ASP A 132 -0.41 -24.47 11.07
CA ASP A 132 0.95 -24.93 10.78
C ASP A 132 0.90 -26.23 9.99
N PRO A 133 1.43 -26.25 8.76
CA PRO A 133 1.44 -27.51 8.00
C PRO A 133 2.37 -28.57 8.58
N GLY A 134 3.30 -28.18 9.46
CA GLY A 134 4.17 -29.13 10.13
C GLY A 134 5.52 -29.31 9.50
N ASN A 135 5.76 -28.76 8.31
CA ASN A 135 7.07 -28.81 7.65
C ASN A 135 7.46 -27.44 7.13
N SER A 136 7.22 -26.39 7.93
CA SER A 136 7.52 -25.03 7.48
C SER A 136 9.02 -24.81 7.29
N GLN A 137 9.87 -25.44 8.12
CA GLN A 137 11.30 -25.30 7.93
C GLN A 137 11.73 -25.87 6.58
N ASP A 138 11.17 -27.02 6.20
CA ASP A 138 11.49 -27.59 4.89
C ASP A 138 11.03 -26.68 3.77
N LEU A 139 9.83 -26.11 3.90
CA LEU A 139 9.31 -25.22 2.87
C LEU A 139 10.19 -23.99 2.74
N PHE A 140 10.69 -23.46 3.86
CA PHE A 140 11.56 -22.29 3.82
C PHE A 140 12.89 -22.61 3.16
N LEU A 141 13.48 -23.74 3.52
CA LEU A 141 14.73 -24.15 2.86
C LEU A 141 14.52 -24.30 1.35
N HIS A 142 13.36 -24.84 0.95
CA HIS A 142 13.04 -24.93 -0.48
C HIS A 142 12.90 -23.56 -1.09
N SER A 143 12.32 -22.60 -0.36
CA SER A 143 12.26 -21.22 -0.86
C SER A 143 13.65 -20.67 -1.08
N LEU A 144 14.60 -20.99 -0.19
CA LEU A 144 15.98 -20.57 -0.41
C LEU A 144 16.54 -21.18 -1.67
N SER A 145 16.26 -22.48 -1.90
CA SER A 145 16.73 -23.11 -3.13
C SER A 145 16.10 -22.48 -4.36
N ALA A 146 14.84 -22.01 -4.26
CA ALA A 146 14.20 -21.35 -5.39
C ALA A 146 14.77 -19.96 -5.65
N LEU A 147 15.55 -19.40 -4.71
CA LEU A 147 16.26 -18.16 -4.88
C LEU A 147 17.64 -18.37 -5.48
N GLY A 148 18.00 -19.61 -5.84
CA GLY A 148 19.32 -19.94 -6.32
C GLY A 148 20.32 -20.34 -5.26
N ILE A 149 19.93 -20.38 -3.99
CA ILE A 149 20.83 -20.67 -2.89
C ILE A 149 21.01 -22.18 -2.75
N ASN A 150 22.26 -22.63 -2.83
CA ASN A 150 22.59 -24.03 -2.58
C ASN A 150 22.64 -24.24 -1.06
N VAL A 151 21.64 -24.94 -0.53
CA VAL A 151 21.55 -25.11 0.92
C VAL A 151 22.52 -26.16 1.46
N ARG A 152 23.02 -27.06 0.62
CA ARG A 152 24.06 -27.98 1.06
C ARG A 152 25.39 -27.26 1.28
N GLU A 153 25.73 -26.32 0.39
CA GLU A 153 27.03 -25.67 0.46
C GLU A 153 27.04 -24.51 1.46
N HIS A 154 25.92 -23.80 1.59
CA HIS A 154 25.81 -22.73 2.57
C HIS A 154 25.48 -23.31 3.94
N ASP A 155 25.74 -22.50 4.96
CA ASP A 155 25.46 -22.89 6.35
C ASP A 155 24.21 -22.12 6.79
N ILE A 156 23.06 -22.78 6.70
CA ILE A 156 21.77 -22.21 7.07
C ILE A 156 21.44 -22.65 8.49
N ARG A 157 21.30 -21.69 9.41
CA ARG A 157 21.16 -22.00 10.82
C ARG A 157 19.92 -21.38 11.42
N PHE A 158 19.18 -22.17 12.21
CA PHE A 158 18.03 -21.70 12.97
C PHE A 158 18.51 -21.40 14.39
N VAL A 159 18.60 -20.11 14.74
CA VAL A 159 19.14 -19.72 16.04
C VAL A 159 18.05 -19.01 16.82
N GLU A 160 17.93 -19.35 18.11
CA GLU A 160 16.85 -18.81 18.93
C GLU A 160 16.77 -17.30 18.83
N ASP A 161 15.57 -16.82 18.53
CA ASP A 161 15.22 -15.41 18.53
C ASP A 161 13.69 -15.34 18.53
N ASN A 162 13.07 -15.23 19.70
CA ASN A 162 11.62 -15.30 19.82
C ASN A 162 11.02 -13.94 19.55
N TRP A 163 10.32 -13.80 18.42
CA TRP A 163 9.72 -12.53 18.05
C TRP A 163 8.65 -12.11 19.05
N GLU A 164 8.59 -10.81 19.34
CA GLU A 164 7.53 -10.27 20.18
C GLU A 164 7.31 -8.80 19.85
N SER A 165 6.05 -8.39 19.88
CA SER A 165 5.65 -6.99 19.71
C SER A 165 4.70 -6.63 20.84
N PRO A 166 5.21 -6.08 21.95
CA PRO A 166 4.31 -5.73 23.06
C PRO A 166 3.17 -4.81 22.66
N VAL A 167 3.43 -3.81 21.83
CA VAL A 167 2.41 -2.84 21.46
C VAL A 167 1.31 -3.47 20.62
N LEU A 168 1.61 -4.56 19.91
CA LEU A 168 0.60 -5.32 19.18
C LEU A 168 0.03 -6.47 19.99
N GLY A 169 0.40 -6.58 21.27
CA GLY A 169 -0.07 -7.68 22.10
C GLY A 169 0.23 -9.04 21.54
N ALA A 170 1.35 -9.18 20.83
CA ALA A 170 1.65 -10.39 20.09
C ALA A 170 3.03 -10.91 20.46
N TRP A 171 3.15 -12.24 20.46
CA TRP A 171 4.46 -12.86 20.65
C TRP A 171 4.43 -14.27 20.08
N GLY A 172 5.63 -14.81 19.88
CA GLY A 172 5.78 -16.19 19.47
C GLY A 172 7.15 -16.71 19.83
N LEU A 173 7.36 -17.98 19.54
CA LEU A 173 8.69 -18.56 19.71
C LEU A 173 9.24 -19.01 18.37
N GLY A 174 10.54 -18.88 18.19
CA GLY A 174 11.15 -19.37 16.98
C GLY A 174 12.60 -19.01 16.88
N TRP A 175 13.00 -18.57 15.69
CA TRP A 175 14.41 -18.37 15.39
C TRP A 175 14.59 -17.19 14.45
N GLU A 176 15.83 -16.73 14.39
CA GLU A 176 16.30 -15.97 13.25
C GLU A 176 17.19 -16.92 12.46
N VAL A 177 17.12 -16.81 11.14
CA VAL A 177 17.86 -17.70 10.26
C VAL A 177 19.15 -17.00 9.84
N TRP A 178 20.27 -17.68 10.01
CA TRP A 178 21.58 -17.18 9.66
C TRP A 178 22.01 -17.88 8.38
N MET A 179 22.35 -17.09 7.36
CA MET A 179 23.05 -17.61 6.19
C MET A 179 24.50 -17.22 6.34
N ASP A 180 25.35 -18.20 6.63
CA ASP A 180 26.79 -17.98 6.82
C ASP A 180 27.06 -16.81 7.78
N GLY A 181 26.21 -16.70 8.80
CA GLY A 181 26.41 -15.75 9.88
C GLY A 181 25.52 -14.53 9.84
N MET A 182 24.83 -14.28 8.73
CA MET A 182 24.01 -13.10 8.57
C MET A 182 22.54 -13.43 8.77
N GLU A 183 21.87 -12.63 9.58
CA GLU A 183 20.42 -12.75 9.75
C GLU A 183 19.71 -12.42 8.45
N ILE A 184 18.90 -13.38 7.96
CA ILE A 184 18.18 -13.17 6.71
C ILE A 184 16.67 -13.36 6.84
N THR A 185 16.17 -13.97 7.92
CA THR A 185 14.77 -14.34 7.99
C THR A 185 14.39 -14.49 9.45
N GLN A 186 13.24 -13.94 9.82
CA GLN A 186 12.62 -14.24 11.11
C GLN A 186 11.58 -15.33 10.92
N PHE A 187 11.61 -16.33 11.81
CA PHE A 187 10.80 -17.52 11.70
C PHE A 187 10.11 -17.73 13.04
N THR A 188 8.79 -17.59 13.09
CA THR A 188 8.11 -17.54 14.38
C THR A 188 6.83 -18.38 14.35
N TYR A 189 6.64 -19.16 15.40
CA TYR A 189 5.33 -19.74 15.71
C TYR A 189 4.61 -18.73 16.59
N PHE A 190 3.64 -18.02 15.99
CA PHE A 190 2.83 -17.06 16.71
C PHE A 190 1.95 -17.78 17.72
N GLN A 191 1.95 -17.29 18.96
CA GLN A 191 1.12 -17.89 19.99
C GLN A 191 -0.03 -16.99 20.40
N GLN A 192 0.15 -15.69 20.24
CA GLN A 192 -0.77 -14.71 20.76
C GLN A 192 -0.65 -13.46 19.89
N SER A 193 -1.79 -12.86 19.55
CA SER A 193 -1.81 -11.63 18.80
C SER A 193 -2.97 -10.78 19.28
N GLY A 194 -2.70 -9.48 19.45
CA GLY A 194 -3.69 -8.58 19.99
C GLY A 194 -4.15 -8.99 21.37
N SER A 195 -3.21 -9.47 22.20
CA SER A 195 -3.46 -9.95 23.56
C SER A 195 -4.38 -11.16 23.60
N LEU A 196 -4.61 -11.81 22.46
CA LEU A 196 -5.50 -12.95 22.41
C LEU A 196 -4.72 -14.21 22.04
N PRO A 197 -5.01 -15.34 22.69
CA PRO A 197 -4.33 -16.58 22.33
C PRO A 197 -4.79 -17.06 20.98
N LEU A 198 -3.84 -17.58 20.19
CA LEU A 198 -4.11 -18.00 18.82
C LEU A 198 -4.39 -19.49 18.76
N LEU A 199 -5.38 -19.86 17.95
CA LEU A 199 -5.79 -21.23 17.70
C LEU A 199 -6.53 -21.26 16.37
N PRO A 200 -5.96 -21.84 15.31
CA PRO A 200 -4.69 -22.55 15.33
C PRO A 200 -3.47 -21.62 15.23
N VAL A 201 -2.32 -22.11 15.69
CA VAL A 201 -1.08 -21.34 15.61
C VAL A 201 -0.73 -21.07 14.15
N SER A 202 -0.22 -19.86 13.89
CA SER A 202 0.31 -19.48 12.59
C SER A 202 1.84 -19.47 12.59
N VAL A 203 2.42 -19.79 11.44
CA VAL A 203 3.85 -19.70 11.24
C VAL A 203 4.11 -18.46 10.39
N GLU A 204 4.93 -17.54 10.91
CA GLU A 204 5.29 -16.31 10.23
C GLU A 204 6.74 -16.40 9.78
N ILE A 205 6.96 -16.20 8.48
CA ILE A 205 8.28 -16.21 7.88
C ILE A 205 8.49 -14.85 7.21
N THR A 206 9.49 -14.12 7.69
CA THR A 206 9.75 -12.76 7.21
C THR A 206 11.17 -12.72 6.67
N TYR A 207 11.31 -12.47 5.39
CA TYR A 207 12.62 -12.32 4.77
C TYR A 207 13.00 -10.86 4.76
N GLY A 208 14.27 -10.58 5.07
CA GLY A 208 14.86 -9.29 4.80
C GLY A 208 15.52 -9.25 3.43
N LEU A 209 14.84 -8.66 2.46
CA LEU A 209 15.25 -8.80 1.06
C LEU A 209 16.55 -8.05 0.77
N GLU A 210 16.68 -6.81 1.26
CA GLU A 210 17.91 -6.05 1.04
C GLU A 210 19.14 -6.83 1.49
N ARG A 211 19.09 -7.41 2.69
CA ARG A 211 20.25 -8.14 3.23
C ARG A 211 20.52 -9.41 2.43
N ILE A 212 19.47 -10.16 2.11
CA ILE A 212 19.61 -11.36 1.30
C ILE A 212 20.32 -11.04 -0.01
N LEU A 213 19.81 -10.04 -0.75
CA LEU A 213 20.42 -9.69 -2.03
C LEU A 213 21.83 -9.16 -1.85
N MET A 214 22.07 -8.41 -0.77
CA MET A 214 23.39 -7.87 -0.54
C MET A 214 24.42 -8.98 -0.38
N SER A 215 24.06 -10.07 0.27
CA SER A 215 25.02 -11.16 0.41
C SER A 215 24.98 -12.14 -0.76
N LEU A 216 23.85 -12.26 -1.44
CA LEU A 216 23.84 -13.08 -2.65
C LEU A 216 24.64 -12.42 -3.76
N GLN A 217 24.59 -11.08 -3.85
CA GLN A 217 25.32 -10.31 -4.85
C GLN A 217 26.72 -9.92 -4.41
N GLY A 218 27.07 -10.16 -3.15
CA GLY A 218 28.39 -9.81 -2.66
C GLY A 218 28.70 -8.33 -2.66
N VAL A 219 27.72 -7.51 -2.27
CA VAL A 219 27.89 -6.06 -2.22
C VAL A 219 27.67 -5.60 -0.79
N ASP A 220 28.50 -4.66 -0.33
CA ASP A 220 28.49 -4.22 1.05
C ASP A 220 27.80 -2.87 1.24
N HIS A 221 27.04 -2.40 0.25
CA HIS A 221 26.25 -1.20 0.42
C HIS A 221 24.94 -1.36 -0.34
N PHE A 222 23.82 -1.09 0.33
CA PHE A 222 22.50 -1.32 -0.26
C PHE A 222 22.36 -0.62 -1.60
N LYS A 223 22.99 0.55 -1.77
CA LYS A 223 22.84 1.31 -2.99
C LYS A 223 23.42 0.60 -4.20
N ASN A 224 24.26 -0.41 -3.98
CA ASN A 224 24.88 -1.15 -5.07
C ASN A 224 24.20 -2.49 -5.33
N ILE A 225 23.00 -2.71 -4.78
CA ILE A 225 22.21 -3.88 -5.14
C ILE A 225 21.73 -3.73 -6.57
N GLN A 226 21.91 -4.77 -7.39
CA GLN A 226 21.30 -4.81 -8.71
C GLN A 226 19.82 -5.10 -8.55
N TYR A 227 18.99 -4.05 -8.61
CA TYR A 227 17.55 -4.26 -8.64
C TYR A 227 17.13 -5.01 -9.88
N THR A 228 17.54 -4.50 -11.05
CA THR A 228 17.32 -5.17 -12.32
C THR A 228 18.61 -5.03 -13.12
N LYS A 229 18.66 -5.72 -14.26
CA LYS A 229 19.82 -5.55 -15.14
C LYS A 229 19.80 -4.13 -15.68
N GLY A 230 20.79 -3.32 -15.27
CA GLY A 230 20.94 -1.96 -15.76
C GLY A 230 20.63 -0.87 -14.76
N ILE A 231 19.86 -1.16 -13.72
CA ILE A 231 19.50 -0.17 -12.71
C ILE A 231 19.81 -0.73 -11.33
N THR A 232 20.56 0.03 -10.54
CA THR A 232 20.87 -0.39 -9.18
C THR A 232 19.80 0.10 -8.22
N TYR A 233 19.78 -0.54 -7.04
CA TYR A 233 18.91 -0.10 -5.96
C TYR A 233 19.13 1.37 -5.65
N GLY A 234 20.39 1.81 -5.68
CA GLY A 234 20.70 3.20 -5.38
C GLY A 234 20.02 4.18 -6.31
N GLU A 235 20.12 3.94 -7.62
CA GLU A 235 19.51 4.84 -8.60
C GLU A 235 18.01 4.97 -8.41
N LEU A 236 17.37 3.98 -7.81
CA LEU A 236 15.94 4.05 -7.55
C LEU A 236 15.59 4.65 -6.21
N PHE A 237 16.45 4.47 -5.18
CA PHE A 237 16.02 4.73 -3.81
C PHE A 237 16.94 5.61 -2.96
N LEU A 238 18.15 5.97 -3.42
CA LEU A 238 19.05 6.75 -2.56
C LEU A 238 18.50 8.14 -2.28
N GLU A 239 17.93 8.79 -3.30
CA GLU A 239 17.35 10.10 -3.10
C GLU A 239 16.10 10.04 -2.23
N ASN A 240 15.29 8.98 -2.38
CA ASN A 240 14.18 8.76 -1.48
C ASN A 240 14.66 8.65 -0.05
N GLU A 241 15.72 7.85 0.17
CA GLU A 241 16.31 7.72 1.50
C GLU A 241 16.74 9.08 2.05
N LYS A 242 17.44 9.87 1.22
CA LYS A 242 17.92 11.18 1.65
C LYS A 242 16.76 12.09 2.08
N GLU A 243 15.79 12.26 1.20
CA GLU A 243 14.72 13.22 1.45
C GLU A 243 13.81 12.74 2.59
N MET A 244 13.47 11.45 2.62
CA MET A 244 12.64 10.96 3.72
C MET A 244 13.38 11.02 5.05
N SER A 245 14.69 10.78 5.05
CA SER A 245 15.47 10.95 6.27
C SER A 245 15.38 12.37 6.78
N ALA A 246 15.49 13.35 5.88
CA ALA A 246 15.33 14.73 6.29
C ALA A 246 13.94 14.98 6.86
N TYR A 247 12.90 14.47 6.18
CA TYR A 247 11.54 14.66 6.69
C TYR A 247 11.38 14.08 8.09
N TYR A 248 11.81 12.84 8.29
CA TYR A 248 11.56 12.10 9.52
C TYR A 248 12.41 12.60 10.69
N LEU A 249 13.57 13.21 10.43
CA LEU A 249 14.44 13.60 11.53
C LEU A 249 14.44 15.09 11.83
N GLU A 250 14.18 15.96 10.85
CA GLU A 250 14.35 17.39 11.12
C GLU A 250 13.18 18.28 10.72
N HIS A 251 12.37 17.90 9.73
CA HIS A 251 11.41 18.85 9.17
C HIS A 251 9.94 18.52 9.39
N ALA A 252 9.59 17.32 9.83
CA ALA A 252 8.18 16.98 9.98
C ALA A 252 7.54 17.80 11.09
N ASN A 253 6.38 18.39 10.81
CA ASN A 253 5.64 19.15 11.80
C ASN A 253 5.16 18.26 12.93
N VAL A 254 5.77 18.38 14.11
CA VAL A 254 5.44 17.49 15.22
C VAL A 254 4.11 17.88 15.89
N ASP A 255 3.73 19.15 15.81
CA ASP A 255 2.47 19.57 16.45
C ASP A 255 1.28 19.01 15.69
N ASN A 256 1.29 19.14 14.36
CA ASN A 256 0.21 18.56 13.56
C ASN A 256 0.22 17.05 13.60
N ILE A 257 1.40 16.42 13.69
CA ILE A 257 1.44 14.96 13.80
C ILE A 257 0.91 14.49 15.15
N GLN A 258 1.17 15.26 16.21
CA GLN A 258 0.54 14.97 17.49
C GLN A 258 -0.98 15.03 17.38
N LYS A 259 -1.49 16.14 16.81
CA LYS A 259 -2.94 16.29 16.66
C LYS A 259 -3.51 15.19 15.77
N HIS A 260 -2.75 14.75 14.77
CA HIS A 260 -3.22 13.69 13.89
C HIS A 260 -3.26 12.35 14.61
N PHE A 261 -2.27 12.08 15.46
CA PHE A 261 -2.33 10.89 16.31
C PHE A 261 -3.62 10.90 17.13
N ASP A 262 -3.92 12.04 17.75
CA ASP A 262 -5.12 12.12 18.57
C ASP A 262 -6.38 11.88 17.75
N ASP A 263 -6.46 12.50 16.56
CA ASP A 263 -7.63 12.32 15.72
C ASP A 263 -7.73 10.89 15.18
N PHE A 264 -6.59 10.25 14.93
CA PHE A 264 -6.60 8.86 14.48
C PHE A 264 -7.12 7.94 15.57
N GLU A 265 -6.67 8.16 16.80
CA GLU A 265 -7.21 7.38 17.91
C GLU A 265 -8.71 7.61 18.07
N GLU A 266 -9.15 8.86 17.92
CA GLU A 266 -10.58 9.18 17.98
C GLU A 266 -11.37 8.45 16.89
N GLU A 267 -10.84 8.44 15.67
CA GLU A 267 -11.57 7.82 14.58
C GLU A 267 -11.59 6.30 14.74
N ALA A 268 -10.48 5.73 15.19
CA ALA A 268 -10.45 4.29 15.45
C ALA A 268 -11.46 3.92 16.52
N ARG A 269 -11.54 4.71 17.58
CA ARG A 269 -12.55 4.51 18.62
C ARG A 269 -13.95 4.54 18.03
N SER A 270 -14.26 5.60 17.28
CA SER A 270 -15.58 5.73 16.65
C SER A 270 -15.91 4.51 15.81
N LEU A 271 -15.00 4.10 14.93
CA LEU A 271 -15.25 2.95 14.08
C LEU A 271 -15.36 1.66 14.88
N LEU A 272 -14.64 1.55 16.00
CA LEU A 272 -14.78 0.38 16.85
C LEU A 272 -16.20 0.29 17.40
N SER A 273 -16.72 1.40 17.92
CA SER A 273 -18.08 1.37 18.44
C SER A 273 -19.12 1.11 17.36
N LEU A 274 -18.80 1.40 16.09
CA LEU A 274 -19.70 1.12 14.98
C LEU A 274 -19.56 -0.30 14.45
N TRP A 275 -18.73 -1.13 15.08
CA TRP A 275 -18.51 -2.52 14.68
C TRP A 275 -17.87 -2.63 13.29
N LEU A 276 -16.90 -1.75 13.01
CA LEU A 276 -16.17 -1.75 11.74
C LEU A 276 -14.68 -1.94 12.02
N PRO A 277 -14.21 -3.17 12.14
CA PRO A 277 -12.79 -3.38 12.50
C PRO A 277 -11.81 -2.93 11.43
N ILE A 278 -12.17 -2.99 10.16
CA ILE A 278 -11.18 -2.76 9.10
C ILE A 278 -10.77 -1.28 9.05
N PRO A 279 -11.71 -0.32 8.96
CA PRO A 279 -11.27 1.08 9.03
C PRO A 279 -10.65 1.45 10.37
N ALA A 280 -11.19 0.90 11.46
CA ALA A 280 -10.61 1.18 12.78
C ALA A 280 -9.14 0.78 12.82
N TYR A 281 -8.83 -0.42 12.32
CA TYR A 281 -7.45 -0.88 12.33
C TYR A 281 -6.58 -0.05 11.40
N ASP A 282 -7.13 0.35 10.25
CA ASP A 282 -6.42 1.27 9.38
C ASP A 282 -5.97 2.52 10.14
N HIS A 283 -6.87 3.06 10.97
CA HIS A 283 -6.50 4.26 11.72
C HIS A 283 -5.53 3.95 12.85
N VAL A 284 -5.58 2.74 13.40
CA VAL A 284 -4.55 2.34 14.37
C VAL A 284 -3.18 2.34 13.69
N LEU A 285 -3.11 1.83 12.46
CA LEU A 285 -1.86 1.84 11.70
C LEU A 285 -1.35 3.26 11.52
N LYS A 286 -2.24 4.16 11.07
CA LYS A 286 -1.83 5.54 10.88
C LYS A 286 -1.37 6.19 12.19
N ALA A 287 -2.01 5.82 13.30
CA ALA A 287 -1.57 6.32 14.60
C ALA A 287 -0.16 5.85 14.93
N SER A 288 0.15 4.58 14.62
CA SER A 288 1.50 4.06 14.85
C SER A 288 2.54 4.80 14.01
N HIS A 289 2.22 5.06 12.74
CA HIS A 289 3.19 5.75 11.89
C HIS A 289 3.41 7.19 12.37
N ALA A 290 2.33 7.88 12.73
CA ALA A 290 2.45 9.21 13.31
C ALA A 290 3.34 9.19 14.56
N PHE A 291 3.12 8.21 15.43
CA PHE A 291 3.95 8.10 16.62
C PHE A 291 5.42 7.92 16.25
N ASN A 292 5.69 7.02 15.30
CA ASN A 292 7.08 6.77 14.91
C ASN A 292 7.75 8.04 14.41
N ILE A 293 7.01 8.88 13.68
CA ILE A 293 7.59 10.14 13.23
C ILE A 293 7.86 11.06 14.41
N LEU A 294 6.91 11.15 15.35
CA LEU A 294 7.17 11.91 16.58
C LEU A 294 8.45 11.43 17.26
N ASP A 295 8.67 10.11 17.26
CA ASP A 295 9.82 9.54 17.95
C ASP A 295 11.12 9.89 17.23
N SER A 296 11.16 9.70 15.92
CA SER A 296 12.38 9.99 15.16
C SER A 296 12.69 11.48 15.13
N ARG A 297 11.65 12.33 15.20
CA ARG A 297 11.89 13.76 15.32
C ARG A 297 12.42 14.15 16.69
N GLY A 298 12.34 13.24 17.66
CA GLY A 298 12.88 13.50 18.98
C GLY A 298 11.95 14.19 19.94
N PHE A 299 10.63 14.01 19.82
CA PHE A 299 9.68 14.73 20.65
C PHE A 299 8.85 13.81 21.54
N VAL A 300 9.26 12.56 21.71
CA VAL A 300 8.62 11.66 22.65
C VAL A 300 9.48 11.65 23.91
N GLY A 301 9.02 12.35 24.94
CA GLY A 301 9.71 12.37 26.20
C GLY A 301 9.81 10.99 26.83
N VAL A 302 10.75 10.85 27.77
CA VAL A 302 11.11 9.54 28.27
C VAL A 302 9.95 8.92 29.06
N THR A 303 9.15 9.74 29.74
CA THR A 303 7.95 9.23 30.40
C THR A 303 6.74 9.22 29.48
N GLU A 304 6.69 10.13 28.51
CA GLU A 304 5.57 10.18 27.56
C GLU A 304 5.42 8.87 26.79
N ARG A 305 6.55 8.20 26.53
CA ARG A 305 6.53 7.04 25.66
C ARG A 305 5.59 5.96 26.16
N ALA A 306 5.47 5.79 27.48
CA ALA A 306 4.62 4.76 28.04
C ALA A 306 3.14 5.06 27.78
N ARG A 307 2.75 6.32 27.95
CA ARG A 307 1.38 6.71 27.65
C ARG A 307 1.05 6.42 26.20
N TYR A 308 1.94 6.83 25.30
CA TYR A 308 1.73 6.54 23.87
C TYR A 308 1.60 5.04 23.62
N PHE A 309 2.50 4.26 24.21
CA PHE A 309 2.50 2.81 24.07
C PHE A 309 1.17 2.22 24.50
N GLY A 310 0.65 2.66 25.64
CA GLY A 310 -0.61 2.13 26.14
C GLY A 310 -1.78 2.45 25.23
N ARG A 311 -1.83 3.69 24.73
CA ARG A 311 -2.91 4.06 23.82
C ARG A 311 -2.90 3.19 22.56
N MET A 312 -1.71 3.02 21.97
CA MET A 312 -1.57 2.19 20.79
C MET A 312 -2.00 0.75 21.05
N ARG A 313 -1.52 0.16 22.16
CA ARG A 313 -1.82 -1.24 22.43
C ARG A 313 -3.30 -1.46 22.74
N SER A 314 -3.91 -0.54 23.49
CA SER A 314 -5.35 -0.65 23.77
C SER A 314 -6.15 -0.68 22.48
N LEU A 315 -5.87 0.26 21.56
CA LEU A 315 -6.61 0.28 20.30
C LEU A 315 -6.42 -1.02 19.52
N ALA A 316 -5.17 -1.51 19.46
CA ALA A 316 -4.90 -2.73 18.71
C ALA A 316 -5.66 -3.92 19.28
N ARG A 317 -5.62 -4.07 20.60
CA ARG A 317 -6.33 -5.16 21.26
C ARG A 317 -7.83 -5.11 20.96
N GLN A 318 -8.42 -3.90 21.03
CA GLN A 318 -9.84 -3.77 20.76
C GLN A 318 -10.17 -4.13 19.31
N CYS A 319 -9.34 -3.68 18.36
CA CYS A 319 -9.57 -4.04 16.96
C CYS A 319 -9.53 -5.55 16.78
N ALA A 320 -8.60 -6.22 17.47
CA ALA A 320 -8.48 -7.67 17.37
C ALA A 320 -9.72 -8.37 17.90
N GLN A 321 -10.24 -7.92 19.05
N GLN A 321 -10.22 -7.93 19.06
CA GLN A 321 -11.43 -8.54 19.60
CA GLN A 321 -11.44 -8.55 19.59
C GLN A 321 -12.63 -8.35 18.69
C GLN A 321 -12.62 -8.36 18.66
N LEU A 322 -12.78 -7.15 18.13
CA LEU A 322 -13.91 -6.91 17.24
C LEU A 322 -13.78 -7.72 15.96
N TRP A 323 -12.56 -7.85 15.42
CA TRP A 323 -12.37 -8.70 14.26
C TRP A 323 -12.79 -10.14 14.54
N VAL A 324 -12.38 -10.68 15.70
CA VAL A 324 -12.78 -12.05 16.04
C VAL A 324 -14.30 -12.15 16.10
N LYS A 325 -14.95 -11.20 16.78
CA LYS A 325 -16.41 -11.22 16.84
C LYS A 325 -17.03 -11.13 15.45
N THR A 326 -16.40 -10.39 14.53
CA THR A 326 -16.97 -10.19 13.20
C THR A 326 -16.84 -11.45 12.35
N ARG A 327 -15.69 -12.12 12.42
CA ARG A 327 -15.54 -13.38 11.71
C ARG A 327 -16.50 -14.42 12.27
N GLU A 328 -16.76 -14.36 13.58
CA GLU A 328 -17.76 -15.26 14.16
C GLU A 328 -19.14 -14.94 13.63
N ASN A 329 -19.52 -13.66 13.63
CA ASN A 329 -20.82 -13.25 13.13
C ASN A 329 -21.00 -13.55 11.66
N LEU A 330 -19.92 -13.72 10.92
CA LEU A 330 -19.97 -14.03 9.50
C LEU A 330 -20.04 -15.53 9.24
N GLY A 331 -19.97 -16.34 10.30
CA GLY A 331 -20.03 -17.79 10.16
C GLY A 331 -18.72 -18.45 9.83
N TYR A 332 -17.58 -17.80 10.14
CA TYR A 332 -16.25 -18.27 9.80
C TYR A 332 -16.22 -18.80 8.35
N PRO A 333 -16.52 -17.92 7.38
CA PRO A 333 -16.75 -18.40 5.99
C PRO A 333 -15.57 -19.12 5.36
N LEU A 334 -14.35 -18.89 5.83
CA LEU A 334 -13.19 -19.58 5.28
C LEU A 334 -13.05 -21.01 5.78
N GLY A 335 -13.94 -21.46 6.67
CA GLY A 335 -13.77 -22.75 7.30
C GLY A 335 -13.12 -22.63 8.67
N THR A 336 -13.23 -23.71 9.45
CA THR A 336 -12.72 -23.72 10.81
C THR A 336 -11.70 -24.84 11.01
N TYR A 337 -10.73 -24.55 11.87
CA TYR A 337 -9.69 -25.51 12.22
C TYR A 337 -10.28 -26.74 12.90
N GLN A 338 -9.76 -27.92 12.54
CA GLN A 338 -10.08 -29.17 13.20
C GLN A 338 -8.79 -29.85 13.68
N GLU A 339 -8.86 -30.51 14.82
CA GLU A 339 -7.69 -31.22 15.34
C GLU A 339 -7.86 -32.73 15.22
N VAL A 357 9.57 -64.66 27.92
CA VAL A 357 10.75 -64.05 28.52
C VAL A 357 11.54 -63.22 27.52
N GLY A 358 12.85 -63.25 27.70
CA GLY A 358 13.79 -62.54 26.85
C GLY A 358 15.01 -62.11 27.64
N GLN A 359 16.19 -62.31 27.07
CA GLN A 359 17.39 -61.72 27.65
C GLN A 359 17.30 -60.19 27.54
N PRO A 360 17.95 -59.46 28.45
CA PRO A 360 17.78 -58.00 28.44
C PRO A 360 18.33 -57.39 27.17
N ARG A 361 17.72 -56.27 26.76
CA ARG A 361 18.09 -55.58 25.54
C ARG A 361 18.12 -54.08 25.83
N ALA A 362 19.02 -53.38 25.14
CA ALA A 362 19.11 -51.94 25.26
C ALA A 362 17.80 -51.27 24.84
N PHE A 363 17.50 -50.16 25.48
CA PHE A 363 16.37 -49.32 25.14
C PHE A 363 16.89 -47.94 24.76
N VAL A 364 16.36 -47.38 23.69
CA VAL A 364 16.72 -46.04 23.25
C VAL A 364 15.44 -45.25 23.04
N LEU A 365 15.38 -44.06 23.66
CA LEU A 365 14.35 -43.09 23.36
C LEU A 365 15.00 -41.83 22.79
N GLU A 366 14.43 -41.31 21.70
CA GLU A 366 14.89 -40.10 21.05
C GLU A 366 13.68 -39.27 20.66
N ILE A 367 13.54 -38.10 21.27
CA ILE A 367 12.54 -37.11 20.90
C ILE A 367 13.19 -36.19 19.87
N GLY A 368 12.74 -36.28 18.62
CA GLY A 368 13.25 -35.43 17.56
C GLY A 368 12.44 -34.18 17.40
N THR A 369 13.12 -33.04 17.56
CA THR A 369 12.51 -31.72 17.65
C THR A 369 13.04 -30.80 16.53
N GLU A 370 12.35 -29.68 16.35
CA GLU A 370 12.96 -28.58 15.64
C GLU A 370 13.97 -27.90 16.58
N GLU A 371 14.81 -27.02 16.01
CA GLU A 371 15.99 -26.52 16.72
C GLU A 371 15.64 -25.90 18.07
N LEU A 372 16.06 -26.59 19.17
CA LEU A 372 15.88 -26.09 20.53
C LEU A 372 17.02 -25.16 20.93
N PRO A 373 16.74 -24.16 21.76
CA PRO A 373 17.82 -23.31 22.30
C PRO A 373 18.78 -24.15 23.13
N PRO A 374 20.03 -23.67 23.30
CA PRO A 374 21.02 -24.49 24.04
C PRO A 374 20.60 -24.85 25.46
N HIS A 375 20.14 -23.85 26.23
CA HIS A 375 19.72 -24.12 27.60
C HIS A 375 18.58 -25.14 27.63
N ASP A 376 17.64 -25.05 26.69
CA ASP A 376 16.53 -26.01 26.67
C ASP A 376 17.03 -27.41 26.37
N VAL A 377 18.04 -27.55 25.51
CA VAL A 377 18.62 -28.87 25.25
C VAL A 377 19.18 -29.45 26.55
N ILE A 378 20.01 -28.68 27.25
CA ILE A 378 20.63 -29.16 28.48
C ILE A 378 19.56 -29.60 29.48
N GLU A 379 18.61 -28.69 29.75
CA GLU A 379 17.66 -28.93 30.82
C GLU A 379 16.70 -30.06 30.46
N ALA A 380 16.35 -30.17 29.18
CA ALA A 380 15.44 -31.24 28.76
C ALA A 380 16.12 -32.60 28.84
N THR A 381 17.42 -32.67 28.53
CA THR A 381 18.09 -33.97 28.66
C THR A 381 18.22 -34.37 30.12
N LYS A 382 18.58 -33.42 30.99
CA LYS A 382 18.60 -33.72 32.42
C LYS A 382 17.24 -34.24 32.88
N GLN A 383 16.16 -33.55 32.52
CA GLN A 383 14.83 -33.95 32.96
C GLN A 383 14.45 -35.32 32.43
N LEU A 384 14.75 -35.59 31.17
CA LEU A 384 14.37 -36.87 30.57
C LEU A 384 15.09 -38.02 31.26
N GLU A 385 16.40 -37.89 31.46
CA GLU A 385 17.15 -38.93 32.14
C GLU A 385 16.59 -39.19 33.53
N LYS A 386 16.41 -38.11 34.32
CA LYS A 386 15.92 -38.27 35.68
C LYS A 386 14.58 -39.02 35.70
N SER A 387 13.62 -38.56 34.88
CA SER A 387 12.29 -39.14 34.92
C SER A 387 12.30 -40.59 34.49
N LEU A 388 13.08 -40.92 33.46
CA LEU A 388 13.09 -42.29 32.97
C LEU A 388 13.69 -43.23 34.01
N ILE A 389 14.80 -42.83 34.64
CA ILE A 389 15.39 -43.65 35.70
C ILE A 389 14.36 -43.90 36.79
N GLN A 390 13.66 -42.84 37.21
CA GLN A 390 12.74 -42.98 38.33
C GLN A 390 11.60 -43.94 38.01
N ILE A 391 10.93 -43.76 36.86
CA ILE A 391 9.81 -44.65 36.62
C ILE A 391 10.27 -46.06 36.27
N LEU A 392 11.50 -46.23 35.77
CA LEU A 392 12.02 -47.59 35.60
C LEU A 392 12.19 -48.27 36.95
N GLU A 393 12.63 -47.51 37.96
CA GLU A 393 12.78 -48.10 39.29
C GLU A 393 11.44 -48.36 39.95
N LYS A 394 10.54 -47.36 39.92
CA LYS A 394 9.22 -47.51 40.50
C LYS A 394 8.42 -48.61 39.81
N ARG A 395 8.80 -49.00 38.60
CA ARG A 395 8.16 -50.09 37.89
C ARG A 395 8.97 -51.38 37.97
N ARG A 396 9.98 -51.44 38.84
CA ARG A 396 10.74 -52.67 39.08
C ARG A 396 11.33 -53.23 37.79
N LEU A 397 11.84 -52.35 36.94
CA LEU A 397 12.56 -52.75 35.74
C LEU A 397 14.05 -52.54 36.00
N SER A 398 14.80 -53.64 35.96
CA SER A 398 16.24 -53.58 36.17
C SER A 398 16.95 -53.29 34.86
N HIS A 399 18.05 -52.55 34.95
CA HIS A 399 18.71 -52.06 33.74
C HIS A 399 20.16 -51.78 34.04
N GLY A 400 20.95 -51.73 32.97
CA GLY A 400 22.35 -51.35 33.05
C GLY A 400 22.49 -49.84 33.11
N LYS A 401 23.67 -49.37 32.71
CA LYS A 401 23.96 -47.94 32.80
C LYS A 401 23.06 -47.16 31.85
N VAL A 402 22.83 -45.90 32.22
CA VAL A 402 21.95 -45.01 31.47
C VAL A 402 22.72 -43.76 31.14
N ARG A 403 22.69 -43.37 29.86
CA ARG A 403 23.39 -42.19 29.39
C ARG A 403 22.47 -41.36 28.50
N SER A 404 22.43 -40.05 28.76
CA SER A 404 21.59 -39.12 28.02
C SER A 404 22.45 -38.27 27.09
N TYR A 405 21.93 -38.00 25.90
CA TYR A 405 22.60 -37.29 24.83
C TYR A 405 21.64 -36.27 24.24
N GLY A 406 22.17 -35.27 23.56
CA GLY A 406 21.32 -34.18 23.11
C GLY A 406 22.00 -33.27 22.09
N THR A 407 21.21 -32.83 21.12
CA THR A 407 21.55 -31.86 20.09
C THR A 407 20.35 -30.94 19.92
N PRO A 408 20.53 -29.78 19.24
CA PRO A 408 19.39 -28.85 19.03
C PRO A 408 18.14 -29.52 18.46
N ARG A 409 18.32 -30.64 17.77
CA ARG A 409 17.22 -31.32 17.10
C ARG A 409 16.87 -32.67 17.71
N ARG A 410 17.52 -33.10 18.79
CA ARG A 410 17.26 -34.44 19.30
C ARG A 410 17.58 -34.52 20.79
N LEU A 411 16.67 -35.14 21.54
CA LEU A 411 16.84 -35.41 22.96
C LEU A 411 16.81 -36.92 23.12
N ALA A 412 17.89 -37.52 23.62
CA ALA A 412 17.95 -38.98 23.62
C ALA A 412 18.44 -39.52 24.96
N VAL A 413 18.01 -40.73 25.26
CA VAL A 413 18.43 -41.46 26.45
C VAL A 413 18.58 -42.93 26.08
N VAL A 414 19.73 -43.49 26.45
CA VAL A 414 20.10 -44.87 26.15
C VAL A 414 20.21 -45.61 27.47
N VAL A 415 19.37 -46.63 27.64
CA VAL A 415 19.35 -47.50 28.81
C VAL A 415 19.93 -48.83 28.38
N GLU A 416 21.15 -49.12 28.83
CA GLU A 416 21.76 -50.40 28.49
C GLU A 416 21.09 -51.52 29.29
N ASN A 417 20.79 -52.63 28.61
CA ASN A 417 20.38 -53.88 29.28
C ASN A 417 19.10 -53.71 30.08
N LEU A 418 18.11 -53.06 29.49
CA LEU A 418 16.80 -52.98 30.14
C LEU A 418 16.14 -54.36 30.11
N ASN A 419 15.69 -54.81 31.27
CA ASN A 419 15.06 -56.12 31.37
C ASN A 419 13.80 -56.20 30.51
N MET A 420 13.51 -57.41 30.03
CA MET A 420 12.32 -57.63 29.23
C MET A 420 11.04 -57.61 30.05
N LYS A 421 11.13 -57.79 31.37
CA LYS A 421 9.91 -57.87 32.17
C LYS A 421 10.17 -57.31 33.55
N GLN A 422 9.08 -56.97 34.24
CA GLN A 422 9.13 -56.45 35.59
C GLN A 422 9.63 -57.51 36.55
N MET A 423 10.31 -57.06 37.61
CA MET A 423 10.61 -57.94 38.73
C MET A 423 9.33 -58.26 39.47
N GLU A 424 9.13 -59.54 39.80
CA GLU A 424 7.95 -59.94 40.57
C GLU A 424 8.18 -59.61 42.04
N GLU A 425 7.27 -58.83 42.61
CA GLU A 425 7.34 -58.48 44.03
C GLU A 425 5.98 -58.71 44.69
N SER A 480 1.58 -58.10 39.69
CA SER A 480 1.42 -57.86 38.26
C SER A 480 2.74 -57.42 37.63
N ALA A 481 3.49 -58.38 37.09
CA ALA A 481 4.76 -58.13 36.44
C ALA A 481 4.56 -58.29 34.93
N ARG A 482 4.41 -57.17 34.24
CA ARG A 482 4.15 -57.17 32.80
C ARG A 482 5.45 -57.01 32.01
N PHE A 483 5.32 -57.14 30.69
CA PHE A 483 6.43 -56.91 29.79
C PHE A 483 6.84 -55.43 29.84
N ALA A 484 8.15 -55.18 29.70
CA ALA A 484 8.67 -53.83 29.84
C ALA A 484 8.09 -52.89 28.78
N ASP A 485 7.85 -53.41 27.57
CA ASP A 485 7.32 -52.57 26.49
C ASP A 485 5.93 -52.05 26.80
N GLU A 486 5.09 -52.84 27.47
CA GLU A 486 3.72 -52.40 27.78
C GLU A 486 3.72 -51.31 28.86
N VAL A 487 4.48 -51.52 29.94
CA VAL A 487 4.54 -50.51 30.99
C VAL A 487 5.15 -49.22 30.44
N LEU A 488 6.17 -49.34 29.59
CA LEU A 488 6.72 -48.14 28.97
C LEU A 488 5.72 -47.50 28.01
N THR A 489 4.89 -48.30 27.34
CA THR A 489 3.87 -47.74 26.45
C THR A 489 2.92 -46.85 27.23
N GLU A 490 2.51 -47.27 28.42
CA GLU A 490 1.62 -46.41 29.19
C GLU A 490 2.35 -45.34 30.01
N ASP A 491 3.67 -45.43 30.16
CA ASP A 491 4.39 -44.46 30.99
C ASP A 491 5.14 -43.38 30.22
N LEU A 492 5.60 -43.65 29.01
CA LEU A 492 6.52 -42.75 28.31
C LEU A 492 5.88 -41.41 27.92
N PRO A 493 4.60 -41.38 27.48
CA PRO A 493 3.99 -40.07 27.24
C PRO A 493 4.01 -39.18 28.47
N THR A 494 3.85 -39.75 29.67
CA THR A 494 3.92 -38.97 30.89
C THR A 494 5.33 -38.40 31.10
N ILE A 495 6.35 -39.22 30.83
CA ILE A 495 7.73 -38.76 30.96
C ILE A 495 7.98 -37.59 30.02
N ILE A 496 7.55 -37.72 28.76
CA ILE A 496 7.77 -36.63 27.80
C ILE A 496 6.98 -35.40 28.20
N SER A 497 5.74 -35.59 28.66
CA SER A 497 4.89 -34.48 29.09
C SER A 497 5.43 -33.79 30.33
N GLY A 498 6.31 -34.46 31.09
CA GLY A 498 6.87 -33.82 32.26
C GLY A 498 7.95 -32.80 32.00
N ILE A 499 8.54 -32.83 30.80
CA ILE A 499 9.68 -31.96 30.50
C ILE A 499 9.18 -30.52 30.36
N SER A 500 9.60 -29.66 31.26
CA SER A 500 9.16 -28.27 31.27
C SER A 500 10.31 -27.34 30.90
N PHE A 501 9.98 -26.22 30.30
CA PHE A 501 10.91 -25.19 29.87
C PHE A 501 10.47 -23.86 30.43
N PRO A 502 11.38 -22.88 30.53
CA PRO A 502 10.94 -21.52 30.91
C PRO A 502 9.96 -20.92 29.93
N LYS A 503 10.13 -21.20 28.64
CA LYS A 503 9.20 -20.76 27.60
C LYS A 503 8.80 -21.95 26.75
N SER A 504 7.51 -22.03 26.43
CA SER A 504 6.95 -23.16 25.69
C SER A 504 6.02 -22.64 24.59
N MET A 505 5.65 -23.53 23.69
CA MET A 505 4.83 -23.14 22.56
C MET A 505 4.01 -24.34 22.07
N ARG A 506 2.89 -24.02 21.41
CA ARG A 506 2.02 -24.99 20.77
C ARG A 506 2.16 -24.90 19.25
N TRP A 507 1.75 -25.96 18.57
CA TRP A 507 1.80 -25.96 17.12
C TRP A 507 0.61 -26.70 16.50
N ASN A 508 0.40 -27.95 16.88
CA ASN A 508 -0.69 -28.75 16.33
C ASN A 508 -1.78 -29.04 17.34
N SER A 509 -1.55 -28.80 18.62
CA SER A 509 -2.47 -29.19 19.67
C SER A 509 -2.30 -28.25 20.85
N ASN A 510 -2.79 -28.67 22.01
CA ASN A 510 -2.62 -27.92 23.25
C ASN A 510 -1.39 -28.37 24.03
N ILE A 511 -0.71 -29.42 23.60
CA ILE A 511 0.53 -29.80 24.26
C ILE A 511 1.59 -28.76 23.93
N VAL A 512 2.38 -28.38 24.93
CA VAL A 512 3.39 -27.35 24.79
C VAL A 512 4.78 -28.00 24.85
N PHE A 513 5.72 -27.37 24.15
CA PHE A 513 7.12 -27.77 24.21
C PHE A 513 7.96 -26.56 23.85
N SER A 514 9.28 -26.69 24.04
CA SER A 514 10.19 -25.62 23.68
C SER A 514 10.10 -25.29 22.19
N ARG A 515 10.17 -26.33 21.34
CA ARG A 515 9.97 -26.26 19.89
C ARG A 515 9.17 -27.50 19.49
N PRO A 516 8.62 -27.56 18.27
CA PRO A 516 7.74 -28.69 17.94
C PRO A 516 8.50 -30.01 17.94
N ILE A 517 7.83 -31.05 18.45
CA ILE A 517 8.33 -32.41 18.33
C ILE A 517 7.84 -32.94 16.99
N ARG A 518 8.78 -33.41 16.16
CA ARG A 518 8.44 -33.88 14.84
C ARG A 518 8.61 -35.38 14.67
N TRP A 519 9.34 -36.04 15.57
CA TRP A 519 9.32 -37.51 15.51
C TRP A 519 9.73 -38.08 16.86
N ILE A 520 9.37 -39.34 17.08
CA ILE A 520 9.68 -40.03 18.33
C ILE A 520 10.21 -41.42 18.00
N PHE A 521 11.43 -41.70 18.45
CA PHE A 521 12.15 -42.94 18.19
C PHE A 521 12.22 -43.71 19.52
N ALA A 522 11.67 -44.92 19.54
CA ALA A 522 11.66 -45.68 20.79
C ALA A 522 11.83 -47.15 20.46
N LEU A 523 12.98 -47.72 20.84
CA LEU A 523 13.32 -49.10 20.50
C LEU A 523 13.82 -49.84 21.73
N HIS A 524 13.16 -50.96 22.07
CA HIS A 524 13.66 -51.90 23.09
C HIS A 524 14.13 -53.14 22.35
N GLY A 525 15.46 -53.28 22.24
CA GLY A 525 16.01 -54.33 21.42
C GLY A 525 15.61 -54.19 19.96
N ASP A 526 14.89 -55.19 19.45
CA ASP A 526 14.44 -55.18 18.07
C ASP A 526 13.03 -54.64 17.93
N LEU A 527 12.39 -54.20 19.02
CA LEU A 527 10.96 -53.96 19.03
C LEU A 527 10.67 -52.49 19.31
N ILE A 528 9.78 -51.91 18.52
CA ILE A 528 9.29 -50.55 18.76
C ILE A 528 8.41 -50.56 19.99
N VAL A 529 8.72 -49.68 20.95
CA VAL A 529 7.82 -49.43 22.06
C VAL A 529 6.72 -48.50 21.54
N PRO A 530 5.52 -49.02 21.27
CA PRO A 530 4.52 -48.23 20.56
C PRO A 530 3.70 -47.33 21.49
N PHE A 531 3.66 -46.03 21.19
CA PHE A 531 2.82 -45.10 21.92
C PHE A 531 2.64 -43.84 21.08
N CYS A 532 1.89 -42.89 21.62
CA CYS A 532 1.49 -41.68 20.92
C CYS A 532 1.72 -40.48 21.81
N PHE A 533 2.23 -39.40 21.23
CA PHE A 533 2.41 -38.16 21.96
C PHE A 533 2.43 -37.01 20.98
N ALA A 534 1.77 -35.91 21.35
CA ALA A 534 1.79 -34.69 20.55
C ALA A 534 1.29 -34.94 19.12
N GLY A 535 0.44 -35.96 18.95
CA GLY A 535 0.06 -36.37 17.62
C GLY A 535 1.13 -37.11 16.85
N ILE A 536 2.23 -37.49 17.51
CA ILE A 536 3.32 -38.22 16.89
C ILE A 536 3.30 -39.64 17.45
N SER A 537 3.27 -40.62 16.56
CA SER A 537 3.37 -42.02 16.97
C SER A 537 4.81 -42.49 16.86
N SER A 538 5.25 -43.23 17.87
CA SER A 538 6.65 -43.64 17.96
C SER A 538 7.00 -44.65 16.89
N GLY A 539 8.30 -44.82 16.65
CA GLY A 539 8.75 -45.75 15.64
C GLY A 539 10.25 -45.94 15.69
N ASN A 540 10.77 -46.57 14.64
CA ASN A 540 12.20 -46.82 14.50
C ASN A 540 12.84 -45.91 13.47
N GLN A 541 12.19 -44.80 13.13
CA GLN A 541 12.71 -43.86 12.16
C GLN A 541 13.29 -42.65 12.86
N SER A 542 14.36 -42.10 12.29
CA SER A 542 14.94 -40.88 12.81
C SER A 542 15.26 -39.92 11.67
N CYS A 543 15.93 -38.82 11.98
CA CYS A 543 16.33 -37.83 10.99
C CYS A 543 17.79 -37.50 11.21
N GLY A 544 18.57 -37.52 10.14
CA GLY A 544 19.96 -37.12 10.17
C GLY A 544 20.14 -35.65 9.82
N LEU A 545 21.30 -35.34 9.25
CA LEU A 545 21.53 -33.99 8.75
C LEU A 545 20.60 -33.69 7.57
N ARG A 546 20.06 -32.47 7.55
CA ARG A 546 19.22 -32.08 6.42
C ARG A 546 20.05 -32.07 5.14
N ASN A 547 19.40 -32.42 4.02
CA ASN A 547 20.05 -32.45 2.71
C ASN A 547 21.17 -33.47 2.66
N SER A 548 20.99 -34.58 3.37
CA SER A 548 22.00 -35.64 3.43
C SER A 548 21.37 -36.97 3.05
N SER A 549 22.23 -37.93 2.68
CA SER A 549 21.77 -39.27 2.32
C SER A 549 21.03 -39.94 3.47
N LEU A 550 21.32 -39.53 4.72
CA LEU A 550 20.68 -40.08 5.90
C LEU A 550 19.80 -39.05 6.60
N ALA A 551 19.33 -38.05 5.83
CA ALA A 551 18.31 -37.14 6.33
C ALA A 551 17.09 -37.88 6.86
N ASN A 552 16.85 -39.10 6.37
CA ASN A 552 15.83 -39.99 6.92
C ASN A 552 16.45 -41.37 6.99
N PHE A 553 16.45 -41.98 8.17
CA PHE A 553 16.97 -43.34 8.32
C PHE A 553 16.16 -44.09 9.35
N LYS A 554 16.27 -45.42 9.32
CA LYS A 554 15.63 -46.27 10.31
C LYS A 554 16.68 -47.16 10.96
N VAL A 555 16.41 -47.54 12.21
CA VAL A 555 17.31 -48.38 13.00
C VAL A 555 16.58 -49.69 13.29
N GLU A 556 17.25 -50.81 13.05
CA GLU A 556 16.64 -52.12 13.25
C GLU A 556 16.80 -52.63 14.67
N ALA A 557 17.90 -52.32 15.33
CA ALA A 557 18.18 -52.77 16.69
C ALA A 557 18.59 -51.57 17.53
N ALA A 558 18.00 -51.45 18.73
CA ALA A 558 18.35 -50.36 19.63
C ALA A 558 19.86 -50.27 19.85
N GLU A 559 20.52 -51.42 19.97
CA GLU A 559 21.97 -51.42 20.16
C GLU A 559 22.72 -50.85 18.97
N LEU A 560 22.03 -50.55 17.87
CA LEU A 560 22.67 -49.96 16.69
C LEU A 560 22.41 -48.47 16.57
N TYR A 561 21.73 -47.86 17.55
CA TYR A 561 21.33 -46.46 17.42
C TYR A 561 22.55 -45.55 17.33
N LEU A 562 23.40 -45.58 18.35
CA LEU A 562 24.56 -44.70 18.41
C LEU A 562 25.41 -44.79 17.14
N HIS A 563 25.85 -46.01 16.82
CA HIS A 563 26.64 -46.22 15.61
C HIS A 563 25.95 -45.60 14.39
N THR A 564 24.63 -45.79 14.28
CA THR A 564 23.90 -45.22 13.14
C THR A 564 24.07 -43.70 13.08
N LEU A 565 23.88 -43.02 14.22
CA LEU A 565 24.11 -41.58 14.21
C LEU A 565 25.52 -41.25 13.80
N GLU A 566 26.50 -42.05 14.27
CA GLU A 566 27.89 -41.79 13.90
C GLU A 566 28.07 -41.86 12.39
N LYS A 567 27.32 -42.73 11.72
CA LYS A 567 27.43 -42.82 10.27
C LYS A 567 26.55 -41.81 9.56
N ALA A 568 25.60 -41.19 10.25
CA ALA A 568 24.89 -40.06 9.68
C ALA A 568 25.67 -38.76 9.83
N GLY A 569 26.80 -38.81 10.53
CA GLY A 569 27.63 -37.64 10.71
C GLY A 569 27.27 -36.77 11.88
N ILE A 570 26.54 -37.29 12.87
CA ILE A 570 26.12 -36.52 14.03
C ILE A 570 26.94 -36.96 15.23
N LEU A 571 27.43 -35.99 16.00
CA LEU A 571 28.10 -36.22 17.27
C LEU A 571 27.08 -35.92 18.36
N ILE A 572 26.34 -36.94 18.78
CA ILE A 572 25.26 -36.70 19.73
C ILE A 572 25.78 -36.49 21.15
N ASP A 573 26.94 -37.06 21.50
CA ASP A 573 27.51 -36.82 22.82
C ASP A 573 28.06 -35.40 22.91
N MET A 574 27.54 -34.63 23.86
CA MET A 574 27.91 -33.21 23.93
C MET A 574 29.35 -33.00 24.39
N GLN A 575 29.89 -33.86 25.25
CA GLN A 575 31.30 -33.72 25.60
C GLN A 575 32.19 -34.12 24.42
N GLU A 576 31.74 -35.12 23.64
CA GLU A 576 32.43 -35.46 22.40
C GLU A 576 32.43 -34.27 21.44
N ARG A 577 31.26 -33.65 21.24
CA ARG A 577 31.15 -32.46 20.40
C ARG A 577 32.09 -31.37 20.89
N LYS A 578 32.05 -31.09 22.19
CA LYS A 578 32.91 -30.04 22.76
C LYS A 578 34.38 -30.34 22.51
N GLN A 579 34.77 -31.61 22.63
CA GLN A 579 36.18 -31.92 22.44
C GLN A 579 36.60 -31.76 20.99
N ARG A 580 35.77 -32.22 20.03
CA ARG A 580 36.18 -32.03 18.64
C ARG A 580 36.19 -30.56 18.26
N ILE A 581 35.23 -29.78 18.77
CA ILE A 581 35.22 -28.34 18.51
C ILE A 581 36.52 -27.71 19.02
N LEU A 582 36.82 -27.91 20.30
CA LEU A 582 38.02 -27.29 20.88
C LEU A 582 39.26 -27.74 20.13
N HIS A 583 39.38 -29.03 19.85
CA HIS A 583 40.57 -29.55 19.21
C HIS A 583 40.78 -28.93 17.83
N ASP A 584 39.76 -29.01 16.96
CA ASP A 584 39.94 -28.56 15.59
C ASP A 584 40.11 -27.04 15.52
N SER A 585 39.42 -26.30 16.40
CA SER A 585 39.62 -24.85 16.45
C SER A 585 41.04 -24.51 16.88
N SER A 586 41.56 -25.19 17.91
CA SER A 586 42.92 -24.87 18.36
C SER A 586 43.94 -25.29 17.32
N ILE A 587 43.65 -26.32 16.52
CA ILE A 587 44.54 -26.66 15.42
C ILE A 587 44.57 -25.55 14.39
N LEU A 588 43.40 -25.06 13.98
CA LEU A 588 43.38 -23.94 13.03
C LEU A 588 44.09 -22.72 13.59
N ALA A 589 43.96 -22.49 14.90
CA ALA A 589 44.65 -21.36 15.53
C ALA A 589 46.16 -21.57 15.58
N GLU A 590 46.59 -22.81 15.83
CA GLU A 590 48.01 -23.14 15.72
C GLU A 590 48.53 -22.79 14.33
N GLY A 591 47.77 -23.12 13.30
CA GLY A 591 48.15 -22.84 11.93
C GLY A 591 48.53 -21.40 11.65
N VAL A 592 48.12 -20.47 12.51
CA VAL A 592 48.51 -19.07 12.39
C VAL A 592 49.31 -18.61 13.61
N GLY A 593 49.88 -19.55 14.37
CA GLY A 593 50.61 -19.19 15.57
C GLY A 593 49.76 -18.54 16.64
N GLY A 594 48.55 -19.06 16.87
CA GLY A 594 47.64 -18.46 17.81
C GLY A 594 46.93 -19.50 18.66
N ASP A 595 46.16 -18.98 19.62
CA ASP A 595 45.36 -19.75 20.55
C ASP A 595 43.95 -19.17 20.56
N ILE A 596 42.97 -20.01 20.89
CA ILE A 596 41.57 -19.61 20.83
C ILE A 596 41.12 -19.06 22.18
N ILE A 597 40.32 -18.00 22.11
CA ILE A 597 39.65 -17.45 23.30
C ILE A 597 38.27 -18.11 23.34
N ALA A 598 38.09 -19.06 24.26
CA ALA A 598 36.91 -19.91 24.31
C ALA A 598 36.38 -19.98 25.74
N PRO A 599 35.69 -18.94 26.21
CA PRO A 599 35.11 -19.00 27.55
C PRO A 599 34.06 -20.08 27.64
N ASP A 600 33.93 -20.67 28.84
CA ASP A 600 33.05 -21.83 29.01
C ASP A 600 31.64 -21.56 28.52
N SER A 601 31.12 -20.36 28.76
CA SER A 601 29.77 -20.02 28.34
C SER A 601 29.62 -20.10 26.82
N LEU A 602 30.54 -19.45 26.10
CA LEU A 602 30.48 -19.46 24.64
C LEU A 602 30.58 -20.87 24.09
N VAL A 603 31.45 -21.69 24.69
CA VAL A 603 31.61 -23.07 24.23
C VAL A 603 30.34 -23.87 24.48
N GLN A 604 29.75 -23.72 25.67
CA GLN A 604 28.47 -24.36 25.97
C GLN A 604 27.44 -24.02 24.90
N GLU A 605 27.37 -22.75 24.52
CA GLU A 605 26.41 -22.35 23.50
C GLU A 605 26.72 -22.98 22.14
N VAL A 606 27.98 -22.92 21.72
CA VAL A 606 28.36 -23.47 20.42
C VAL A 606 28.08 -24.96 20.36
N ILE A 607 28.23 -25.67 21.49
CA ILE A 607 27.93 -27.10 21.54
C ILE A 607 26.53 -27.38 21.00
N ASN A 608 25.56 -26.55 21.36
CA ASN A 608 24.17 -26.77 20.97
C ASN A 608 23.68 -25.72 19.96
N LEU A 609 24.58 -25.21 19.13
CA LEU A 609 24.21 -24.54 17.89
C LEU A 609 24.47 -25.41 16.67
N VAL A 610 25.11 -26.57 16.85
CA VAL A 610 25.45 -27.49 15.78
C VAL A 610 25.13 -28.91 16.22
N GLU A 611 25.09 -29.82 15.26
CA GLU A 611 25.09 -31.24 15.55
C GLU A 611 26.10 -31.98 14.68
N ALA A 612 26.83 -31.29 13.83
CA ALA A 612 28.01 -31.85 13.16
C ALA A 612 29.02 -30.73 13.00
N PRO A 613 29.84 -30.50 14.03
CA PRO A 613 30.66 -29.29 14.04
C PRO A 613 31.76 -29.34 12.99
N MET A 614 32.03 -28.17 12.40
CA MET A 614 33.05 -28.05 11.36
C MET A 614 33.70 -26.69 11.53
N PRO A 615 34.79 -26.61 12.31
CA PRO A 615 35.42 -25.31 12.55
C PRO A 615 36.13 -24.78 11.32
N ILE A 616 36.00 -23.48 11.09
CA ILE A 616 36.55 -22.79 9.94
C ILE A 616 37.23 -21.52 10.44
N ILE A 617 38.41 -21.23 9.91
CA ILE A 617 39.10 -19.99 10.27
C ILE A 617 38.92 -18.97 9.15
N GLY A 618 38.66 -17.72 9.54
CA GLY A 618 38.55 -16.63 8.61
C GLY A 618 39.26 -15.41 9.17
N ARG A 619 39.44 -14.41 8.30
CA ARG A 619 40.20 -13.22 8.65
C ARG A 619 39.31 -11.98 8.71
N TYR A 620 39.81 -10.95 9.39
CA TYR A 620 39.24 -9.61 9.31
C TYR A 620 40.37 -8.60 9.12
N ASP A 621 39.98 -7.35 8.85
CA ASP A 621 40.94 -6.32 8.46
C ASP A 621 41.76 -5.87 9.65
N VAL A 622 43.05 -5.59 9.39
CA VAL A 622 43.94 -5.17 10.46
C VAL A 622 43.59 -3.79 11.02
N SER A 623 42.88 -2.95 10.24
CA SER A 623 42.37 -1.69 10.77
C SER A 623 41.63 -1.90 12.07
N PHE A 624 40.81 -2.95 12.12
CA PHE A 624 39.98 -3.19 13.29
C PHE A 624 40.80 -3.56 14.51
N LEU A 625 42.08 -3.94 14.33
CA LEU A 625 42.93 -4.17 15.48
C LEU A 625 43.14 -2.88 16.29
N ALA A 626 42.91 -1.72 15.68
CA ALA A 626 42.97 -0.46 16.40
C ALA A 626 41.80 -0.28 17.35
N LEU A 627 40.70 -1.00 17.14
CA LEU A 627 39.60 -0.95 18.08
C LEU A 627 40.00 -1.64 19.39
N PRO A 628 39.37 -1.28 20.51
CA PRO A 628 39.77 -1.89 21.78
C PRO A 628 39.51 -3.38 21.81
N LYS A 629 40.43 -4.09 22.50
CA LYS A 629 40.36 -5.53 22.71
C LYS A 629 38.94 -6.01 22.98
N ASP A 630 38.30 -5.43 23.98
CA ASP A 630 37.01 -5.93 24.45
C ASP A 630 35.92 -5.74 23.42
N VAL A 631 35.97 -4.67 22.63
CA VAL A 631 34.97 -4.50 21.58
C VAL A 631 35.07 -5.61 20.55
N LEU A 632 36.29 -5.84 20.03
CA LEU A 632 36.51 -6.93 19.08
C LEU A 632 36.01 -8.25 19.65
N ILE A 633 36.36 -8.52 20.92
CA ILE A 633 36.02 -9.82 21.51
C ILE A 633 34.52 -9.95 21.73
N THR A 634 33.86 -8.91 22.24
CA THR A 634 32.43 -9.01 22.50
C THR A 634 31.65 -9.14 21.20
N VAL A 635 31.99 -8.34 20.18
CA VAL A 635 31.31 -8.46 18.89
C VAL A 635 31.50 -9.87 18.32
N MET A 636 32.69 -10.42 18.45
CA MET A 636 32.95 -11.78 17.97
C MET A 636 32.15 -12.82 18.75
N GLN A 637 32.24 -12.77 20.08
CA GLN A 637 31.72 -13.81 20.95
C GLN A 637 30.21 -13.71 21.09
N LYS A 638 29.73 -12.58 21.61
CA LYS A 638 28.32 -12.44 21.94
C LYS A 638 27.44 -12.48 20.70
N HIS A 639 27.85 -11.78 19.64
CA HIS A 639 26.95 -11.57 18.50
C HIS A 639 27.11 -12.63 17.40
N GLN A 640 28.33 -13.08 17.14
CA GLN A 640 28.57 -14.05 16.07
C GLN A 640 28.86 -15.45 16.56
N LYS A 641 29.16 -15.63 17.84
CA LYS A 641 29.55 -16.92 18.43
C LYS A 641 30.87 -17.42 17.87
N TYR A 642 31.77 -16.50 17.52
CA TYR A 642 33.09 -16.84 17.01
C TYR A 642 34.08 -17.00 18.15
N PHE A 643 35.13 -17.78 17.90
CA PHE A 643 36.29 -17.84 18.80
C PHE A 643 37.31 -16.81 18.35
N PRO A 644 37.63 -15.80 19.16
CA PRO A 644 38.79 -14.95 18.85
C PRO A 644 40.07 -15.76 18.86
N VAL A 645 41.07 -15.25 18.16
CA VAL A 645 42.40 -15.88 18.13
C VAL A 645 43.41 -14.84 18.59
N THR A 646 44.27 -15.24 19.51
CA THR A 646 45.30 -14.37 20.06
C THR A 646 46.67 -14.99 19.81
N SER A 647 47.69 -14.14 19.68
CA SER A 647 49.03 -14.66 19.37
C SER A 647 49.63 -15.41 20.55
N LYS A 648 50.23 -16.56 20.26
CA LYS A 648 50.99 -17.31 21.24
C LYS A 648 52.24 -16.59 21.71
N THR A 649 52.72 -15.59 20.97
CA THR A 649 53.96 -14.90 21.27
C THR A 649 53.76 -13.54 21.94
N MET A 650 52.98 -12.65 21.33
CA MET A 650 52.77 -11.32 21.88
C MET A 650 51.58 -11.26 22.83
N GLY A 651 50.75 -12.31 22.89
CA GLY A 651 49.51 -12.29 23.63
C GLY A 651 48.41 -11.41 23.04
N ASN A 652 48.71 -10.63 22.00
CA ASN A 652 47.75 -9.70 21.43
C ASN A 652 46.88 -10.39 20.39
N LEU A 653 45.73 -9.77 20.08
CA LEU A 653 44.77 -10.41 19.18
C LEU A 653 45.32 -10.46 17.75
N LEU A 654 45.19 -11.63 17.10
CA LEU A 654 45.45 -11.82 15.69
C LEU A 654 44.20 -11.51 14.89
N PRO A 655 44.32 -10.96 13.68
CA PRO A 655 43.11 -10.65 12.89
C PRO A 655 42.38 -11.88 12.37
N CYS A 656 42.17 -12.87 13.24
CA CYS A 656 41.58 -14.14 12.85
C CYS A 656 40.40 -14.46 13.74
N PHE A 657 39.48 -15.28 13.22
CA PHE A 657 38.37 -15.80 13.98
C PHE A 657 38.08 -17.23 13.55
N ILE A 658 37.47 -17.99 14.45
CA ILE A 658 36.99 -19.33 14.17
C ILE A 658 35.48 -19.35 14.29
N THR A 659 34.81 -19.86 13.28
CA THR A 659 33.37 -20.08 13.33
C THR A 659 33.13 -21.58 13.20
N VAL A 660 32.19 -22.10 13.96
CA VAL A 660 31.91 -23.53 13.96
C VAL A 660 30.67 -23.74 13.09
N ALA A 661 30.88 -24.18 11.85
CA ALA A 661 29.77 -24.44 10.96
C ALA A 661 29.14 -25.78 11.29
N ASN A 662 28.00 -26.06 10.65
CA ASN A 662 27.23 -27.27 10.89
C ASN A 662 27.02 -28.01 9.57
N GLY A 663 27.53 -29.23 9.49
CA GLY A 663 27.22 -30.10 8.37
C GLY A 663 28.30 -30.09 7.30
N ALA A 664 27.96 -30.74 6.18
CA ALA A 664 28.87 -30.89 5.05
C ALA A 664 28.80 -29.66 4.14
N ILE A 665 29.09 -28.50 4.73
CA ILE A 665 29.05 -27.22 4.03
C ILE A 665 30.30 -27.09 3.16
N LYS A 666 30.33 -26.06 2.32
CA LYS A 666 31.52 -25.72 1.55
C LYS A 666 32.32 -24.67 2.31
N GLU A 667 33.55 -25.02 2.70
CA GLU A 667 34.32 -24.17 3.60
C GLU A 667 34.53 -22.76 3.04
N GLU A 668 34.79 -22.67 1.73
CA GLU A 668 35.06 -21.37 1.10
C GLU A 668 33.85 -20.43 1.22
N VAL A 669 32.67 -20.94 0.86
CA VAL A 669 31.46 -20.13 0.90
C VAL A 669 31.18 -19.64 2.32
N VAL A 670 31.25 -20.55 3.29
CA VAL A 670 30.88 -20.22 4.66
C VAL A 670 31.85 -19.21 5.24
N ARG A 671 33.15 -19.44 5.02
CA ARG A 671 34.17 -18.49 5.48
C ARG A 671 33.94 -17.11 4.91
N LYS A 672 33.71 -17.02 3.59
CA LYS A 672 33.54 -15.70 2.99
C LYS A 672 32.31 -14.99 3.54
N GLY A 673 31.19 -15.71 3.70
CA GLY A 673 29.99 -15.06 4.22
C GLY A 673 30.19 -14.55 5.63
N ASN A 674 30.81 -15.36 6.48
CA ASN A 674 31.10 -14.93 7.83
C ASN A 674 32.04 -13.74 7.85
N GLU A 675 33.06 -13.74 6.98
CA GLU A 675 33.98 -12.61 6.93
C GLU A 675 33.27 -11.33 6.54
N ALA A 676 32.31 -11.41 5.61
CA ALA A 676 31.56 -10.23 5.21
C ALA A 676 30.74 -9.69 6.38
N VAL A 677 30.07 -10.59 7.11
CA VAL A 677 29.26 -10.14 8.24
C VAL A 677 30.14 -9.48 9.31
N LEU A 678 31.28 -10.10 9.62
CA LEU A 678 32.13 -9.54 10.66
C LEU A 678 32.71 -8.20 10.22
N ARG A 679 33.05 -8.06 8.94
CA ARG A 679 33.51 -6.75 8.45
C ARG A 679 32.44 -5.69 8.66
N ALA A 680 31.18 -6.03 8.34
CA ALA A 680 30.10 -5.06 8.50
C ALA A 680 29.97 -4.62 9.95
N ARG A 681 29.90 -5.59 10.87
CA ARG A 681 29.79 -5.26 12.28
C ARG A 681 30.98 -4.44 12.76
N TYR A 682 32.18 -4.77 12.31
CA TYR A 682 33.35 -4.03 12.75
C TYR A 682 33.39 -2.63 12.17
N GLU A 683 32.88 -2.43 10.96
CA GLU A 683 32.77 -1.09 10.39
C GLU A 683 31.82 -0.23 11.21
N ASP A 684 30.68 -0.82 11.61
CA ASP A 684 29.77 -0.11 12.50
C ASP A 684 30.44 0.25 13.82
N ALA A 685 31.18 -0.69 14.41
CA ALA A 685 31.86 -0.43 15.67
C ALA A 685 32.92 0.65 15.51
N LYS A 686 33.64 0.64 14.38
CA LYS A 686 34.65 1.65 14.10
C LYS A 686 34.02 3.03 14.01
N PHE A 687 32.89 3.12 13.33
CA PHE A 687 32.18 4.40 13.21
C PHE A 687 31.68 4.88 14.58
N PHE A 688 31.10 3.99 15.38
CA PHE A 688 30.55 4.39 16.66
C PHE A 688 31.64 4.73 17.68
N TYR A 689 32.76 4.00 17.64
CA TYR A 689 33.89 4.33 18.51
C TYR A 689 34.46 5.70 18.15
N LYS A 690 34.57 5.99 16.85
CA LYS A 690 35.04 7.32 16.44
C LYS A 690 34.09 8.40 16.92
N MET A 691 32.78 8.19 16.80
CA MET A 691 31.83 9.15 17.34
C MET A 691 32.02 9.34 18.84
N ASP A 692 32.14 8.22 19.56
CA ASP A 692 32.18 8.25 21.03
C ASP A 692 33.42 8.98 21.53
N THR A 693 34.57 8.75 20.91
CA THR A 693 35.80 9.37 21.39
C THR A 693 35.94 10.85 20.97
N GLN A 694 34.86 11.51 20.53
CA GLN A 694 34.89 12.95 20.32
C GLN A 694 34.48 13.74 21.55
N LYS A 695 33.93 13.07 22.56
CA LYS A 695 33.61 13.69 23.84
C LYS A 695 34.24 12.87 24.96
N LYS A 696 34.45 13.52 26.10
CA LYS A 696 34.84 12.79 27.30
C LYS A 696 33.65 12.00 27.83
N LEU A 697 33.95 10.89 28.51
CA LEU A 697 32.88 10.04 29.03
C LEU A 697 31.97 10.80 29.98
N SER A 698 32.53 11.75 30.74
CA SER A 698 31.72 12.59 31.61
C SER A 698 30.69 13.39 30.83
N GLU A 699 30.96 13.68 29.55
CA GLU A 699 30.01 14.46 28.76
C GLU A 699 28.85 13.62 28.26
N PHE A 700 28.97 12.29 28.28
CA PHE A 700 27.84 11.42 27.98
C PHE A 700 26.88 11.28 29.15
N ARG A 701 27.33 11.58 30.37
CA ARG A 701 26.56 11.25 31.56
C ARG A 701 25.22 11.97 31.58
N ASP A 702 25.15 13.20 31.07
CA ASP A 702 23.90 13.95 31.10
C ASP A 702 22.82 13.33 30.24
N GLN A 703 23.18 12.51 29.25
CA GLN A 703 22.19 11.83 28.44
C GLN A 703 21.57 10.62 29.13
N LEU A 704 22.02 10.29 30.34
CA LEU A 704 21.31 9.31 31.15
C LEU A 704 19.92 9.80 31.55
N SER A 705 19.63 11.07 31.34
CA SER A 705 18.30 11.60 31.64
C SER A 705 17.27 11.18 30.60
N SER A 706 17.72 10.59 29.50
CA SER A 706 16.84 10.10 28.45
C SER A 706 16.48 8.64 28.63
N ILE A 707 16.98 7.98 29.68
CA ILE A 707 16.68 6.59 29.96
C ILE A 707 15.94 6.55 31.29
N LEU A 708 14.66 6.17 31.25
CA LEU A 708 13.89 6.06 32.48
C LEU A 708 14.35 4.84 33.28
N PHE A 709 14.36 4.99 34.60
CA PHE A 709 14.50 3.83 35.47
C PHE A 709 13.15 3.33 35.97
N HIS A 710 12.27 4.25 36.36
CA HIS A 710 10.91 3.98 36.80
C HIS A 710 10.18 5.31 36.90
N GLU A 711 8.92 5.33 36.47
CA GLU A 711 8.19 6.60 36.37
C GLU A 711 8.16 7.35 37.70
N ARG A 712 8.13 6.62 38.82
CA ARG A 712 8.09 7.26 40.12
C ARG A 712 9.46 7.63 40.64
N LEU A 713 10.53 7.02 40.11
CA LEU A 713 11.88 7.24 40.60
C LEU A 713 12.75 8.05 39.66
N GLY A 714 12.27 8.38 38.46
CA GLY A 714 13.05 9.19 37.54
C GLY A 714 13.91 8.38 36.59
N THR A 715 15.00 9.01 36.13
CA THR A 715 15.84 8.48 35.08
C THR A 715 17.10 7.83 35.65
N MET A 716 17.95 7.32 34.75
CA MET A 716 19.23 6.76 35.17
C MET A 716 20.17 7.84 35.72
N LEU A 717 20.03 9.07 35.23
CA LEU A 717 20.82 10.15 35.79
C LEU A 717 20.48 10.39 37.25
N ASP A 718 19.18 10.37 37.59
CA ASP A 718 18.77 10.49 38.99
C ASP A 718 19.31 9.33 39.82
N LYS A 719 19.24 8.12 39.28
CA LYS A 719 19.74 6.95 40.00
C LYS A 719 21.23 7.08 40.28
N MET A 720 22.00 7.58 39.31
CA MET A 720 23.44 7.70 39.52
C MET A 720 23.79 8.83 40.47
N LYS A 721 23.03 9.94 40.41
CA LYS A 721 23.18 10.97 41.43
C LYS A 721 22.91 10.42 42.82
N ARG A 722 21.91 9.55 42.95
CA ARG A 722 21.63 8.94 44.26
C ARG A 722 22.77 8.03 44.68
N VAL A 723 23.36 7.29 43.74
CA VAL A 723 24.49 6.43 44.06
C VAL A 723 25.67 7.26 44.57
N GLU A 724 25.99 8.35 43.86
CA GLU A 724 27.16 9.14 44.22
C GLU A 724 26.97 9.95 45.50
N ASN A 725 25.73 10.08 45.99
CA ASN A 725 25.49 10.70 47.29
C ASN A 725 25.47 9.69 48.42
N THR A 726 25.55 8.40 48.12
CA THR A 726 25.48 7.35 49.12
C THR A 726 26.72 6.48 49.18
N VAL A 727 27.62 6.60 48.20
CA VAL A 727 28.67 5.61 48.01
C VAL A 727 29.68 5.63 49.16
N ALA A 728 29.93 6.80 49.76
CA ALA A 728 30.98 6.92 50.76
C ALA A 728 30.56 6.29 52.08
N GLU A 729 29.34 6.60 52.54
CA GLU A 729 28.86 6.01 53.77
C GLU A 729 28.74 4.49 53.64
N VAL A 730 28.34 4.01 52.46
CA VAL A 730 28.31 2.57 52.23
C VAL A 730 29.72 1.98 52.32
N ALA A 731 30.70 2.68 51.75
CA ALA A 731 32.09 2.24 51.85
C ALA A 731 32.53 2.12 53.31
N LEU A 732 32.22 3.12 54.13
CA LEU A 732 32.57 3.07 55.54
C LEU A 732 31.86 1.91 56.24
N LEU A 733 30.60 1.69 55.91
CA LEU A 733 29.87 0.55 56.45
C LEU A 733 30.48 -0.77 56.03
N LEU A 734 31.18 -0.81 54.90
CA LEU A 734 31.89 -2.00 54.45
C LEU A 734 33.31 -2.07 54.97
N GLY A 735 33.79 -1.03 55.65
CA GLY A 735 35.14 -1.06 56.17
C GLY A 735 36.22 -0.83 55.14
N ILE A 736 35.99 0.07 54.20
CA ILE A 736 36.97 0.41 53.18
C ILE A 736 37.93 1.45 53.73
N ASN A 737 39.20 1.32 53.38
CA ASN A 737 40.19 2.37 53.62
C ASN A 737 39.60 3.72 53.25
N GLU A 738 39.54 4.63 54.23
CA GLU A 738 39.01 5.96 54.00
C GLU A 738 39.78 6.69 52.89
N LYS A 739 41.07 6.39 52.74
CA LYS A 739 41.85 7.05 51.69
C LYS A 739 41.41 6.65 50.30
N MET A 740 40.67 5.53 50.17
CA MET A 740 40.09 5.15 48.88
C MET A 740 38.79 5.88 48.58
N ILE A 741 38.19 6.56 49.57
CA ILE A 741 36.88 7.20 49.38
C ILE A 741 36.89 8.20 48.22
N PRO A 742 37.88 9.10 48.10
CA PRO A 742 37.80 10.10 47.01
C PRO A 742 37.85 9.49 45.62
N ALA A 743 38.55 8.37 45.44
CA ALA A 743 38.48 7.67 44.16
C ALA A 743 37.09 7.07 43.96
N ILE A 744 36.59 6.35 44.97
CA ILE A 744 35.25 5.77 44.91
C ILE A 744 34.24 6.81 44.44
N LYS A 745 34.25 7.99 45.06
CA LYS A 745 33.32 9.05 44.69
C LYS A 745 33.48 9.44 43.23
N ASP A 746 34.73 9.66 42.79
CA ASP A 746 34.97 9.95 41.39
C ASP A 746 34.40 8.85 40.51
N ALA A 747 34.58 7.59 40.92
CA ALA A 747 33.98 6.49 40.17
C ALA A 747 32.48 6.69 40.03
N ALA A 748 31.80 7.00 41.13
CA ALA A 748 30.36 7.14 41.08
C ALA A 748 29.94 8.32 40.21
N ALA A 749 30.81 9.31 40.05
CA ALA A 749 30.46 10.44 39.21
C ALA A 749 30.49 10.08 37.73
N LEU A 750 31.09 8.94 37.37
CA LEU A 750 31.11 8.49 36.00
C LEU A 750 30.33 7.20 35.78
N ALA A 751 29.81 6.59 36.84
CA ALA A 751 29.21 5.26 36.74
C ALA A 751 28.05 5.24 35.76
N MET A 752 28.07 4.26 34.86
CA MET A 752 27.03 4.02 33.86
C MET A 752 26.90 5.16 32.85
N SER A 753 27.91 6.03 32.74
CA SER A 753 27.88 7.06 31.69
C SER A 753 27.88 6.46 30.30
N ASP A 754 28.40 5.24 30.13
CA ASP A 754 28.51 4.64 28.81
C ASP A 754 27.18 4.21 28.23
N LEU A 755 26.11 4.17 29.03
CA LEU A 755 24.82 3.71 28.51
C LEU A 755 24.32 4.62 27.39
N ALA A 756 24.73 5.88 27.39
CA ALA A 756 24.31 6.84 26.40
C ALA A 756 25.32 7.00 25.26
N THR A 757 26.35 6.16 25.21
CA THR A 757 27.28 6.20 24.10
C THR A 757 26.73 5.38 22.93
N ASN A 758 27.31 5.60 21.75
CA ASN A 758 26.81 4.94 20.55
C ASN A 758 27.19 3.46 20.55
N ILE A 759 28.41 3.15 20.99
CA ILE A 759 28.89 1.77 21.00
C ILE A 759 27.98 0.90 21.85
N VAL A 760 27.64 1.37 23.05
CA VAL A 760 26.78 0.57 23.92
C VAL A 760 25.35 0.57 23.40
N THR A 761 24.91 1.70 22.84
CA THR A 761 23.55 1.76 22.32
C THR A 761 23.34 0.71 21.21
N GLU A 762 24.35 0.47 20.40
CA GLU A 762 24.20 -0.58 19.39
C GLU A 762 24.68 -1.94 19.88
N PHE A 763 25.65 -2.00 20.80
CA PHE A 763 26.18 -3.26 21.33
C PHE A 763 25.93 -3.29 22.84
N THR A 764 24.71 -3.70 23.23
CA THR A 764 24.29 -3.56 24.61
C THR A 764 25.09 -4.41 25.58
N SER A 765 25.78 -5.45 25.10
CA SER A 765 26.60 -6.27 25.98
C SER A 765 27.86 -5.55 26.46
N LEU A 766 28.15 -4.37 25.92
CA LEU A 766 29.36 -3.62 26.24
C LEU A 766 29.17 -2.59 27.34
N ALA A 767 28.02 -2.58 28.02
CA ALA A 767 27.86 -1.67 29.15
C ALA A 767 28.83 -2.07 30.26
N GLY A 768 29.31 -1.06 30.99
CA GLY A 768 30.38 -1.26 31.98
C GLY A 768 31.76 -1.39 31.36
N ILE A 769 31.93 -2.32 30.43
CA ILE A 769 33.20 -2.47 29.71
C ILE A 769 33.60 -1.15 29.06
N MET A 770 32.66 -0.53 28.36
CA MET A 770 32.96 0.71 27.63
C MET A 770 33.20 1.87 28.59
N ALA A 771 32.48 1.93 29.71
CA ALA A 771 32.76 2.99 30.68
C ALA A 771 34.20 2.87 31.18
N ARG A 772 34.65 1.64 31.43
CA ARG A 772 36.04 1.40 31.82
C ARG A 772 37.00 1.88 30.74
N HIS A 773 36.79 1.45 29.50
CA HIS A 773 37.72 1.82 28.42
C HIS A 773 37.74 3.34 28.20
N TYR A 774 36.57 3.98 28.19
CA TYR A 774 36.51 5.42 27.95
C TYR A 774 37.10 6.21 29.11
N ALA A 775 36.90 5.75 30.35
CA ALA A 775 37.53 6.40 31.48
C ALA A 775 39.04 6.32 31.38
N LEU A 776 39.56 5.12 31.07
CA LEU A 776 41.00 4.97 30.84
C LEU A 776 41.47 5.92 29.76
N ARG A 777 40.69 6.07 28.69
CA ARG A 777 41.05 6.99 27.62
C ARG A 777 41.11 8.42 28.13
N ASP A 778 40.10 8.83 28.90
CA ASP A 778 40.03 10.19 29.42
C ASP A 778 41.13 10.50 30.43
N GLY A 779 41.92 9.52 30.84
CA GLY A 779 43.02 9.73 31.75
C GLY A 779 42.78 9.32 33.18
N LEU A 780 41.74 8.54 33.47
CA LEU A 780 41.42 8.17 34.83
C LEU A 780 42.18 6.91 35.24
N SER A 781 42.26 6.70 36.55
CA SER A 781 42.99 5.56 37.10
C SER A 781 42.36 4.24 36.65
N GLU A 782 43.19 3.20 36.59
CA GLU A 782 42.68 1.86 36.28
C GLU A 782 41.76 1.36 37.38
N GLN A 783 41.94 1.86 38.60
CA GLN A 783 41.05 1.49 39.71
C GLN A 783 39.65 2.05 39.49
N ILE A 784 39.56 3.31 39.11
CA ILE A 784 38.26 3.95 38.86
C ILE A 784 37.56 3.27 37.69
N ALA A 785 38.30 3.08 36.60
CA ALA A 785 37.73 2.46 35.40
C ALA A 785 37.24 1.05 35.71
N GLU A 786 38.03 0.29 36.46
CA GLU A 786 37.60 -1.05 36.84
C GLU A 786 36.33 -0.99 37.66
N ALA A 787 36.23 -0.03 38.59
CA ALA A 787 34.97 0.16 39.32
C ALA A 787 33.80 0.40 38.38
N LEU A 788 34.03 1.13 37.28
CA LEU A 788 32.93 1.42 36.36
C LEU A 788 32.43 0.15 35.68
N PHE A 789 33.34 -0.75 35.32
CA PHE A 789 32.85 -2.03 34.80
C PHE A 789 32.25 -2.90 35.91
N GLU A 790 32.71 -2.74 37.16
CA GLU A 790 32.35 -3.63 38.24
C GLU A 790 30.99 -3.31 38.87
N ILE A 791 30.52 -2.07 38.79
CA ILE A 791 29.20 -1.72 39.33
C ILE A 791 28.09 -2.62 38.77
N THR A 792 28.32 -3.23 37.61
CA THR A 792 27.32 -4.05 36.95
C THR A 792 27.38 -5.52 37.36
N LEU A 793 28.44 -5.96 38.03
CA LEU A 793 28.54 -7.39 38.29
C LEU A 793 27.85 -7.77 39.60
N PRO A 794 27.25 -8.97 39.68
CA PRO A 794 27.09 -9.91 38.58
C PRO A 794 25.98 -9.48 37.63
N ARG A 795 26.18 -9.70 36.33
CA ARG A 795 25.21 -9.30 35.33
C ARG A 795 24.20 -10.40 35.01
N PHE A 796 24.43 -11.60 35.51
CA PHE A 796 23.61 -12.78 35.27
C PHE A 796 24.12 -13.89 36.17
N SER A 797 23.28 -14.90 36.40
CA SER A 797 23.73 -16.07 37.15
C SER A 797 24.88 -16.75 36.44
N GLY A 798 25.98 -16.97 37.16
CA GLY A 798 27.20 -17.51 36.59
C GLY A 798 28.23 -16.47 36.22
N ASP A 799 27.85 -15.19 36.16
CA ASP A 799 28.79 -14.13 35.86
C ASP A 799 29.76 -13.96 37.03
N VAL A 800 30.82 -13.17 36.78
CA VAL A 800 31.84 -12.91 37.79
C VAL A 800 31.31 -11.83 38.72
N PHE A 801 31.98 -11.64 39.86
CA PHE A 801 31.60 -10.68 40.86
C PHE A 801 32.61 -9.53 40.93
N PRO A 802 32.22 -8.38 41.46
CA PRO A 802 33.20 -7.32 41.71
C PRO A 802 34.20 -7.76 42.76
N LYS A 803 35.50 -7.55 42.50
CA LYS A 803 36.55 -7.94 43.42
C LYS A 803 37.28 -6.77 44.08
N THR A 804 37.37 -5.62 43.42
CA THR A 804 38.05 -4.48 44.01
C THR A 804 37.11 -3.72 44.95
N ASP A 805 37.69 -3.11 45.98
CA ASP A 805 36.91 -2.37 46.97
C ASP A 805 36.03 -1.29 46.34
N PRO A 806 36.52 -0.41 45.45
CA PRO A 806 35.62 0.59 44.87
C PRO A 806 34.50 -0.01 44.04
N GLY A 807 34.82 -1.04 43.24
CA GLY A 807 33.77 -1.72 42.49
C GLY A 807 32.73 -2.39 43.38
N ILE A 808 33.18 -3.06 44.44
CA ILE A 808 32.24 -3.65 45.40
C ILE A 808 31.31 -2.58 45.96
N VAL A 809 31.89 -1.45 46.38
CA VAL A 809 31.08 -0.37 46.95
C VAL A 809 30.05 0.11 45.93
N LEU A 810 30.47 0.30 44.67
CA LEU A 810 29.55 0.79 43.65
C LEU A 810 28.40 -0.19 43.42
N ALA A 811 28.74 -1.47 43.28
CA ALA A 811 27.71 -2.49 43.05
C ALA A 811 26.74 -2.55 44.22
N VAL A 812 27.26 -2.58 45.44
CA VAL A 812 26.40 -2.68 46.62
C VAL A 812 25.46 -1.48 46.67
N THR A 813 25.99 -0.27 46.46
CA THR A 813 25.16 0.91 46.57
C THR A 813 24.08 0.93 45.50
N ASP A 814 24.43 0.58 44.26
CA ASP A 814 23.44 0.59 43.18
C ASP A 814 22.33 -0.42 43.46
N ARG A 815 22.71 -1.62 43.94
CA ARG A 815 21.70 -2.64 44.20
C ARG A 815 20.80 -2.25 45.37
N LEU A 816 21.38 -1.69 46.43
CA LEU A 816 20.55 -1.18 47.53
C LEU A 816 19.59 -0.11 47.02
N ASP A 817 20.05 0.75 46.12
CA ASP A 817 19.20 1.83 45.63
C ASP A 817 18.01 1.28 44.85
N SER A 818 18.27 0.33 43.94
CA SER A 818 17.18 -0.34 43.24
C SER A 818 16.17 -0.93 44.22
N LEU A 819 16.66 -1.73 45.19
CA LEU A 819 15.77 -2.39 46.13
C LEU A 819 14.88 -1.39 46.86
N VAL A 820 15.50 -0.39 47.50
CA VAL A 820 14.72 0.52 48.33
C VAL A 820 13.75 1.33 47.47
N GLY A 821 14.21 1.87 46.34
CA GLY A 821 13.34 2.69 45.52
C GLY A 821 12.14 1.92 44.98
N LEU A 822 12.39 0.70 44.47
CA LEU A 822 11.30 -0.05 43.86
C LEU A 822 10.35 -0.62 44.90
N PHE A 823 10.86 -1.04 46.06
CA PHE A 823 9.94 -1.44 47.13
C PHE A 823 9.10 -0.27 47.61
N GLY A 824 9.69 0.92 47.66
CA GLY A 824 8.89 2.10 47.95
C GLY A 824 7.90 2.41 46.85
N ALA A 825 8.13 1.90 45.65
CA ALA A 825 7.26 2.17 44.50
C ALA A 825 6.20 1.09 44.27
N GLY A 826 6.17 0.02 45.08
CA GLY A 826 5.16 -1.00 44.97
C GLY A 826 5.52 -2.19 44.10
N CYS A 827 6.75 -2.25 43.58
CA CYS A 827 7.13 -3.27 42.62
C CYS A 827 7.60 -4.57 43.27
N GLN A 828 7.44 -4.72 44.58
CA GLN A 828 7.85 -5.95 45.27
C GLN A 828 7.12 -7.16 44.67
N PRO A 829 7.84 -8.23 44.34
CA PRO A 829 7.28 -9.31 43.52
C PRO A 829 5.97 -9.92 44.01
N SER A 830 6.01 -10.59 45.17
CA SER A 830 4.85 -11.27 45.77
C SER A 830 4.42 -12.53 45.02
N SER A 831 4.92 -12.74 43.80
CA SER A 831 4.60 -13.94 43.03
C SER A 831 5.70 -14.16 42.00
N THR A 832 5.43 -15.04 41.03
CA THR A 832 6.42 -15.40 40.01
C THR A 832 6.76 -14.25 39.08
N ASN A 833 5.96 -13.18 39.05
CA ASN A 833 6.20 -12.07 38.14
C ASN A 833 7.12 -11.06 38.83
N ASP A 834 8.41 -11.15 38.53
CA ASP A 834 9.39 -10.21 39.05
C ASP A 834 9.98 -9.44 37.86
N PRO A 835 9.24 -8.46 37.31
CA PRO A 835 9.71 -7.81 36.08
C PRO A 835 11.01 -7.04 36.27
N PHE A 836 11.17 -6.38 37.41
CA PHE A 836 12.38 -5.59 37.68
C PHE A 836 13.56 -6.44 38.11
N GLY A 837 13.37 -7.74 38.31
CA GLY A 837 14.46 -8.61 38.71
C GLY A 837 14.95 -8.38 40.12
N LEU A 838 14.06 -7.95 41.03
CA LEU A 838 14.46 -7.62 42.40
C LEU A 838 15.01 -8.84 43.14
N ARG A 839 14.50 -10.03 42.82
CA ARG A 839 15.04 -11.24 43.43
C ARG A 839 16.48 -11.47 42.99
N ARG A 840 16.77 -11.34 41.69
CA ARG A 840 18.13 -11.54 41.21
C ARG A 840 19.06 -10.45 41.73
N ILE A 841 18.54 -9.23 41.86
CA ILE A 841 19.34 -8.13 42.41
C ILE A 841 19.74 -8.42 43.86
N SER A 842 18.78 -8.80 44.69
CA SER A 842 19.08 -9.09 46.09
C SER A 842 20.00 -10.31 46.22
N TYR A 843 19.80 -11.31 45.37
CA TYR A 843 20.71 -12.46 45.35
C TYR A 843 22.14 -12.04 45.06
N GLY A 844 22.31 -11.23 44.01
CA GLY A 844 23.63 -10.74 43.69
C GLY A 844 24.24 -9.92 44.81
N LEU A 845 23.42 -9.08 45.45
CA LEU A 845 23.92 -8.25 46.54
C LEU A 845 24.48 -9.12 47.68
N VAL A 846 23.69 -10.09 48.14
CA VAL A 846 24.17 -10.93 49.23
C VAL A 846 25.36 -11.76 48.77
N GLN A 847 25.45 -12.06 47.47
CA GLN A 847 26.63 -12.76 46.98
C GLN A 847 27.86 -11.87 46.97
N ILE A 848 27.73 -10.60 46.59
CA ILE A 848 28.85 -9.67 46.66
C ILE A 848 29.38 -9.60 48.08
N LEU A 849 28.47 -9.61 49.06
CA LEU A 849 28.93 -9.54 50.45
C LEU A 849 29.61 -10.84 50.88
N VAL A 850 28.97 -11.99 50.61
CA VAL A 850 29.51 -13.24 51.12
C VAL A 850 30.79 -13.64 50.39
N GLU A 851 30.84 -13.36 49.08
CA GLU A 851 31.96 -13.78 48.25
C GLU A 851 33.21 -12.94 48.53
N ASN A 852 33.03 -11.69 48.96
CA ASN A 852 34.16 -10.80 49.24
C ASN A 852 34.43 -10.68 50.72
N LYS A 853 33.76 -11.49 51.55
CA LYS A 853 34.04 -11.57 52.99
C LYS A 853 33.95 -10.20 53.65
N LYS A 854 32.94 -9.43 53.27
CA LYS A 854 32.79 -8.07 53.75
C LYS A 854 31.66 -8.01 54.79
N ASN A 855 31.98 -7.48 55.96
CA ASN A 855 30.98 -7.20 56.97
C ASN A 855 30.18 -5.96 56.58
N PHE A 856 28.93 -5.93 56.99
CA PHE A 856 28.01 -4.92 56.50
C PHE A 856 26.82 -4.84 57.43
N ASP A 857 26.27 -3.64 57.61
CA ASP A 857 25.02 -3.48 58.34
C ASP A 857 23.93 -3.22 57.31
N LEU A 858 23.15 -4.26 57.00
CA LEU A 858 22.11 -4.13 55.99
C LEU A 858 21.14 -3.00 56.31
N THR A 859 20.71 -2.89 57.56
CA THR A 859 19.65 -1.96 57.92
C THR A 859 20.11 -0.50 57.81
N LYS A 860 21.26 -0.15 58.39
CA LYS A 860 21.70 1.24 58.29
C LYS A 860 21.97 1.63 56.85
N ALA A 861 22.50 0.71 56.05
CA ALA A 861 22.74 1.02 54.63
C ALA A 861 21.43 1.25 53.89
N LEU A 862 20.43 0.39 54.12
CA LEU A 862 19.12 0.56 53.50
C LEU A 862 18.47 1.88 53.91
N THR A 863 18.60 2.25 55.18
CA THR A 863 18.10 3.53 55.65
C THR A 863 18.81 4.69 54.96
N LEU A 864 20.15 4.60 54.87
CA LEU A 864 20.95 5.59 54.16
C LEU A 864 20.43 5.80 52.75
N VAL A 865 20.21 4.69 52.03
CA VAL A 865 19.75 4.76 50.66
C VAL A 865 18.31 5.29 50.60
N ALA A 866 17.50 4.96 51.60
CA ALA A 866 16.13 5.46 51.65
C ALA A 866 16.10 6.98 51.70
N GLU A 867 16.90 7.58 52.58
CA GLU A 867 16.88 9.03 52.76
C GLU A 867 17.22 9.79 51.47
N GLU A 868 17.72 9.12 50.44
CA GLU A 868 18.08 9.77 49.20
C GLU A 868 17.04 9.59 48.09
N GLN A 869 16.02 8.75 48.31
CA GLN A 869 15.09 8.41 47.24
C GLN A 869 14.15 9.58 46.94
N PRO A 870 13.61 9.63 45.71
CA PRO A 870 12.64 10.69 45.38
C PRO A 870 11.26 10.49 45.98
N ILE A 871 10.97 9.29 46.50
CA ILE A 871 9.68 8.99 47.12
C ILE A 871 9.92 8.69 48.59
N THR A 872 8.86 8.90 49.39
CA THR A 872 8.95 8.63 50.81
C THR A 872 9.14 7.14 51.06
N ILE A 873 10.19 6.80 51.79
CA ILE A 873 10.43 5.38 52.17
C ILE A 873 10.13 5.27 53.65
N ASP A 874 9.15 4.44 54.00
CA ASP A 874 8.74 4.30 55.41
C ASP A 874 9.53 3.16 56.04
N SER A 875 9.58 3.12 57.35
CA SER A 875 10.38 2.10 58.05
C SER A 875 9.87 0.73 57.65
N GLY A 876 8.58 0.64 57.34
CA GLY A 876 8.06 -0.64 56.90
C GLY A 876 8.68 -1.09 55.59
N VAL A 877 8.92 -0.16 54.68
CA VAL A 877 9.63 -0.50 53.44
C VAL A 877 11.01 -1.07 53.77
N ILE A 878 11.73 -0.43 54.69
CA ILE A 878 13.04 -0.91 55.10
C ILE A 878 12.94 -2.33 55.64
N ASP A 879 12.00 -2.55 56.56
CA ASP A 879 11.79 -3.89 57.13
C ASP A 879 11.47 -4.91 56.06
N GLU A 880 10.63 -4.55 55.07
CA GLU A 880 10.28 -5.51 54.04
C GLU A 880 11.46 -5.82 53.12
N VAL A 881 12.31 -4.81 52.82
CA VAL A 881 13.49 -5.11 52.02
C VAL A 881 14.45 -5.98 52.82
N VAL A 882 14.54 -5.76 54.13
CA VAL A 882 15.41 -6.61 54.94
C VAL A 882 14.92 -8.04 54.90
N GLN A 883 13.59 -8.23 55.02
CA GLN A 883 13.03 -9.58 55.02
C GLN A 883 13.25 -10.26 53.68
N PHE A 884 13.08 -9.51 52.59
CA PHE A 884 13.22 -10.04 51.24
C PHE A 884 14.66 -10.48 50.97
N VAL A 885 15.62 -9.64 51.34
CA VAL A 885 17.04 -9.94 51.15
C VAL A 885 17.47 -11.09 52.05
N THR A 886 16.99 -11.11 53.30
CA THR A 886 17.25 -12.25 54.18
C THR A 886 16.74 -13.55 53.57
N ARG A 887 15.55 -13.51 52.96
CA ARG A 887 15.00 -14.70 52.31
C ARG A 887 15.91 -15.18 51.19
N ARG A 888 16.43 -14.24 50.36
CA ARG A 888 17.37 -14.64 49.33
C ARG A 888 18.63 -15.23 49.93
N LEU A 889 19.15 -14.63 51.01
CA LEU A 889 20.29 -15.19 51.71
C LEU A 889 20.00 -16.59 52.21
N GLU A 890 18.76 -16.82 52.66
CA GLU A 890 18.36 -18.15 53.12
C GLU A 890 18.41 -19.16 52.01
N GLN A 891 17.77 -18.85 50.88
CA GLN A 891 17.79 -19.78 49.75
C GLN A 891 19.23 -20.02 49.28
N LEU A 892 20.06 -18.98 49.32
CA LEU A 892 21.45 -19.14 48.89
C LEU A 892 22.21 -20.12 49.77
N LEU A 893 22.13 -19.95 51.10
CA LEU A 893 22.80 -20.87 52.01
C LEU A 893 22.19 -22.28 51.93
N VAL A 894 20.87 -22.36 51.78
CA VAL A 894 20.21 -23.66 51.67
C VAL A 894 20.52 -24.30 50.32
N ASP A 895 20.70 -23.49 49.27
CA ASP A 895 21.18 -24.03 48.00
C ASP A 895 22.56 -24.65 48.14
N GLU A 896 23.36 -24.15 49.08
CA GLU A 896 24.74 -24.59 49.26
C GLU A 896 24.87 -25.82 50.14
N GLY A 897 23.82 -26.22 50.86
CA GLY A 897 23.86 -27.48 51.58
C GLY A 897 23.53 -27.42 53.05
N ILE A 898 23.59 -26.22 53.64
CA ILE A 898 23.30 -26.09 55.06
C ILE A 898 21.85 -26.46 55.32
N ASN A 899 21.61 -27.10 56.47
CA ASN A 899 20.26 -27.51 56.84
C ASN A 899 19.37 -26.29 57.03
N CYS A 900 18.14 -26.37 56.50
CA CYS A 900 17.21 -25.25 56.59
C CYS A 900 17.03 -24.75 58.01
N GLU A 901 16.91 -25.67 58.99
CA GLU A 901 16.68 -25.26 60.38
C GLU A 901 17.89 -24.52 60.94
N ILE A 902 19.11 -24.97 60.59
CA ILE A 902 20.33 -24.27 61.01
C ILE A 902 20.37 -22.86 60.44
N VAL A 903 20.11 -22.74 59.12
CA VAL A 903 20.10 -21.45 58.46
C VAL A 903 19.12 -20.51 59.15
N ARG A 904 17.92 -21.01 59.41
CA ARG A 904 16.90 -20.16 60.04
C ARG A 904 17.32 -19.75 61.44
N SER A 905 17.83 -20.71 62.23
CA SER A 905 18.38 -20.43 63.56
C SER A 905 19.36 -19.26 63.53
N VAL A 906 20.26 -19.26 62.55
CA VAL A 906 21.25 -18.18 62.49
C VAL A 906 20.63 -16.89 61.99
N LEU A 907 19.82 -16.97 60.92
CA LEU A 907 19.31 -15.76 60.28
C LEU A 907 18.35 -15.01 61.18
N ILE A 908 17.76 -15.65 62.18
CA ILE A 908 16.93 -14.92 63.12
C ILE A 908 17.75 -13.90 63.90
N GLU A 909 19.04 -14.18 64.13
CA GLU A 909 19.87 -13.36 65.01
C GLU A 909 20.96 -12.58 64.29
N ARG A 910 21.41 -13.02 63.10
CA ARG A 910 22.58 -12.43 62.48
C ARG A 910 22.38 -12.11 61.01
N ALA A 911 21.14 -11.93 60.55
CA ALA A 911 20.88 -11.68 59.14
C ALA A 911 21.28 -10.27 58.71
N ASN A 912 21.40 -9.33 59.64
CA ASN A 912 21.73 -7.96 59.25
C ASN A 912 23.13 -7.84 58.66
N CYS A 913 23.99 -8.82 58.89
CA CYS A 913 25.30 -8.90 58.25
C CYS A 913 25.40 -10.22 57.51
N PRO A 914 25.15 -10.24 56.19
CA PRO A 914 25.10 -11.53 55.47
C PRO A 914 26.37 -12.35 55.57
N TYR A 915 27.55 -11.72 55.54
CA TYR A 915 28.78 -12.50 55.58
C TYR A 915 28.98 -13.18 56.93
N LEU A 916 28.72 -12.45 58.03
CA LEU A 916 28.73 -13.05 59.35
C LEU A 916 27.76 -14.22 59.44
N ALA A 917 26.55 -14.05 58.89
N ALA A 917 26.55 -14.05 58.89
CA ALA A 917 25.56 -15.11 58.97
CA ALA A 917 25.56 -15.11 58.97
C ALA A 917 25.97 -16.33 58.16
C ALA A 917 25.97 -16.33 58.16
N SER A 918 26.61 -16.11 57.01
CA SER A 918 27.13 -17.23 56.23
C SER A 918 28.16 -18.01 57.05
N GLN A 919 29.13 -17.29 57.62
CA GLN A 919 30.10 -17.88 58.53
C GLN A 919 29.40 -18.74 59.59
N THR A 920 28.47 -18.11 60.31
CA THR A 920 27.85 -18.72 61.48
C THR A 920 27.02 -19.94 61.10
N ALA A 921 26.28 -19.87 60.00
CA ALA A 921 25.54 -21.04 59.55
C ALA A 921 26.48 -22.19 59.24
N ILE A 922 27.61 -21.90 58.60
CA ILE A 922 28.56 -22.98 58.31
C ILE A 922 29.06 -23.61 59.60
N GLU A 923 29.57 -22.78 60.52
CA GLU A 923 30.20 -23.36 61.71
C GLU A 923 29.18 -23.97 62.67
N MET A 924 27.97 -23.40 62.73
CA MET A 924 26.91 -24.00 63.52
C MET A 924 26.42 -25.31 62.91
N GLU A 925 26.44 -25.42 61.59
CA GLU A 925 26.13 -26.70 60.98
C GLU A 925 27.17 -27.74 61.35
N ALA A 926 28.45 -27.33 61.40
CA ALA A 926 29.47 -28.24 61.93
C ALA A 926 29.16 -28.63 63.37
N PHE A 927 28.86 -27.65 64.22
CA PHE A 927 28.41 -27.89 65.59
C PHE A 927 27.28 -28.91 65.65
N SER A 928 26.33 -28.81 64.72
CA SER A 928 25.13 -29.65 64.70
C SER A 928 25.41 -31.13 64.58
N ARG A 929 26.66 -31.52 64.28
CA ARG A 929 27.05 -32.92 64.11
C ARG A 929 27.99 -33.39 65.22
N THR A 930 28.20 -32.56 66.24
CA THR A 930 28.94 -32.92 67.43
C THR A 930 28.08 -33.81 68.31
N GLU A 931 28.74 -34.61 69.16
CA GLU A 931 27.99 -35.38 70.16
C GLU A 931 27.48 -34.51 71.29
N ASP A 932 28.09 -33.33 71.50
CA ASP A 932 27.58 -32.44 72.54
C ASP A 932 26.35 -31.65 72.10
N PHE A 933 26.15 -31.47 70.78
CA PHE A 933 25.06 -30.66 70.25
C PHE A 933 23.74 -30.86 70.99
N PRO A 934 23.17 -32.08 71.04
CA PRO A 934 21.88 -32.24 71.73
C PRO A 934 21.93 -31.81 73.18
N LYS A 935 23.08 -31.96 73.83
CA LYS A 935 23.19 -31.60 75.24
C LYS A 935 23.07 -30.10 75.46
N ILE A 936 23.79 -29.29 74.66
CA ILE A 936 23.65 -27.84 74.81
C ILE A 936 22.26 -27.38 74.38
N VAL A 937 21.70 -27.97 73.31
CA VAL A 937 20.35 -27.57 72.92
C VAL A 937 19.36 -27.84 74.06
N GLU A 938 19.46 -28.99 74.72
CA GLU A 938 18.56 -29.30 75.85
C GLU A 938 18.81 -28.37 77.04
N ALA A 939 20.09 -28.11 77.34
CA ALA A 939 20.44 -27.25 78.46
C ALA A 939 19.90 -25.85 78.29
N TYR A 940 19.77 -25.39 77.05
CA TYR A 940 19.11 -24.10 76.85
C TYR A 940 17.60 -24.24 76.71
N SER A 941 17.12 -25.39 76.27
CA SER A 941 15.69 -25.59 76.06
C SER A 941 14.92 -25.55 77.37
N ARG A 942 15.33 -26.36 78.34
CA ARG A 942 14.55 -26.49 79.56
C ARG A 942 14.30 -25.15 80.26
N PRO A 943 15.35 -24.37 80.60
CA PRO A 943 15.06 -23.06 81.24
C PRO A 943 14.22 -22.15 80.36
N THR A 944 14.43 -22.22 79.05
CA THR A 944 13.72 -21.34 78.12
C THR A 944 12.23 -21.68 78.05
N ARG A 945 11.90 -22.97 77.91
CA ARG A 945 10.49 -23.34 77.93
C ARG A 945 9.85 -22.96 79.25
N ILE A 946 10.55 -23.23 80.37
CA ILE A 946 10.05 -22.80 81.67
C ILE A 946 9.65 -21.33 81.61
N ILE A 947 10.60 -20.46 81.31
CA ILE A 947 10.35 -19.02 81.49
C ILE A 947 9.58 -18.38 80.33
N ARG A 948 9.48 -19.04 79.18
CA ARG A 948 8.85 -18.44 78.00
C ARG A 948 7.33 -18.51 78.05
N GLY A 949 6.77 -19.15 79.07
CA GLY A 949 5.34 -19.13 79.29
C GLY A 949 4.99 -18.35 80.55
N LYS A 950 6.01 -18.05 81.36
CA LYS A 950 5.83 -17.16 82.50
C LYS A 950 5.84 -15.72 82.00
N GLU A 951 5.08 -14.87 82.68
CA GLU A 951 4.98 -13.48 82.26
C GLU A 951 5.44 -12.52 83.36
N LEU A 956 14.10 -8.14 85.64
CA LEU A 956 14.55 -9.53 85.77
C LEU A 956 15.95 -9.61 86.37
N GLU A 957 16.12 -9.07 87.57
CA GLU A 957 17.41 -9.03 88.23
C GLU A 957 17.55 -10.18 89.22
N VAL A 958 18.79 -10.59 89.45
CA VAL A 958 19.12 -11.65 90.40
C VAL A 958 19.70 -11.01 91.65
N ASP A 959 19.14 -11.34 92.81
CA ASP A 959 19.64 -10.83 94.09
C ASP A 959 20.24 -12.01 94.84
N ALA A 960 21.58 -12.06 94.89
CA ALA A 960 22.28 -13.15 95.53
C ALA A 960 21.95 -13.26 97.02
N SER A 961 21.45 -12.18 97.63
CA SER A 961 21.01 -12.24 99.02
C SER A 961 19.84 -13.21 99.21
N VAL A 962 19.08 -13.47 98.15
CA VAL A 962 17.84 -14.24 98.20
C VAL A 962 18.14 -15.71 97.91
N PHE A 963 19.41 -16.03 97.70
CA PHE A 963 19.81 -17.43 97.50
C PHE A 963 19.72 -18.19 98.82
N GLU A 964 19.04 -19.34 98.79
CA GLU A 964 18.89 -20.20 99.95
C GLU A 964 19.73 -21.46 99.84
N LYS A 965 19.63 -22.18 98.73
CA LYS A 965 20.41 -23.38 98.52
C LYS A 965 21.73 -23.06 97.82
N ASP A 966 22.67 -23.98 97.91
CA ASP A 966 24.02 -23.74 97.39
C ASP A 966 24.11 -23.96 95.89
N GLU A 967 23.29 -24.86 95.34
CA GLU A 967 23.26 -25.04 93.89
C GLU A 967 22.88 -23.74 93.19
N GLU A 968 22.04 -22.93 93.85
CA GLU A 968 21.71 -21.59 93.33
C GLU A 968 22.97 -20.77 93.08
N ARG A 969 23.79 -20.60 94.12
CA ARG A 969 24.98 -19.78 94.02
C ARG A 969 25.98 -20.37 93.03
N ALA A 970 26.12 -21.70 93.03
CA ALA A 970 27.00 -22.32 92.05
C ALA A 970 26.57 -21.99 90.62
N LEU A 971 25.26 -22.06 90.35
CA LEU A 971 24.78 -21.70 89.02
C LEU A 971 25.07 -20.24 88.69
N TRP A 972 24.84 -19.34 89.65
CA TRP A 972 25.14 -17.93 89.39
C TRP A 972 26.60 -17.74 88.99
N SER A 973 27.52 -18.37 89.74
CA SER A 973 28.94 -18.21 89.44
C SER A 973 29.28 -18.72 88.04
N ALA A 974 28.84 -19.95 87.73
CA ALA A 974 29.14 -20.51 86.42
C ALA A 974 28.56 -19.66 85.31
N TYR A 975 27.36 -19.11 85.52
CA TYR A 975 26.76 -18.27 84.49
C TYR A 975 27.56 -17.00 84.30
N LEU A 976 27.96 -16.36 85.39
CA LEU A 976 28.67 -15.08 85.26
C LEU A 976 29.93 -15.26 84.43
N GLU A 977 30.67 -16.34 84.69
CA GLU A 977 31.90 -16.59 83.93
C GLU A 977 31.60 -16.92 82.48
N VAL A 978 30.69 -17.87 82.23
CA VAL A 978 30.32 -18.21 80.85
C VAL A 978 29.76 -17.01 80.11
N ALA A 979 29.15 -16.06 80.86
CA ALA A 979 28.59 -14.86 80.25
C ALA A 979 29.70 -13.94 79.78
N ASP A 980 30.68 -13.67 80.66
CA ASP A 980 31.80 -12.90 80.16
C ASP A 980 32.58 -13.65 79.07
N LYS A 981 32.28 -14.93 78.80
CA LYS A 981 32.82 -15.60 77.61
C LYS A 981 31.89 -15.63 76.42
N ILE A 982 30.58 -15.44 76.64
CA ILE A 982 29.55 -15.55 75.61
C ILE A 982 28.99 -14.16 75.38
N HIS A 983 29.21 -13.61 74.18
CA HIS A 983 28.73 -12.27 73.84
C HIS A 983 28.12 -12.33 72.45
N PRO A 984 27.14 -11.47 72.14
CA PRO A 984 26.73 -11.32 70.74
C PRO A 984 27.95 -10.95 69.94
N GLY A 985 28.23 -11.74 68.91
CA GLY A 985 29.46 -11.65 68.17
C GLY A 985 30.46 -12.78 68.40
N VAL A 986 30.23 -13.74 69.29
CA VAL A 986 31.17 -14.85 69.41
C VAL A 986 31.02 -15.82 68.23
N ASP A 987 32.05 -16.62 68.02
CA ASP A 987 31.98 -17.78 67.15
C ASP A 987 31.20 -18.89 67.84
N ILE A 988 30.89 -19.94 67.09
CA ILE A 988 30.06 -21.00 67.64
C ILE A 988 30.87 -21.94 68.53
N LYS A 989 32.16 -22.11 68.24
CA LYS A 989 33.03 -22.94 69.06
C LYS A 989 33.09 -22.43 70.50
N ALA A 990 33.33 -21.11 70.65
CA ALA A 990 33.31 -20.52 71.99
C ALA A 990 31.94 -20.68 72.64
N PHE A 991 30.86 -20.51 71.86
CA PHE A 991 29.51 -20.70 72.38
C PHE A 991 29.35 -22.09 72.98
N ALA A 992 29.61 -23.12 72.17
CA ALA A 992 29.52 -24.50 72.64
C ALA A 992 30.36 -24.74 73.88
N ASP A 993 31.64 -24.33 73.83
CA ASP A 993 32.59 -24.70 74.89
C ASP A 993 32.23 -24.04 76.21
N ALA A 994 31.84 -22.75 76.16
CA ALA A 994 31.41 -22.09 77.40
C ALA A 994 30.11 -22.69 77.91
N SER A 995 29.12 -22.93 77.03
CA SER A 995 27.85 -23.49 77.49
C SER A 995 28.05 -24.84 78.16
N LEU A 996 29.05 -25.61 77.70
CA LEU A 996 29.37 -26.88 78.33
C LEU A 996 29.60 -26.73 79.83
N GLU A 997 30.17 -25.59 80.27
CA GLU A 997 30.42 -25.31 81.67
C GLU A 997 29.15 -25.09 82.48
N LEU A 998 27.99 -24.99 81.81
CA LEU A 998 26.71 -24.85 82.49
C LEU A 998 25.99 -26.18 82.67
N LEU A 999 26.43 -27.23 81.97
CA LEU A 999 25.68 -28.48 81.94
C LEU A 999 25.48 -29.04 83.34
N GLN A 1000 26.59 -29.33 84.05
CA GLN A 1000 26.47 -29.90 85.39
C GLN A 1000 25.83 -28.92 86.38
N PRO A 1001 26.22 -27.64 86.42
CA PRO A 1001 25.53 -26.70 87.32
C PRO A 1001 24.01 -26.69 87.13
N LEU A 1002 23.55 -26.73 85.88
CA LEU A 1002 22.12 -26.68 85.62
C LEU A 1002 21.44 -27.96 86.07
N GLU A 1003 22.06 -29.12 85.80
CA GLU A 1003 21.52 -30.38 86.30
C GLU A 1003 21.35 -30.34 87.82
N ASP A 1004 22.38 -29.90 88.53
CA ASP A 1004 22.30 -29.89 89.99
C ASP A 1004 21.25 -28.90 90.47
N PHE A 1005 21.14 -27.75 89.80
CA PHE A 1005 20.12 -26.77 90.16
C PHE A 1005 18.72 -27.34 89.95
N PHE A 1006 18.52 -28.13 88.89
CA PHE A 1006 17.18 -28.64 88.60
C PHE A 1006 16.82 -29.80 89.53
N THR A 1007 17.79 -30.66 89.86
CA THR A 1007 17.47 -31.76 90.76
C THR A 1007 17.34 -31.31 92.21
N ASN A 1008 18.02 -30.25 92.63
CA ASN A 1008 18.06 -29.90 94.04
C ASN A 1008 17.36 -28.58 94.38
N VAL A 1009 16.93 -27.81 93.40
CA VAL A 1009 16.31 -26.52 93.64
C VAL A 1009 14.94 -26.49 92.97
N PHE A 1010 13.98 -25.86 93.63
CA PHE A 1010 12.59 -25.83 93.21
C PHE A 1010 12.25 -24.43 92.73
N VAL A 1011 12.01 -24.30 91.43
CA VAL A 1011 11.74 -22.99 90.86
C VAL A 1011 10.37 -22.49 91.26
N MET A 1012 9.35 -23.36 91.22
CA MET A 1012 7.97 -22.92 91.45
C MET A 1012 7.72 -22.72 92.94
N ALA A 1013 8.70 -22.13 93.63
CA ALA A 1013 8.64 -22.01 95.08
C ALA A 1013 7.48 -21.12 95.50
N GLU A 1014 7.13 -21.23 96.80
CA GLU A 1014 6.02 -20.46 97.35
C GLU A 1014 6.39 -19.00 97.48
N ASP A 1015 7.49 -18.69 98.19
CA ASP A 1015 7.98 -17.32 98.32
C ASP A 1015 8.10 -16.70 96.94
N GLU A 1016 7.31 -15.65 96.69
CA GLU A 1016 7.27 -15.06 95.35
C GLU A 1016 8.61 -14.47 94.96
N LYS A 1017 9.27 -13.77 95.89
CA LYS A 1017 10.56 -13.16 95.56
C LYS A 1017 11.62 -14.22 95.29
N VAL A 1018 11.69 -15.25 96.13
CA VAL A 1018 12.63 -16.34 95.90
C VAL A 1018 12.37 -17.00 94.55
N ARG A 1019 11.09 -17.26 94.24
CA ARG A 1019 10.74 -17.92 92.98
C ARG A 1019 11.09 -17.05 91.78
N ASN A 1020 10.66 -15.77 91.80
CA ASN A 1020 10.96 -14.86 90.69
C ASN A 1020 12.45 -14.62 90.54
N ASN A 1021 13.20 -14.73 91.64
CA ASN A 1021 14.65 -14.65 91.55
C ASN A 1021 15.23 -15.85 90.80
N ARG A 1022 14.79 -17.06 91.18
CA ARG A 1022 15.20 -18.26 90.44
C ARG A 1022 14.80 -18.16 88.97
N LEU A 1023 13.62 -17.61 88.71
CA LEU A 1023 13.16 -17.45 87.33
C LEU A 1023 14.07 -16.49 86.58
N ALA A 1024 14.48 -15.39 87.22
CA ALA A 1024 15.38 -14.43 86.59
C ALA A 1024 16.72 -15.08 86.26
N LEU A 1025 17.23 -15.91 87.16
CA LEU A 1025 18.48 -16.63 86.88
C LEU A 1025 18.31 -17.54 85.66
N LEU A 1026 17.21 -18.29 85.62
CA LEU A 1026 16.94 -19.12 84.45
C LEU A 1026 16.84 -18.28 83.18
N THR A 1027 16.31 -17.06 83.30
CA THR A 1027 16.18 -16.18 82.15
C THR A 1027 17.55 -15.71 81.65
N LYS A 1028 18.44 -15.36 82.58
CA LYS A 1028 19.81 -15.01 82.18
C LYS A 1028 20.46 -16.18 81.44
N VAL A 1029 20.24 -17.40 81.92
CA VAL A 1029 20.82 -18.56 81.25
C VAL A 1029 20.23 -18.71 79.85
N ALA A 1030 18.92 -18.59 79.71
CA ALA A 1030 18.28 -18.77 78.41
C ALA A 1030 18.48 -17.59 77.47
N SER A 1031 19.01 -16.46 77.97
CA SER A 1031 19.24 -15.29 77.14
C SER A 1031 20.68 -15.19 76.64
N LEU A 1032 21.52 -16.17 76.97
CA LEU A 1032 22.88 -16.19 76.43
C LEU A 1032 22.92 -16.33 74.91
N PRO A 1033 22.11 -17.19 74.27
CA PRO A 1033 22.25 -17.35 72.80
C PRO A 1033 21.81 -16.15 71.98
N LYS A 1034 21.19 -15.13 72.59
CA LYS A 1034 20.66 -14.02 71.81
C LYS A 1034 21.78 -13.28 71.09
N GLY A 1035 21.60 -13.04 69.80
CA GLY A 1035 22.63 -12.51 68.95
C GLY A 1035 23.48 -13.55 68.27
N ILE A 1036 23.50 -14.77 68.80
CA ILE A 1036 24.27 -15.86 68.22
C ILE A 1036 23.39 -16.76 67.36
N ALA A 1037 22.29 -17.24 67.92
CA ALA A 1037 21.32 -18.08 67.20
C ALA A 1037 20.09 -18.27 68.06
N ASP A 1038 18.93 -18.35 67.41
CA ASP A 1038 17.68 -18.70 68.09
C ASP A 1038 17.57 -20.21 68.06
N LEU A 1039 17.85 -20.85 69.20
CA LEU A 1039 17.87 -22.30 69.29
C LEU A 1039 16.48 -22.92 69.33
N SER A 1040 15.45 -22.11 69.53
CA SER A 1040 14.08 -22.64 69.65
C SER A 1040 13.59 -23.29 68.38
N VAL A 1041 14.16 -22.92 67.22
CA VAL A 1041 13.76 -23.52 65.95
C VAL A 1041 14.54 -24.78 65.66
N LEU A 1042 15.54 -25.10 66.47
CA LEU A 1042 16.42 -26.22 66.19
C LEU A 1042 15.71 -27.55 66.44
N PRO A 1043 16.18 -28.64 65.79
CA PRO A 1043 15.64 -29.97 66.10
C PRO A 1043 15.96 -30.37 67.54
N GLY A 1044 14.98 -30.34 68.42
CA GLY A 1044 15.17 -30.73 69.80
C GLY A 1044 14.59 -29.75 70.79
N PHE A 1045 14.45 -28.50 70.38
CA PHE A 1045 13.90 -27.47 71.26
C PHE A 1045 12.38 -27.56 71.29
N SER B 47 -8.25 -25.33 -16.65
CA SER B 47 -8.51 -24.25 -15.71
C SER B 47 -7.99 -22.92 -16.23
N VAL B 48 -8.84 -21.89 -16.19
CA VAL B 48 -8.51 -20.59 -16.73
C VAL B 48 -7.65 -19.83 -15.72
N LEU B 49 -7.10 -18.71 -16.16
CA LEU B 49 -6.12 -17.95 -15.40
C LEU B 49 -6.69 -17.41 -14.09
N THR B 50 -5.88 -17.49 -13.03
CA THR B 50 -6.26 -16.88 -11.76
C THR B 50 -5.72 -15.46 -11.66
N PHE B 51 -6.33 -14.69 -10.76
CA PHE B 51 -5.94 -13.30 -10.53
C PHE B 51 -4.43 -13.19 -10.27
N GLN B 52 -3.93 -13.95 -9.30
CA GLN B 52 -2.52 -13.84 -8.99
C GLN B 52 -1.65 -14.40 -10.12
N GLN B 53 -2.15 -15.37 -10.88
CA GLN B 53 -1.44 -15.79 -12.08
C GLN B 53 -1.31 -14.63 -13.07
N ALA B 54 -2.39 -13.86 -13.27
CA ALA B 54 -2.32 -12.70 -14.15
C ALA B 54 -1.26 -11.72 -13.69
N ILE B 55 -1.22 -11.44 -12.38
CA ILE B 55 -0.21 -10.53 -11.85
C ILE B 55 1.19 -11.05 -12.16
N GLN B 56 1.44 -12.32 -11.84
CA GLN B 56 2.75 -12.91 -12.06
C GLN B 56 3.16 -12.84 -13.53
N ARG B 57 2.22 -13.13 -14.43
CA ARG B 57 2.54 -13.15 -15.86
C ARG B 57 2.81 -11.75 -16.39
N LEU B 58 2.03 -10.77 -15.96
CA LEU B 58 2.28 -9.39 -16.41
C LEU B 58 3.63 -8.89 -15.91
N GLN B 59 4.00 -9.23 -14.67
CA GLN B 59 5.29 -8.82 -14.13
C GLN B 59 6.43 -9.48 -14.88
N ASP B 60 6.33 -10.79 -15.13
CA ASP B 60 7.36 -11.47 -15.91
C ASP B 60 7.48 -10.88 -17.31
N TYR B 61 6.33 -10.66 -17.97
CA TYR B 61 6.37 -10.12 -19.32
C TYR B 61 7.07 -8.76 -19.35
N TRP B 62 6.58 -7.80 -18.57
CA TRP B 62 7.15 -6.47 -18.68
C TRP B 62 8.57 -6.40 -18.14
N ALA B 63 8.97 -7.31 -17.24
CA ALA B 63 10.37 -7.38 -16.85
C ALA B 63 11.23 -7.86 -18.01
N SER B 64 10.73 -8.81 -18.80
CA SER B 64 11.48 -9.27 -19.97
C SER B 64 11.65 -8.17 -21.02
N VAL B 65 10.85 -7.11 -20.95
CA VAL B 65 10.97 -6.01 -21.92
C VAL B 65 11.86 -4.89 -21.38
N GLY B 66 12.37 -5.04 -20.17
CA GLY B 66 13.28 -4.05 -19.60
C GLY B 66 12.68 -3.15 -18.55
N CYS B 67 11.49 -3.46 -18.04
CA CYS B 67 10.92 -2.68 -16.97
C CYS B 67 11.49 -3.12 -15.63
N ALA B 68 11.39 -2.21 -14.66
CA ALA B 68 11.65 -2.53 -13.27
C ALA B 68 10.29 -2.80 -12.60
N VAL B 69 10.15 -3.98 -12.01
CA VAL B 69 8.92 -4.33 -11.31
C VAL B 69 9.02 -3.75 -9.90
N MET B 70 8.20 -2.74 -9.64
CA MET B 70 8.24 -2.02 -8.38
C MET B 70 7.10 -2.46 -7.46
N GLN B 71 6.93 -1.75 -6.37
CA GLN B 71 5.91 -2.01 -5.38
C GLN B 71 4.89 -0.88 -5.40
N CYS B 72 3.71 -1.16 -4.83
CA CYS B 72 2.66 -0.16 -4.85
C CYS B 72 2.94 0.93 -3.83
N SER B 73 2.21 2.03 -3.96
CA SER B 73 2.28 3.09 -2.97
C SER B 73 1.83 2.56 -1.62
N ASN B 74 2.60 2.86 -0.58
CA ASN B 74 2.17 2.61 0.78
C ASN B 74 1.43 3.82 1.36
N THR B 75 0.89 4.67 0.50
CA THR B 75 -0.08 5.69 0.88
C THR B 75 -1.18 5.67 -0.19
N GLU B 76 -2.42 5.95 0.22
CA GLU B 76 -3.58 5.66 -0.60
C GLU B 76 -3.62 6.53 -1.86
N VAL B 77 -3.67 5.89 -3.03
CA VAL B 77 -3.78 6.57 -4.31
C VAL B 77 -5.05 6.10 -5.03
N GLY B 78 -5.62 7.00 -5.83
CA GLY B 78 -6.76 6.65 -6.66
C GLY B 78 -6.44 5.92 -7.95
N ALA B 79 -5.17 5.86 -8.32
CA ALA B 79 -4.72 5.21 -9.55
C ALA B 79 -3.20 5.08 -9.50
N GLY B 80 -2.67 4.15 -10.27
CA GLY B 80 -1.23 4.05 -10.42
C GLY B 80 -0.59 5.31 -10.98
N THR B 81 -1.37 6.14 -11.68
CA THR B 81 -0.84 7.39 -12.22
C THR B 81 -0.40 8.33 -11.12
N MET B 82 -1.12 8.34 -9.99
CA MET B 82 -0.75 9.23 -8.89
C MET B 82 0.48 8.74 -8.14
N ASN B 83 0.89 7.49 -8.34
CA ASN B 83 2.09 7.01 -7.70
C ASN B 83 3.28 7.85 -8.14
N PRO B 84 4.18 8.23 -7.22
CA PRO B 84 5.37 8.98 -7.63
C PRO B 84 6.15 8.32 -8.74
N LEU B 85 6.13 6.98 -8.80
CA LEU B 85 6.77 6.28 -9.91
C LEU B 85 6.21 6.68 -11.26
N THR B 86 5.01 7.25 -11.31
CA THR B 86 4.45 7.82 -12.53
C THR B 86 4.50 9.35 -12.52
N PHE B 87 3.81 9.99 -11.57
CA PHE B 87 3.62 11.44 -11.64
C PHE B 87 4.95 12.19 -11.64
N LEU B 88 5.90 11.76 -10.82
CA LEU B 88 7.19 12.44 -10.79
C LEU B 88 8.11 11.97 -11.91
N ARG B 89 8.15 10.66 -12.15
CA ARG B 89 9.18 10.12 -13.05
C ARG B 89 8.91 10.38 -14.52
N VAL B 90 7.70 10.82 -14.90
CA VAL B 90 7.52 11.22 -16.28
C VAL B 90 8.21 12.55 -16.56
N LEU B 91 8.42 13.36 -15.52
CA LEU B 91 9.04 14.66 -15.65
C LEU B 91 10.52 14.51 -16.02
N GLY B 92 11.07 15.58 -16.60
CA GLY B 92 12.45 15.61 -17.02
C GLY B 92 12.74 14.68 -18.18
N PRO B 93 14.02 14.57 -18.55
CA PRO B 93 14.38 13.79 -19.74
C PRO B 93 14.87 12.38 -19.46
N GLU B 94 15.02 12.01 -18.19
CA GLU B 94 15.58 10.70 -17.87
C GLU B 94 14.62 9.59 -18.32
N PRO B 95 15.13 8.51 -18.89
CA PRO B 95 14.26 7.39 -19.28
C PRO B 95 13.72 6.68 -18.05
N TRP B 96 12.58 6.03 -18.24
CA TRP B 96 11.87 5.41 -17.12
C TRP B 96 10.99 4.30 -17.69
N ASN B 97 11.33 3.05 -17.36
CA ASN B 97 10.55 1.89 -17.79
C ASN B 97 10.21 1.04 -16.56
N VAL B 98 8.96 1.13 -16.11
CA VAL B 98 8.58 0.52 -14.85
C VAL B 98 7.24 -0.19 -14.98
N ALA B 99 6.98 -1.12 -14.06
CA ALA B 99 5.72 -1.83 -14.00
C ALA B 99 5.44 -2.19 -12.54
N TYR B 100 4.19 -2.01 -12.12
CA TYR B 100 3.87 -2.30 -10.73
C TYR B 100 2.36 -2.45 -10.54
N VAL B 101 2.00 -3.32 -9.61
CA VAL B 101 0.62 -3.43 -9.17
C VAL B 101 0.27 -2.21 -8.33
N GLU B 102 -0.97 -1.72 -8.48
CA GLU B 102 -1.43 -0.60 -7.67
C GLU B 102 -2.86 -0.83 -7.23
N PRO B 103 -3.10 -1.06 -5.93
CA PRO B 103 -4.48 -0.93 -5.41
C PRO B 103 -4.89 0.53 -5.48
N SER B 104 -5.95 0.77 -6.25
CA SER B 104 -6.48 2.11 -6.49
C SER B 104 -7.76 2.28 -5.70
N ILE B 105 -7.82 3.34 -4.91
CA ILE B 105 -8.89 3.59 -3.96
C ILE B 105 -9.67 4.79 -4.45
N ARG B 106 -10.92 4.56 -4.85
CA ARG B 106 -11.82 5.64 -5.27
C ARG B 106 -13.03 5.57 -4.34
N PRO B 107 -13.02 6.33 -3.24
CA PRO B 107 -14.13 6.27 -2.27
C PRO B 107 -15.50 6.52 -2.89
N ASP B 108 -15.56 7.23 -4.02
CA ASP B 108 -16.84 7.52 -4.66
C ASP B 108 -17.51 6.25 -5.20
N ASP B 109 -16.74 5.20 -5.48
CA ASP B 109 -17.27 3.97 -6.04
C ASP B 109 -17.73 2.98 -4.98
N SER B 110 -17.91 3.41 -3.73
CA SER B 110 -18.28 2.49 -2.66
C SER B 110 -19.70 1.98 -2.87
N ARG B 111 -19.83 0.67 -3.12
CA ARG B 111 -21.14 0.04 -3.25
C ARG B 111 -21.35 -1.09 -2.25
N TYR B 112 -20.55 -1.14 -1.19
CA TYR B 112 -20.65 -2.19 -0.17
C TYR B 112 -20.50 -3.59 -0.77
N GLY B 113 -19.85 -3.71 -1.92
CA GLY B 113 -19.79 -5.00 -2.58
C GLY B 113 -21.10 -5.47 -3.18
N ASP B 114 -22.15 -4.63 -3.14
CA ASP B 114 -23.47 -5.05 -3.59
C ASP B 114 -23.57 -5.08 -5.11
N ASN B 115 -22.94 -4.14 -5.79
CA ASN B 115 -22.93 -4.13 -7.23
C ASN B 115 -21.89 -5.13 -7.74
N PRO B 116 -22.17 -5.84 -8.83
CA PRO B 116 -21.24 -6.88 -9.28
C PRO B 116 -19.88 -6.37 -9.73
N ASN B 117 -19.74 -5.08 -10.05
CA ASN B 117 -18.53 -4.59 -10.72
C ASN B 117 -17.87 -3.40 -10.04
N ARG B 118 -18.62 -2.65 -9.22
CA ARG B 118 -18.10 -1.38 -8.63
C ARG B 118 -17.30 -1.65 -7.35
N LEU B 119 -16.17 -0.97 -7.20
CA LEU B 119 -15.25 -1.24 -6.12
C LEU B 119 -14.63 0.04 -5.60
N GLN B 120 -14.62 0.21 -4.27
CA GLN B 120 -13.83 1.30 -3.70
C GLN B 120 -12.33 0.98 -3.73
N ARG B 121 -11.95 -0.28 -3.95
CA ARG B 121 -10.56 -0.68 -4.14
C ARG B 121 -10.50 -1.64 -5.31
N HIS B 122 -9.89 -1.23 -6.41
CA HIS B 122 -9.64 -2.16 -7.50
C HIS B 122 -8.14 -2.20 -7.79
N THR B 123 -7.73 -3.15 -8.63
CA THR B 123 -6.31 -3.43 -8.77
C THR B 123 -5.87 -3.11 -10.19
N GLN B 124 -5.12 -2.02 -10.35
CA GLN B 124 -4.52 -1.69 -11.63
C GLN B 124 -3.16 -2.33 -11.75
N PHE B 125 -2.78 -2.63 -12.98
CA PHE B 125 -1.39 -2.95 -13.30
C PHE B 125 -0.87 -1.79 -14.13
N GLN B 126 0.17 -1.12 -13.63
CA GLN B 126 0.62 0.15 -14.16
C GLN B 126 1.95 -0.06 -14.87
N VAL B 127 2.02 0.35 -16.14
CA VAL B 127 3.23 0.25 -16.94
C VAL B 127 3.55 1.62 -17.52
N ILE B 128 4.78 2.07 -17.28
CA ILE B 128 5.28 3.31 -17.86
C ILE B 128 6.46 2.96 -18.75
N LEU B 129 6.43 3.45 -19.99
CA LEU B 129 7.55 3.32 -20.93
C LEU B 129 7.96 4.71 -21.39
N LYS B 130 9.20 5.08 -21.13
CA LYS B 130 9.68 6.42 -21.43
C LYS B 130 11.14 6.35 -21.85
N PRO B 131 11.49 6.78 -23.07
CA PRO B 131 10.58 7.38 -24.05
C PRO B 131 9.71 6.35 -24.76
N ASP B 132 8.81 6.79 -25.63
CA ASP B 132 7.99 5.85 -26.35
C ASP B 132 8.90 4.98 -27.23
N PRO B 133 8.90 3.65 -27.05
CA PRO B 133 9.74 2.80 -27.91
C PRO B 133 9.28 2.75 -29.34
N GLY B 134 8.03 3.13 -29.62
CA GLY B 134 7.50 3.16 -30.96
C GLY B 134 6.55 2.02 -31.29
N ASN B 135 6.69 0.88 -30.60
CA ASN B 135 5.84 -0.29 -30.81
C ASN B 135 5.09 -0.66 -29.54
N SER B 136 4.62 0.37 -28.80
CA SER B 136 3.96 0.14 -27.52
C SER B 136 2.71 -0.71 -27.68
N GLN B 137 1.90 -0.44 -28.70
CA GLN B 137 0.71 -1.26 -28.96
C GLN B 137 1.09 -2.73 -29.12
N ASP B 138 2.17 -3.02 -29.84
CA ASP B 138 2.58 -4.40 -30.04
C ASP B 138 3.07 -5.02 -28.75
N LEU B 139 3.79 -4.24 -27.93
CA LEU B 139 4.24 -4.75 -26.64
C LEU B 139 3.03 -5.09 -25.75
N PHE B 140 1.97 -4.30 -25.85
CA PHE B 140 0.78 -4.59 -25.06
C PHE B 140 0.05 -5.83 -25.56
N LEU B 141 -0.07 -5.99 -26.88
CA LEU B 141 -0.68 -7.21 -27.41
C LEU B 141 0.15 -8.44 -27.04
N HIS B 142 1.48 -8.29 -27.02
CA HIS B 142 2.33 -9.39 -26.57
C HIS B 142 2.11 -9.70 -25.09
N SER B 143 1.91 -8.65 -24.27
CA SER B 143 1.55 -8.87 -22.89
C SER B 143 0.24 -9.66 -22.78
N LEU B 144 -0.74 -9.34 -23.62
CA LEU B 144 -1.99 -10.10 -23.63
C LEU B 144 -1.75 -11.57 -23.94
N SER B 145 -0.94 -11.85 -24.97
CA SER B 145 -0.58 -13.24 -25.25
C SER B 145 0.11 -13.87 -24.06
N ALA B 146 0.97 -13.13 -23.38
CA ALA B 146 1.60 -13.64 -22.17
C ALA B 146 0.57 -14.04 -21.14
N LEU B 147 -0.57 -13.35 -21.10
CA LEU B 147 -1.64 -13.80 -20.23
C LEU B 147 -2.37 -15.04 -20.75
N GLY B 148 -1.88 -15.70 -21.81
CA GLY B 148 -2.60 -16.82 -22.38
C GLY B 148 -3.75 -16.44 -23.29
N ILE B 149 -3.93 -15.16 -23.58
CA ILE B 149 -5.00 -14.71 -24.46
C ILE B 149 -4.56 -14.90 -25.90
N ASN B 150 -5.45 -15.45 -26.73
CA ASN B 150 -5.17 -15.59 -28.16
C ASN B 150 -5.69 -14.34 -28.87
N VAL B 151 -4.78 -13.44 -29.22
CA VAL B 151 -5.19 -12.16 -29.80
C VAL B 151 -5.80 -12.34 -31.18
N ARG B 152 -5.47 -13.42 -31.89
CA ARG B 152 -6.12 -13.69 -33.16
C ARG B 152 -7.59 -14.02 -32.97
N GLU B 153 -7.91 -14.85 -31.98
CA GLU B 153 -9.29 -15.28 -31.77
C GLU B 153 -10.12 -14.22 -31.05
N HIS B 154 -9.49 -13.39 -30.22
CA HIS B 154 -10.23 -12.36 -29.50
C HIS B 154 -10.30 -11.07 -30.31
N ASP B 155 -11.24 -10.22 -29.95
CA ASP B 155 -11.43 -8.94 -30.62
C ASP B 155 -10.87 -7.86 -29.69
N ILE B 156 -9.59 -7.55 -29.86
CA ILE B 156 -8.93 -6.47 -29.13
C ILE B 156 -9.09 -5.20 -29.96
N ARG B 157 -9.64 -4.16 -29.36
CA ARG B 157 -9.93 -2.90 -30.04
C ARG B 157 -9.36 -1.71 -29.27
N PHE B 158 -8.77 -0.77 -30.01
CA PHE B 158 -8.36 0.52 -29.48
C PHE B 158 -9.40 1.56 -29.84
N VAL B 159 -10.20 1.99 -28.87
CA VAL B 159 -11.27 2.95 -29.09
C VAL B 159 -10.91 4.22 -28.34
N GLU B 160 -11.18 5.37 -28.95
CA GLU B 160 -10.73 6.64 -28.40
C GLU B 160 -11.20 6.83 -26.96
N ASP B 161 -10.26 7.22 -26.09
CA ASP B 161 -10.57 7.65 -24.73
C ASP B 161 -9.34 8.42 -24.23
N ASN B 162 -9.51 9.73 -24.04
CA ASN B 162 -8.41 10.61 -23.69
C ASN B 162 -8.40 10.86 -22.18
N TRP B 163 -7.26 10.60 -21.56
CA TRP B 163 -7.15 10.71 -20.11
C TRP B 163 -6.66 12.09 -19.74
N GLU B 164 -7.35 12.73 -18.79
CA GLU B 164 -6.89 13.98 -18.21
C GLU B 164 -7.20 14.02 -16.73
N SER B 165 -6.51 14.90 -16.01
CA SER B 165 -6.64 14.96 -14.55
C SER B 165 -6.43 16.38 -14.04
N PRO B 166 -7.50 17.06 -13.59
CA PRO B 166 -7.31 18.37 -12.96
C PRO B 166 -6.46 18.34 -11.69
N VAL B 167 -6.65 17.33 -10.83
CA VAL B 167 -5.86 17.25 -9.60
C VAL B 167 -4.37 17.20 -9.94
N LEU B 168 -4.00 16.52 -11.02
CA LEU B 168 -2.60 16.34 -11.38
C LEU B 168 -2.13 17.31 -12.46
N GLY B 169 -3.03 18.11 -13.04
CA GLY B 169 -2.66 18.97 -14.14
C GLY B 169 -2.05 18.22 -15.30
N ALA B 170 -2.51 17.00 -15.56
CA ALA B 170 -1.93 16.11 -16.55
C ALA B 170 -2.97 15.73 -17.59
N TRP B 171 -2.49 15.43 -18.80
CA TRP B 171 -3.37 14.91 -19.83
C TRP B 171 -2.54 14.17 -20.87
N GLY B 172 -3.24 13.37 -21.66
CA GLY B 172 -2.64 12.69 -22.79
C GLY B 172 -3.73 12.31 -23.76
N LEU B 173 -3.32 11.68 -24.85
CA LEU B 173 -4.29 11.12 -25.78
C LEU B 173 -4.05 9.64 -25.96
N GLY B 174 -5.11 8.91 -26.26
CA GLY B 174 -4.99 7.49 -26.49
C GLY B 174 -6.32 6.79 -26.56
N TRP B 175 -6.43 5.65 -25.89
CA TRP B 175 -7.55 4.75 -26.08
C TRP B 175 -7.92 4.04 -24.79
N GLU B 176 -9.15 3.54 -24.77
CA GLU B 176 -9.57 2.41 -23.97
C GLU B 176 -9.52 1.17 -24.86
N VAL B 177 -9.05 0.07 -24.30
CA VAL B 177 -8.87 -1.18 -25.03
C VAL B 177 -9.99 -2.13 -24.64
N TRP B 178 -10.78 -2.52 -25.64
CA TRP B 178 -11.85 -3.49 -25.45
C TRP B 178 -11.35 -4.88 -25.79
N MET B 179 -11.56 -5.82 -24.87
CA MET B 179 -11.46 -7.24 -25.16
C MET B 179 -12.89 -7.77 -25.27
N ASP B 180 -13.28 -8.13 -26.49
CA ASP B 180 -14.63 -8.59 -26.78
C ASP B 180 -15.66 -7.71 -26.08
N GLY B 181 -15.47 -6.39 -26.20
CA GLY B 181 -16.41 -5.42 -25.69
C GLY B 181 -16.22 -5.04 -24.23
N MET B 182 -15.23 -5.60 -23.56
CA MET B 182 -14.92 -5.26 -22.17
C MET B 182 -13.74 -4.30 -22.13
N GLU B 183 -13.93 -3.15 -21.46
CA GLU B 183 -12.82 -2.23 -21.21
C GLU B 183 -11.84 -2.87 -20.24
N ILE B 184 -10.61 -3.08 -20.69
CA ILE B 184 -9.60 -3.75 -19.88
C ILE B 184 -8.33 -2.94 -19.69
N THR B 185 -8.09 -1.88 -20.47
CA THR B 185 -6.82 -1.18 -20.39
C THR B 185 -7.00 0.26 -20.88
N GLN B 186 -6.47 1.22 -20.14
CA GLN B 186 -6.31 2.57 -20.65
C GLN B 186 -4.88 2.76 -21.14
N PHE B 187 -4.74 3.36 -22.32
CA PHE B 187 -3.49 3.40 -23.06
C PHE B 187 -3.29 4.84 -23.50
N THR B 188 -2.22 5.47 -23.05
CA THR B 188 -2.12 6.92 -23.17
C THR B 188 -0.72 7.36 -23.53
N TYR B 189 -0.61 8.25 -24.52
CA TYR B 189 0.59 9.04 -24.74
C TYR B 189 0.46 10.28 -23.88
N PHE B 190 1.29 10.36 -22.84
CA PHE B 190 1.25 11.47 -21.88
C PHE B 190 1.86 12.70 -22.52
N GLN B 191 1.10 13.80 -22.57
CA GLN B 191 1.61 15.03 -23.14
C GLN B 191 2.07 16.01 -22.08
N GLN B 192 1.47 15.99 -20.90
CA GLN B 192 1.70 17.02 -19.90
C GLN B 192 1.41 16.45 -18.53
N SER B 193 2.25 16.79 -17.55
CA SER B 193 2.04 16.33 -16.18
C SER B 193 2.50 17.41 -15.22
N GLY B 194 1.76 17.57 -14.11
CA GLY B 194 2.02 18.69 -13.22
C GLY B 194 1.99 20.02 -13.92
N SER B 195 1.05 20.17 -14.85
CA SER B 195 0.93 21.36 -15.70
C SER B 195 2.21 21.68 -16.45
N LEU B 196 3.10 20.70 -16.62
CA LEU B 196 4.34 20.86 -17.34
C LEU B 196 4.32 20.04 -18.63
N PRO B 197 4.75 20.61 -19.75
CA PRO B 197 4.82 19.82 -20.98
C PRO B 197 5.91 18.77 -20.87
N LEU B 198 5.65 17.60 -21.45
CA LEU B 198 6.50 16.44 -21.25
C LEU B 198 7.42 16.22 -22.46
N LEU B 199 8.66 15.86 -22.16
CA LEU B 199 9.68 15.55 -23.16
C LEU B 199 10.78 14.73 -22.50
N PRO B 200 10.95 13.46 -22.88
CA PRO B 200 10.20 12.76 -23.92
C PRO B 200 8.80 12.38 -23.49
N VAL B 201 7.92 12.10 -24.46
CA VAL B 201 6.57 11.64 -24.14
C VAL B 201 6.64 10.21 -23.62
N SER B 202 5.92 9.93 -22.54
CA SER B 202 5.81 8.59 -22.00
C SER B 202 4.53 7.91 -22.45
N VAL B 203 4.57 6.58 -22.48
CA VAL B 203 3.39 5.75 -22.72
C VAL B 203 2.98 5.13 -21.41
N GLU B 204 1.70 5.28 -21.06
CA GLU B 204 1.10 4.66 -19.87
C GLU B 204 0.12 3.59 -20.31
N ILE B 205 0.36 2.36 -19.87
CA ILE B 205 -0.53 1.24 -20.09
C ILE B 205 -1.05 0.82 -18.72
N THR B 206 -2.35 0.99 -18.49
CA THR B 206 -2.97 0.72 -17.20
C THR B 206 -4.02 -0.37 -17.40
N TYR B 207 -3.81 -1.52 -16.77
CA TYR B 207 -4.76 -2.62 -16.84
C TYR B 207 -5.68 -2.57 -15.64
N GLY B 208 -6.95 -2.90 -15.86
CA GLY B 208 -7.87 -3.20 -14.78
C GLY B 208 -8.00 -4.70 -14.61
N LEU B 209 -7.33 -5.24 -13.57
CA LEU B 209 -7.21 -6.69 -13.44
C LEU B 209 -8.55 -7.35 -13.11
N GLU B 210 -9.38 -6.71 -12.28
CA GLU B 210 -10.69 -7.27 -12.01
C GLU B 210 -11.49 -7.44 -13.30
N ARG B 211 -11.45 -6.44 -14.17
CA ARG B 211 -12.17 -6.49 -15.43
C ARG B 211 -11.65 -7.62 -16.31
N ILE B 212 -10.32 -7.73 -16.42
CA ILE B 212 -9.73 -8.76 -17.28
C ILE B 212 -10.10 -10.14 -16.77
N LEU B 213 -9.99 -10.36 -15.46
CA LEU B 213 -10.29 -11.68 -14.92
C LEU B 213 -11.77 -12.02 -15.05
N MET B 214 -12.64 -11.05 -14.79
CA MET B 214 -14.08 -11.28 -14.97
C MET B 214 -14.38 -11.66 -16.41
N SER B 215 -13.66 -11.08 -17.37
CA SER B 215 -13.94 -11.41 -18.77
C SER B 215 -13.34 -12.76 -19.15
N LEU B 216 -12.16 -13.10 -18.64
CA LEU B 216 -11.54 -14.36 -19.02
C LEU B 216 -12.17 -15.57 -18.33
N GLN B 217 -12.49 -15.44 -17.04
CA GLN B 217 -13.14 -16.52 -16.31
C GLN B 217 -14.64 -16.58 -16.56
N GLY B 218 -15.23 -15.53 -17.12
CA GLY B 218 -16.65 -15.52 -17.37
C GLY B 218 -17.51 -15.50 -16.12
N VAL B 219 -17.08 -14.82 -15.08
CA VAL B 219 -17.90 -14.67 -13.89
C VAL B 219 -18.67 -13.36 -14.00
N ASP B 220 -19.86 -13.34 -13.41
CA ASP B 220 -20.74 -12.18 -13.47
C ASP B 220 -20.61 -11.25 -12.27
N HIS B 221 -19.90 -11.67 -11.23
CA HIS B 221 -19.72 -10.88 -10.02
C HIS B 221 -18.26 -10.99 -9.59
N PHE B 222 -17.69 -9.87 -9.14
CA PHE B 222 -16.28 -9.86 -8.76
C PHE B 222 -16.00 -10.78 -7.59
N LYS B 223 -16.97 -10.97 -6.69
CA LYS B 223 -16.77 -11.82 -5.53
C LYS B 223 -16.38 -13.23 -5.93
N ASN B 224 -16.74 -13.67 -7.13
CA ASN B 224 -16.50 -15.04 -7.56
C ASN B 224 -15.34 -15.16 -8.54
N ILE B 225 -14.52 -14.11 -8.69
CA ILE B 225 -13.26 -14.26 -9.41
C ILE B 225 -12.39 -15.26 -8.67
N GLN B 226 -11.79 -16.18 -9.41
CA GLN B 226 -10.82 -17.10 -8.81
C GLN B 226 -9.52 -16.32 -8.57
N TYR B 227 -9.25 -16.01 -7.30
CA TYR B 227 -7.99 -15.36 -6.96
C TYR B 227 -6.83 -16.35 -7.01
N THR B 228 -6.98 -17.48 -6.32
CA THR B 228 -6.10 -18.62 -6.50
C THR B 228 -6.97 -19.87 -6.30
N LYS B 229 -6.40 -21.03 -6.57
CA LYS B 229 -7.18 -22.27 -6.47
C LYS B 229 -7.73 -22.43 -5.06
N GLY B 230 -9.05 -22.56 -4.96
CA GLY B 230 -9.71 -22.71 -3.69
C GLY B 230 -10.10 -21.43 -3.00
N ILE B 231 -9.60 -20.29 -3.45
CA ILE B 231 -9.89 -19.00 -2.82
C ILE B 231 -10.41 -18.05 -3.88
N THR B 232 -11.54 -17.40 -3.58
CA THR B 232 -12.09 -16.43 -4.53
C THR B 232 -11.79 -15.00 -4.07
N TYR B 233 -11.87 -14.08 -5.03
CA TYR B 233 -11.71 -12.66 -4.74
C TYR B 233 -12.62 -12.23 -3.59
N GLY B 234 -13.85 -12.73 -3.57
CA GLY B 234 -14.78 -12.35 -2.53
C GLY B 234 -14.33 -12.79 -1.14
N GLU B 235 -13.84 -14.01 -1.03
CA GLU B 235 -13.34 -14.51 0.26
C GLU B 235 -12.28 -13.59 0.84
N LEU B 236 -11.50 -12.93 0.00
CA LEU B 236 -10.46 -12.03 0.48
C LEU B 236 -10.97 -10.61 0.68
N PHE B 237 -11.86 -10.13 -0.20
CA PHE B 237 -12.08 -8.69 -0.32
C PHE B 237 -13.52 -8.22 -0.13
N LEU B 238 -14.51 -9.12 -0.02
CA LEU B 238 -15.89 -8.66 0.10
C LEU B 238 -16.12 -7.91 1.40
N GLU B 239 -15.58 -8.42 2.51
CA GLU B 239 -15.77 -7.76 3.80
C GLU B 239 -15.06 -6.41 3.83
N ASN B 240 -13.88 -6.34 3.19
CA ASN B 240 -13.21 -5.05 3.02
C ASN B 240 -14.09 -4.08 2.26
N GLU B 241 -14.63 -4.51 1.12
CA GLU B 241 -15.52 -3.65 0.35
C GLU B 241 -16.68 -3.16 1.21
N LYS B 242 -17.28 -4.07 2.00
CA LYS B 242 -18.42 -3.71 2.84
C LYS B 242 -18.06 -2.62 3.84
N GLU B 243 -17.05 -2.87 4.67
CA GLU B 243 -16.74 -1.95 5.75
C GLU B 243 -16.13 -0.66 5.25
N MET B 244 -15.27 -0.72 4.22
CA MET B 244 -14.69 0.51 3.70
C MET B 244 -15.74 1.38 3.04
N SER B 245 -16.76 0.77 2.41
CA SER B 245 -17.88 1.55 1.91
C SER B 245 -18.63 2.23 3.05
N ALA B 246 -18.91 1.49 4.13
CA ALA B 246 -19.56 2.12 5.28
C ALA B 246 -18.75 3.32 5.77
N TYR B 247 -17.42 3.18 5.83
CA TYR B 247 -16.57 4.28 6.30
C TYR B 247 -16.63 5.47 5.35
N TYR B 248 -16.45 5.23 4.06
CA TYR B 248 -16.34 6.33 3.10
C TYR B 248 -17.66 7.05 2.91
N LEU B 249 -18.78 6.34 3.00
CA LEU B 249 -20.08 6.94 2.71
C LEU B 249 -20.81 7.46 3.93
N GLU B 250 -20.56 6.91 5.13
CA GLU B 250 -21.41 7.27 6.27
C GLU B 250 -20.69 7.73 7.53
N HIS B 251 -19.53 7.17 7.85
CA HIS B 251 -18.97 7.34 9.19
C HIS B 251 -17.74 8.23 9.28
N ALA B 252 -17.01 8.44 8.18
CA ALA B 252 -15.77 9.21 8.26
C ALA B 252 -16.03 10.60 8.80
N ASN B 253 -15.22 11.03 9.77
CA ASN B 253 -15.37 12.35 10.38
C ASN B 253 -14.94 13.40 9.36
N VAL B 254 -15.92 14.15 8.84
CA VAL B 254 -15.62 15.10 7.77
C VAL B 254 -14.88 16.32 8.31
N ASP B 255 -15.18 16.75 9.53
CA ASP B 255 -14.53 17.94 10.08
C ASP B 255 -13.04 17.72 10.26
N ASN B 256 -12.66 16.63 10.95
CA ASN B 256 -11.25 16.32 11.14
C ASN B 256 -10.55 16.11 9.79
N ILE B 257 -11.25 15.53 8.82
CA ILE B 257 -10.60 15.23 7.54
C ILE B 257 -10.40 16.51 6.73
N GLN B 258 -11.30 17.49 6.87
CA GLN B 258 -11.09 18.79 6.24
C GLN B 258 -9.89 19.50 6.86
N LYS B 259 -9.83 19.54 8.19
CA LYS B 259 -8.68 20.16 8.84
C LYS B 259 -7.39 19.41 8.53
N HIS B 260 -7.47 18.09 8.34
CA HIS B 260 -6.28 17.33 7.94
C HIS B 260 -5.85 17.69 6.53
N PHE B 261 -6.82 17.90 5.64
CA PHE B 261 -6.51 18.40 4.30
C PHE B 261 -5.70 19.70 4.40
N ASP B 262 -6.14 20.59 5.29
CA ASP B 262 -5.41 21.85 5.47
C ASP B 262 -4.00 21.62 6.00
N ASP B 263 -3.86 20.74 7.02
CA ASP B 263 -2.54 20.43 7.55
C ASP B 263 -1.62 19.87 6.46
N PHE B 264 -2.18 19.03 5.59
CA PHE B 264 -1.37 18.45 4.51
C PHE B 264 -0.95 19.50 3.51
N GLU B 265 -1.85 20.45 3.19
CA GLU B 265 -1.45 21.55 2.32
C GLU B 265 -0.30 22.34 2.94
N GLU B 266 -0.43 22.69 4.23
CA GLU B 266 0.60 23.50 4.87
C GLU B 266 1.93 22.75 4.91
N GLU B 267 1.90 21.46 5.22
CA GLU B 267 3.14 20.69 5.25
C GLU B 267 3.73 20.53 3.86
N ALA B 268 2.88 20.39 2.83
CA ALA B 268 3.38 20.31 1.46
C ALA B 268 4.10 21.60 1.05
N ARG B 269 3.48 22.74 1.36
CA ARG B 269 4.13 24.03 1.08
C ARG B 269 5.45 24.15 1.82
N SER B 270 5.43 23.84 3.12
CA SER B 270 6.65 23.87 3.93
C SER B 270 7.75 23.02 3.32
N LEU B 271 7.42 21.78 2.93
CA LEU B 271 8.44 20.88 2.42
C LEU B 271 8.95 21.33 1.05
N LEU B 272 8.05 21.86 0.21
CA LEU B 272 8.49 22.43 -1.07
C LEU B 272 9.50 23.55 -0.83
N SER B 273 9.18 24.47 0.09
CA SER B 273 10.10 25.55 0.41
C SER B 273 11.41 25.05 1.01
N LEU B 274 11.45 23.80 1.48
CA LEU B 274 12.69 23.19 1.95
C LEU B 274 13.39 22.37 0.87
N TRP B 275 12.93 22.46 -0.38
CA TRP B 275 13.51 21.73 -1.51
C TRP B 275 13.49 20.22 -1.27
N LEU B 276 12.34 19.72 -0.82
CA LEU B 276 12.15 18.29 -0.56
C LEU B 276 10.89 17.82 -1.30
N PRO B 277 11.01 17.57 -2.61
CA PRO B 277 9.81 17.22 -3.39
C PRO B 277 9.16 15.91 -2.98
N ILE B 278 9.92 14.94 -2.50
CA ILE B 278 9.38 13.60 -2.30
C ILE B 278 8.38 13.59 -1.14
N PRO B 279 8.73 14.05 0.07
CA PRO B 279 7.71 14.16 1.13
C PRO B 279 6.58 15.12 0.77
N ALA B 280 6.87 16.18 0.02
CA ALA B 280 5.83 17.15 -0.32
C ALA B 280 4.76 16.52 -1.20
N TYR B 281 5.18 15.78 -2.23
CA TYR B 281 4.21 15.09 -3.07
C TYR B 281 3.51 13.97 -2.31
N ASP B 282 4.20 13.33 -1.38
CA ASP B 282 3.52 12.41 -0.48
C ASP B 282 2.33 13.11 0.19
N HIS B 283 2.57 14.32 0.68
CA HIS B 283 1.49 15.05 1.34
C HIS B 283 0.42 15.49 0.35
N VAL B 284 0.80 15.73 -0.90
CA VAL B 284 -0.21 16.00 -1.93
C VAL B 284 -1.14 14.81 -2.08
N LEU B 285 -0.58 13.60 -2.13
CA LEU B 285 -1.40 12.39 -2.23
C LEU B 285 -2.32 12.26 -1.03
N LYS B 286 -1.81 12.55 0.16
CA LYS B 286 -2.68 12.49 1.35
C LYS B 286 -3.83 13.50 1.23
N ALA B 287 -3.54 14.71 0.74
CA ALA B 287 -4.60 15.69 0.52
C ALA B 287 -5.65 15.19 -0.46
N SER B 288 -5.20 14.54 -1.54
CA SER B 288 -6.12 14.00 -2.53
C SER B 288 -7.04 12.94 -1.91
N HIS B 289 -6.46 12.03 -1.12
CA HIS B 289 -7.27 10.99 -0.49
C HIS B 289 -8.26 11.61 0.51
N ALA B 290 -7.81 12.60 1.27
CA ALA B 290 -8.70 13.29 2.21
C ALA B 290 -9.87 13.92 1.47
N PHE B 291 -9.58 14.64 0.38
CA PHE B 291 -10.65 15.27 -0.39
C PHE B 291 -11.61 14.21 -0.95
N ASN B 292 -11.06 13.10 -1.45
CA ASN B 292 -11.94 12.06 -1.99
C ASN B 292 -12.88 11.54 -0.92
N ILE B 293 -12.39 11.39 0.32
CA ILE B 293 -13.26 10.94 1.40
C ILE B 293 -14.32 11.99 1.72
N LEU B 294 -13.91 13.27 1.78
CA LEU B 294 -14.90 14.32 2.02
C LEU B 294 -15.96 14.34 0.92
N ASP B 295 -15.55 14.03 -0.30
CA ASP B 295 -16.49 13.95 -1.42
C ASP B 295 -17.47 12.80 -1.23
N SER B 296 -16.95 11.59 -1.03
CA SER B 296 -17.81 10.42 -0.86
C SER B 296 -18.77 10.58 0.30
N ARG B 297 -18.41 11.34 1.33
CA ARG B 297 -19.33 11.65 2.41
C ARG B 297 -20.36 12.71 2.03
N GLY B 298 -20.20 13.33 0.86
CA GLY B 298 -21.14 14.34 0.39
C GLY B 298 -21.04 15.68 1.08
N PHE B 299 -19.81 16.13 1.40
CA PHE B 299 -19.61 17.41 2.05
C PHE B 299 -18.82 18.39 1.20
N VAL B 300 -18.52 18.02 -0.05
CA VAL B 300 -17.99 18.97 -1.02
C VAL B 300 -19.17 19.60 -1.72
N GLY B 301 -19.44 20.87 -1.42
CA GLY B 301 -20.45 21.62 -2.14
C GLY B 301 -20.07 21.80 -3.59
N VAL B 302 -21.01 22.35 -4.36
CA VAL B 302 -20.82 22.38 -5.80
C VAL B 302 -19.83 23.48 -6.21
N THR B 303 -19.68 24.53 -5.41
CA THR B 303 -18.67 25.54 -5.69
C THR B 303 -17.32 25.20 -5.07
N GLU B 304 -17.31 24.52 -3.92
CA GLU B 304 -16.06 24.19 -3.25
C GLU B 304 -15.20 23.24 -4.09
N ARG B 305 -15.83 22.46 -4.97
CA ARG B 305 -15.12 21.42 -5.69
C ARG B 305 -13.97 21.98 -6.50
N ALA B 306 -14.22 23.08 -7.23
CA ALA B 306 -13.20 23.64 -8.09
C ALA B 306 -12.06 24.24 -7.30
N ARG B 307 -12.36 24.87 -6.15
CA ARG B 307 -11.29 25.44 -5.33
C ARG B 307 -10.41 24.34 -4.74
N TYR B 308 -11.02 23.23 -4.32
CA TYR B 308 -10.26 22.08 -3.85
C TYR B 308 -9.31 21.58 -4.94
N PHE B 309 -9.86 21.33 -6.13
CA PHE B 309 -9.04 20.88 -7.24
C PHE B 309 -7.93 21.88 -7.56
N GLY B 310 -8.21 23.18 -7.40
CA GLY B 310 -7.19 24.17 -7.67
C GLY B 310 -6.03 24.11 -6.70
N ARG B 311 -6.33 23.94 -5.41
CA ARG B 311 -5.25 23.84 -4.41
C ARG B 311 -4.41 22.58 -4.65
N MET B 312 -5.07 21.45 -4.92
CA MET B 312 -4.32 20.24 -5.23
C MET B 312 -3.45 20.41 -6.48
N ARG B 313 -4.00 21.04 -7.52
CA ARG B 313 -3.26 21.24 -8.76
C ARG B 313 -2.07 22.17 -8.57
N SER B 314 -2.26 23.25 -7.80
CA SER B 314 -1.15 24.15 -7.52
C SER B 314 -0.02 23.39 -6.85
N LEU B 315 -0.34 22.66 -5.78
CA LEU B 315 0.71 21.93 -5.07
C LEU B 315 1.39 20.91 -5.97
N ALA B 316 0.62 20.27 -6.85
CA ALA B 316 1.19 19.25 -7.73
C ALA B 316 2.14 19.88 -8.75
N ARG B 317 1.75 21.02 -9.32
CA ARG B 317 2.64 21.73 -10.23
C ARG B 317 3.94 22.12 -9.52
N GLN B 318 3.83 22.61 -8.29
CA GLN B 318 5.04 23.02 -7.56
C GLN B 318 5.94 21.83 -7.26
N CYS B 319 5.35 20.71 -6.80
CA CYS B 319 6.13 19.49 -6.61
C CYS B 319 6.80 19.08 -7.92
N ALA B 320 6.09 19.24 -9.03
CA ALA B 320 6.64 18.87 -10.34
C ALA B 320 7.86 19.72 -10.69
N GLN B 321 7.72 21.05 -10.58
CA GLN B 321 8.83 21.93 -10.91
C GLN B 321 10.01 21.72 -9.97
N LEU B 322 9.72 21.51 -8.68
CA LEU B 322 10.78 21.25 -7.72
C LEU B 322 11.48 19.92 -8.03
N TRP B 323 10.71 18.90 -8.40
CA TRP B 323 11.31 17.62 -8.75
C TRP B 323 12.21 17.75 -9.97
N VAL B 324 11.79 18.55 -10.97
CA VAL B 324 12.62 18.73 -12.15
C VAL B 324 13.91 19.46 -11.81
N LYS B 325 13.81 20.54 -11.01
CA LYS B 325 15.02 21.21 -10.53
C LYS B 325 15.92 20.24 -9.77
N THR B 326 15.32 19.39 -8.94
CA THR B 326 16.09 18.42 -8.15
C THR B 326 16.84 17.45 -9.06
N ARG B 327 16.15 16.89 -10.06
CA ARG B 327 16.80 16.00 -11.00
C ARG B 327 17.91 16.71 -11.75
N GLU B 328 17.67 17.97 -12.14
CA GLU B 328 18.70 18.75 -12.80
C GLU B 328 19.94 18.88 -11.93
N ASN B 329 19.76 19.35 -10.69
CA ASN B 329 20.87 19.48 -9.75
C ASN B 329 21.64 18.18 -9.59
N LEU B 330 21.02 17.04 -9.89
CA LEU B 330 21.67 15.75 -9.77
C LEU B 330 22.39 15.31 -11.04
N GLY B 331 22.28 16.09 -12.12
CA GLY B 331 22.97 15.75 -13.35
C GLY B 331 22.26 14.74 -14.23
N TYR B 332 20.95 14.57 -14.06
CA TYR B 332 20.16 13.60 -14.81
C TYR B 332 20.85 12.22 -14.86
N PRO B 333 21.10 11.61 -13.69
CA PRO B 333 21.98 10.43 -13.67
C PRO B 333 21.44 9.22 -14.38
N LEU B 334 20.12 9.10 -14.56
CA LEU B 334 19.59 7.96 -15.29
C LEU B 334 19.73 8.09 -16.81
N GLY B 335 20.17 9.24 -17.29
CA GLY B 335 20.36 9.46 -18.72
C GLY B 335 19.55 10.64 -19.23
N THR B 336 19.79 10.96 -20.50
CA THR B 336 19.11 12.05 -21.16
C THR B 336 18.48 11.55 -22.45
N TYR B 337 17.58 12.37 -23.00
CA TYR B 337 16.84 12.02 -24.20
C TYR B 337 17.25 12.93 -25.35
N GLN B 338 17.07 12.44 -26.57
CA GLN B 338 17.43 13.17 -27.79
C GLN B 338 16.60 12.59 -28.96
N GLU B 339 16.32 13.46 -29.93
CA GLU B 339 15.51 13.18 -31.13
C GLU B 339 14.03 13.35 -30.81
N LYS B 354 17.39 10.68 -67.36
CA LYS B 354 15.94 10.62 -67.31
C LYS B 354 15.37 9.70 -68.39
N GLY B 355 14.74 10.29 -69.40
CA GLY B 355 14.11 9.54 -70.45
C GLY B 355 12.97 10.34 -71.06
N VAL B 356 12.16 9.65 -71.85
CA VAL B 356 11.02 10.29 -72.52
C VAL B 356 9.82 10.25 -71.59
N VAL B 357 9.30 11.43 -71.26
CA VAL B 357 8.17 11.55 -70.35
C VAL B 357 7.02 10.66 -70.81
N GLY B 358 6.45 9.91 -69.88
CA GLY B 358 5.53 8.84 -70.21
C GLY B 358 4.08 9.20 -69.96
N GLN B 359 3.24 8.18 -70.02
CA GLN B 359 1.81 8.33 -69.82
C GLN B 359 1.51 8.69 -68.36
N PRO B 360 0.38 9.34 -68.11
CA PRO B 360 -0.04 9.56 -66.73
C PRO B 360 -0.29 8.23 -66.01
N ARG B 361 0.25 8.13 -64.80
CA ARG B 361 0.05 6.97 -63.94
C ARG B 361 -0.70 7.40 -62.67
N ALA B 362 -1.17 6.41 -61.93
CA ALA B 362 -1.88 6.67 -60.69
C ALA B 362 -0.91 7.03 -59.58
N PHE B 363 -1.36 7.93 -58.71
CA PHE B 363 -0.61 8.32 -57.53
C PHE B 363 -1.41 7.98 -56.28
N VAL B 364 -0.81 7.22 -55.38
CA VAL B 364 -1.46 6.83 -54.13
C VAL B 364 -0.65 7.36 -52.97
N LEU B 365 -1.33 8.06 -52.06
CA LEU B 365 -0.73 8.47 -50.79
C LEU B 365 -1.54 7.87 -49.64
N GLU B 366 -0.88 7.08 -48.80
CA GLU B 366 -1.49 6.47 -47.62
C GLU B 366 -0.63 6.81 -46.39
N ILE B 367 -1.21 7.57 -45.47
CA ILE B 367 -0.61 7.84 -44.17
C ILE B 367 -1.14 6.78 -43.20
N GLY B 368 -0.27 5.90 -42.73
CA GLY B 368 -0.65 4.90 -41.75
C GLY B 368 -0.45 5.45 -40.36
N THR B 369 -1.48 5.26 -39.52
CA THR B 369 -1.50 5.80 -38.17
C THR B 369 -1.86 4.70 -37.18
N GLU B 370 -1.72 5.03 -35.91
CA GLU B 370 -2.39 4.26 -34.87
C GLU B 370 -3.84 4.72 -34.78
N GLU B 371 -4.69 3.88 -34.20
CA GLU B 371 -6.15 4.00 -34.33
C GLU B 371 -6.61 5.44 -34.09
N LEU B 372 -7.21 6.07 -35.15
CA LEU B 372 -7.71 7.42 -34.99
C LEU B 372 -9.20 7.39 -34.68
N PRO B 373 -9.69 8.38 -33.94
CA PRO B 373 -11.13 8.45 -33.68
C PRO B 373 -11.90 8.67 -34.97
N PRO B 374 -13.17 8.26 -35.02
CA PRO B 374 -13.94 8.39 -36.27
C PRO B 374 -13.96 9.80 -36.83
N HIS B 375 -14.30 10.79 -35.99
CA HIS B 375 -14.29 12.19 -36.42
C HIS B 375 -12.96 12.56 -37.06
N ASP B 376 -11.86 12.12 -36.45
CA ASP B 376 -10.54 12.44 -36.98
C ASP B 376 -10.30 11.79 -38.33
N VAL B 377 -10.81 10.57 -38.53
CA VAL B 377 -10.66 9.94 -39.84
C VAL B 377 -11.42 10.73 -40.91
N ILE B 378 -12.67 11.07 -40.63
CA ILE B 378 -13.49 11.82 -41.58
C ILE B 378 -12.78 13.13 -41.94
N GLU B 379 -12.42 13.92 -40.93
CA GLU B 379 -11.89 15.25 -41.21
C GLU B 379 -10.50 15.19 -41.82
N ALA B 380 -9.68 14.23 -41.41
CA ALA B 380 -8.36 14.08 -42.02
C ALA B 380 -8.48 13.78 -43.51
N THR B 381 -9.37 12.86 -43.88
CA THR B 381 -9.47 12.50 -45.29
C THR B 381 -10.02 13.66 -46.11
N LYS B 382 -11.02 14.38 -45.58
CA LYS B 382 -11.48 15.59 -46.26
C LYS B 382 -10.33 16.55 -46.52
N GLN B 383 -9.60 16.92 -45.46
CA GLN B 383 -8.51 17.88 -45.59
C GLN B 383 -7.45 17.38 -46.58
N LEU B 384 -7.12 16.10 -46.51
CA LEU B 384 -6.06 15.56 -47.37
C LEU B 384 -6.45 15.68 -48.84
N GLU B 385 -7.68 15.30 -49.18
CA GLU B 385 -8.13 15.38 -50.56
C GLU B 385 -8.12 16.82 -51.06
N LYS B 386 -8.70 17.74 -50.27
CA LYS B 386 -8.75 19.13 -50.70
C LYS B 386 -7.36 19.71 -50.90
N SER B 387 -6.47 19.50 -49.92
CA SER B 387 -5.12 20.06 -49.98
C SER B 387 -4.37 19.53 -51.20
N LEU B 388 -4.44 18.22 -51.42
CA LEU B 388 -3.69 17.65 -52.53
C LEU B 388 -4.20 18.17 -53.87
N ILE B 389 -5.53 18.25 -54.04
CA ILE B 389 -6.06 18.77 -55.30
C ILE B 389 -5.59 20.20 -55.52
N GLN B 390 -5.63 21.03 -54.48
CA GLN B 390 -5.22 22.43 -54.62
C GLN B 390 -3.75 22.53 -55.01
N ILE B 391 -2.89 21.78 -54.32
CA ILE B 391 -1.46 21.84 -54.62
C ILE B 391 -1.18 21.36 -56.04
N LEU B 392 -1.85 20.28 -56.45
CA LEU B 392 -1.69 19.78 -57.82
C LEU B 392 -2.05 20.84 -58.84
N GLU B 393 -3.14 21.58 -58.60
CA GLU B 393 -3.50 22.67 -59.50
C GLU B 393 -2.40 23.72 -59.53
N LYS B 394 -2.05 24.27 -58.36
CA LYS B 394 -1.07 25.35 -58.29
C LYS B 394 0.29 24.96 -58.85
N ARG B 395 0.55 23.66 -59.06
CA ARG B 395 1.82 23.18 -59.57
C ARG B 395 1.75 22.70 -61.00
N ARG B 396 0.69 23.07 -61.73
CA ARG B 396 0.54 22.76 -63.15
C ARG B 396 0.49 21.24 -63.38
N LEU B 397 -0.01 20.49 -62.41
CA LEU B 397 -0.06 19.03 -62.49
C LEU B 397 -1.50 18.61 -62.75
N SER B 398 -1.73 17.97 -63.90
CA SER B 398 -3.06 17.53 -64.30
C SER B 398 -3.26 16.06 -63.98
N HIS B 399 -4.54 15.69 -63.82
CA HIS B 399 -4.87 14.37 -63.28
C HIS B 399 -6.32 14.05 -63.59
N GLY B 400 -6.66 12.78 -63.38
CA GLY B 400 -8.02 12.30 -63.52
C GLY B 400 -8.76 12.30 -62.20
N LYS B 401 -9.63 11.30 -62.03
CA LYS B 401 -10.51 11.22 -60.87
C LYS B 401 -9.69 11.10 -59.58
N VAL B 402 -10.19 11.74 -58.52
CA VAL B 402 -9.55 11.75 -57.22
C VAL B 402 -10.53 11.21 -56.19
N ARG B 403 -10.12 10.20 -55.43
CA ARG B 403 -10.96 9.57 -54.42
C ARG B 403 -10.17 9.36 -53.14
N SER B 404 -10.81 9.65 -52.00
CA SER B 404 -10.15 9.50 -50.71
C SER B 404 -10.88 8.46 -49.88
N TYR B 405 -10.10 7.74 -49.08
CA TYR B 405 -10.57 6.65 -48.24
C TYR B 405 -9.96 6.78 -46.86
N GLY B 406 -10.66 6.22 -45.87
CA GLY B 406 -10.24 6.36 -44.49
C GLY B 406 -10.52 5.11 -43.70
N THR B 407 -9.83 5.02 -42.59
CA THR B 407 -9.80 3.84 -41.74
C THR B 407 -9.11 4.23 -40.45
N PRO B 408 -9.52 3.68 -39.30
CA PRO B 408 -8.84 4.00 -38.03
C PRO B 408 -7.32 4.03 -38.16
N ARG B 409 -6.75 3.15 -38.98
CA ARG B 409 -5.30 3.03 -39.08
C ARG B 409 -4.73 3.56 -40.39
N ARG B 410 -5.52 4.16 -41.27
CA ARG B 410 -4.96 4.60 -42.54
C ARG B 410 -5.80 5.70 -43.19
N LEU B 411 -5.12 6.65 -43.82
CA LEU B 411 -5.72 7.76 -44.54
C LEU B 411 -5.14 7.75 -45.94
N ALA B 412 -5.97 7.50 -46.95
CA ALA B 412 -5.45 7.30 -48.29
C ALA B 412 -6.17 8.20 -49.28
N VAL B 413 -5.44 8.70 -50.27
CA VAL B 413 -6.01 9.37 -51.42
C VAL B 413 -5.41 8.77 -52.68
N VAL B 414 -6.27 8.52 -53.66
CA VAL B 414 -5.91 7.92 -54.93
C VAL B 414 -6.22 8.95 -56.02
N VAL B 415 -5.20 9.35 -56.74
CA VAL B 415 -5.30 10.24 -57.88
C VAL B 415 -5.08 9.38 -59.12
N GLU B 416 -6.15 9.12 -59.86
CA GLU B 416 -6.02 8.42 -61.13
C GLU B 416 -5.36 9.33 -62.16
N ASN B 417 -4.46 8.75 -62.96
CA ASN B 417 -3.90 9.38 -64.15
C ASN B 417 -3.30 10.76 -63.84
N LEU B 418 -2.28 10.74 -63.00
CA LEU B 418 -1.58 11.97 -62.65
C LEU B 418 -0.41 12.16 -63.62
N ASN B 419 -0.36 13.34 -64.24
CA ASN B 419 0.65 13.65 -65.24
C ASN B 419 2.06 13.47 -64.69
N MET B 420 2.98 13.13 -65.58
CA MET B 420 4.36 12.89 -65.16
C MET B 420 5.10 14.19 -64.86
N LYS B 421 4.87 15.25 -65.66
CA LYS B 421 5.43 16.57 -65.37
C LYS B 421 4.35 17.64 -65.45
N GLN B 422 4.75 18.85 -65.08
CA GLN B 422 3.88 20.01 -65.12
C GLN B 422 3.74 20.53 -66.55
N MET B 423 2.87 21.52 -66.71
CA MET B 423 2.72 22.21 -67.99
C MET B 423 3.76 23.31 -68.13
N GLU B 424 3.80 23.91 -69.31
CA GLU B 424 4.81 24.92 -69.68
C GLU B 424 6.21 24.32 -69.63
N ALA B 481 9.77 23.28 -65.73
CA ALA B 481 8.77 22.26 -65.43
C ALA B 481 9.43 20.98 -64.94
N ARG B 482 9.22 20.69 -63.66
CA ARG B 482 9.81 19.53 -63.01
C ARG B 482 8.85 18.35 -63.06
N PHE B 483 9.39 17.17 -62.76
CA PHE B 483 8.56 15.98 -62.68
C PHE B 483 7.66 16.03 -61.45
N ALA B 484 6.56 15.28 -61.51
CA ALA B 484 5.60 15.27 -60.42
C ALA B 484 6.22 14.73 -59.14
N ASP B 485 7.15 13.78 -59.26
N ASP B 485 7.14 13.77 -59.27
CA ASP B 485 7.78 13.21 -58.07
CA ASP B 485 7.80 13.20 -58.09
C ASP B 485 8.53 14.27 -57.29
C ASP B 485 8.52 14.27 -57.30
N GLU B 486 9.20 15.20 -57.97
CA GLU B 486 9.95 16.25 -57.29
C GLU B 486 8.99 17.22 -56.58
N VAL B 487 8.00 17.71 -57.33
CA VAL B 487 6.98 18.60 -56.78
C VAL B 487 6.35 17.97 -55.54
N LEU B 488 6.03 16.68 -55.59
CA LEU B 488 5.35 16.03 -54.47
C LEU B 488 6.31 15.79 -53.32
N THR B 489 7.55 15.37 -53.62
CA THR B 489 8.61 15.28 -52.63
C THR B 489 8.69 16.54 -51.78
N GLU B 490 8.40 17.70 -52.37
CA GLU B 490 8.48 18.93 -51.59
C GLU B 490 7.14 19.43 -51.05
N ASP B 491 6.00 19.11 -51.69
CA ASP B 491 4.72 19.62 -51.21
C ASP B 491 4.00 18.67 -50.25
N LEU B 492 4.26 17.37 -50.35
CA LEU B 492 3.55 16.41 -49.49
C LEU B 492 3.83 16.61 -48.00
N PRO B 493 5.07 16.87 -47.56
CA PRO B 493 5.26 17.13 -46.12
C PRO B 493 4.40 18.26 -45.58
N THR B 494 4.35 19.40 -46.28
CA THR B 494 3.52 20.50 -45.79
C THR B 494 2.03 20.23 -45.98
N ILE B 495 1.66 19.34 -46.91
CA ILE B 495 0.27 18.92 -47.00
C ILE B 495 -0.14 18.13 -45.76
N ILE B 496 0.67 17.15 -45.37
CA ILE B 496 0.37 16.37 -44.17
C ILE B 496 0.41 17.26 -42.94
N SER B 497 1.42 18.14 -42.86
CA SER B 497 1.49 19.13 -41.79
C SER B 497 0.23 19.97 -41.71
N GLY B 498 -0.35 20.31 -42.85
CA GLY B 498 -1.56 21.12 -42.88
C GLY B 498 -2.76 20.47 -42.23
N ILE B 499 -2.81 19.14 -42.18
CA ILE B 499 -3.94 18.48 -41.51
C ILE B 499 -3.94 18.86 -40.05
N SER B 500 -5.10 19.24 -39.54
CA SER B 500 -5.24 19.69 -38.16
C SER B 500 -6.42 18.99 -37.51
N PHE B 501 -6.30 18.78 -36.21
CA PHE B 501 -7.31 18.12 -35.41
C PHE B 501 -7.69 18.97 -34.21
N PRO B 502 -8.88 18.79 -33.65
CA PRO B 502 -9.20 19.49 -32.39
C PRO B 502 -8.30 19.09 -31.25
N LYS B 503 -7.78 17.86 -31.30
CA LYS B 503 -6.80 17.39 -30.33
C LYS B 503 -5.72 16.62 -31.08
N SER B 504 -4.45 17.00 -30.85
CA SER B 504 -3.30 16.33 -31.42
C SER B 504 -2.27 16.11 -30.31
N MET B 505 -1.17 15.45 -30.65
CA MET B 505 -0.23 15.02 -29.63
C MET B 505 1.14 14.75 -30.26
N ARG B 506 2.18 14.90 -29.46
CA ARG B 506 3.52 14.48 -29.82
C ARG B 506 3.76 13.04 -29.35
N TRP B 507 4.70 12.36 -30.00
CA TRP B 507 5.11 11.05 -29.55
C TRP B 507 6.63 10.87 -29.58
N ASN B 508 7.31 11.38 -30.61
CA ASN B 508 8.77 11.25 -30.62
C ASN B 508 9.50 12.45 -31.24
N SER B 509 8.85 13.59 -31.36
CA SER B 509 9.41 14.77 -32.03
C SER B 509 8.51 15.95 -31.70
N ASN B 510 8.78 17.09 -32.34
CA ASN B 510 7.91 18.26 -32.25
C ASN B 510 6.65 18.12 -33.07
N ILE B 511 6.60 17.17 -34.00
CA ILE B 511 5.45 16.98 -34.87
C ILE B 511 4.25 16.50 -34.05
N VAL B 512 3.09 17.07 -34.33
CA VAL B 512 1.86 16.64 -33.69
C VAL B 512 0.96 15.97 -34.72
N PHE B 513 0.07 15.11 -34.23
CA PHE B 513 -0.92 14.43 -35.03
C PHE B 513 -1.94 13.84 -34.08
N SER B 514 -3.12 13.51 -34.61
CA SER B 514 -4.17 12.90 -33.80
C SER B 514 -3.65 11.67 -33.06
N ARG B 515 -2.92 10.80 -33.77
CA ARG B 515 -2.27 9.63 -33.20
C ARG B 515 -1.00 9.41 -33.99
N PRO B 516 -0.08 8.58 -33.50
CA PRO B 516 1.24 8.49 -34.14
C PRO B 516 1.12 8.00 -35.57
N ILE B 517 1.92 8.60 -36.46
CA ILE B 517 2.09 8.11 -37.81
C ILE B 517 3.20 7.08 -37.79
N ARG B 518 2.92 5.87 -38.28
CA ARG B 518 3.91 4.80 -38.22
C ARG B 518 4.45 4.36 -39.56
N TRP B 519 3.75 4.65 -40.66
CA TRP B 519 4.33 4.43 -41.98
C TRP B 519 3.72 5.42 -42.96
N ILE B 520 4.41 5.59 -44.09
CA ILE B 520 3.96 6.50 -45.14
C ILE B 520 4.19 5.82 -46.48
N PHE B 521 3.10 5.61 -47.22
CA PHE B 521 3.11 4.94 -48.52
C PHE B 521 2.82 6.01 -49.58
N ALA B 522 3.70 6.13 -50.57
CA ALA B 522 3.51 7.14 -51.61
C ALA B 522 4.09 6.60 -52.89
N LEU B 523 3.25 6.46 -53.91
CA LEU B 523 3.65 5.79 -55.14
C LEU B 523 3.06 6.53 -56.33
N HIS B 524 3.92 7.02 -57.21
CA HIS B 524 3.50 7.52 -58.52
C HIS B 524 3.88 6.44 -59.53
N GLY B 525 2.89 5.65 -59.95
CA GLY B 525 3.16 4.56 -60.88
C GLY B 525 4.01 3.52 -60.20
N ASP B 526 5.15 3.20 -60.81
CA ASP B 526 6.08 2.20 -60.29
C ASP B 526 7.09 2.76 -59.30
N LEU B 527 7.01 4.05 -58.98
CA LEU B 527 8.10 4.75 -58.33
C LEU B 527 7.65 5.38 -57.02
N ILE B 528 8.48 5.21 -55.98
CA ILE B 528 8.25 5.85 -54.70
C ILE B 528 8.44 7.35 -54.82
N VAL B 529 7.53 8.13 -54.24
CA VAL B 529 7.70 9.57 -54.09
C VAL B 529 8.44 9.80 -52.77
N PRO B 530 9.73 10.14 -52.80
CA PRO B 530 10.51 10.19 -51.56
C PRO B 530 10.24 11.47 -50.78
N PHE B 531 10.06 11.32 -49.47
CA PHE B 531 9.89 12.46 -48.56
C PHE B 531 9.82 11.91 -47.14
N CYS B 532 10.04 12.81 -46.17
CA CYS B 532 10.01 12.47 -44.75
C CYS B 532 8.95 13.30 -44.05
N PHE B 533 8.28 12.69 -43.08
CA PHE B 533 7.40 13.43 -42.19
C PHE B 533 7.33 12.71 -40.86
N ALA B 534 7.40 13.49 -39.78
CA ALA B 534 7.31 12.96 -38.41
C ALA B 534 8.35 11.87 -38.17
N GLY B 535 9.51 11.99 -38.84
CA GLY B 535 10.55 10.98 -38.71
C GLY B 535 10.30 9.70 -39.46
N ILE B 536 9.33 9.69 -40.37
CA ILE B 536 9.00 8.51 -41.17
C ILE B 536 9.36 8.81 -42.62
N SER B 537 10.07 7.87 -43.25
CA SER B 537 10.40 7.98 -44.65
C SER B 537 9.32 7.32 -45.49
N SER B 538 9.05 7.90 -46.66
CA SER B 538 8.05 7.34 -47.55
C SER B 538 8.56 6.07 -48.21
N GLY B 539 7.64 5.20 -48.59
CA GLY B 539 7.99 3.97 -49.25
C GLY B 539 6.82 3.33 -49.95
N ASN B 540 7.04 2.10 -50.41
CA ASN B 540 6.03 1.30 -51.08
C ASN B 540 5.49 0.19 -50.19
N GLN B 541 5.44 0.43 -48.88
CA GLN B 541 5.08 -0.62 -47.94
C GLN B 541 3.99 -0.13 -46.99
N SER B 542 3.11 -1.06 -46.62
CA SER B 542 1.98 -0.75 -45.75
C SER B 542 1.74 -1.93 -44.81
N CYS B 543 0.81 -1.74 -43.89
CA CYS B 543 0.46 -2.74 -42.90
C CYS B 543 -0.98 -3.19 -43.11
N GLY B 544 -1.23 -4.48 -42.93
CA GLY B 544 -2.55 -5.05 -43.04
C GLY B 544 -3.22 -5.17 -41.69
N LEU B 545 -4.06 -6.20 -41.54
CA LEU B 545 -4.61 -6.52 -40.24
C LEU B 545 -3.53 -7.09 -39.33
N ARG B 546 -3.53 -6.67 -38.08
CA ARG B 546 -2.55 -7.20 -37.12
C ARG B 546 -2.69 -8.72 -37.00
N ASN B 547 -1.56 -9.37 -36.76
CA ASN B 547 -1.50 -10.82 -36.59
C ASN B 547 -2.14 -11.56 -37.77
N SER B 548 -1.75 -11.17 -38.99
CA SER B 548 -2.30 -11.77 -40.19
C SER B 548 -1.18 -11.97 -41.20
N SER B 549 -1.48 -12.77 -42.23
CA SER B 549 -0.47 -13.12 -43.23
C SER B 549 0.09 -11.88 -43.92
N LEU B 550 -0.70 -10.82 -44.01
CA LEU B 550 -0.29 -9.57 -44.64
C LEU B 550 -0.20 -8.43 -43.64
N ALA B 551 0.18 -8.74 -42.39
CA ALA B 551 0.43 -7.70 -41.40
C ALA B 551 1.43 -6.67 -41.92
N ASN B 552 2.36 -7.11 -42.76
CA ASN B 552 3.23 -6.21 -43.51
C ASN B 552 3.19 -6.64 -44.97
N PHE B 553 3.04 -5.68 -45.88
CA PHE B 553 3.05 -6.01 -47.29
C PHE B 553 3.65 -4.85 -48.08
N LYS B 554 4.01 -5.14 -49.33
CA LYS B 554 4.55 -4.13 -50.21
C LYS B 554 3.78 -4.13 -51.53
N VAL B 555 3.56 -2.93 -52.08
CA VAL B 555 2.83 -2.74 -53.33
C VAL B 555 3.81 -2.19 -54.35
N GLU B 556 3.94 -2.87 -55.48
CA GLU B 556 4.95 -2.51 -56.47
C GLU B 556 4.43 -1.56 -57.56
N ALA B 557 3.18 -1.12 -57.47
CA ALA B 557 2.63 -0.14 -58.39
C ALA B 557 1.34 0.42 -57.80
N ALA B 558 1.16 1.74 -57.91
CA ALA B 558 -0.01 2.38 -57.30
C ALA B 558 -1.31 1.78 -57.82
N GLU B 559 -1.34 1.38 -59.09
CA GLU B 559 -2.53 0.77 -59.64
C GLU B 559 -2.83 -0.59 -59.00
N LEU B 560 -1.92 -1.12 -58.20
CA LEU B 560 -2.12 -2.37 -57.49
C LEU B 560 -2.45 -2.14 -56.02
N TYR B 561 -2.62 -0.88 -55.59
CA TYR B 561 -2.79 -0.60 -54.17
C TYR B 561 -4.09 -1.20 -53.64
N LEU B 562 -5.23 -0.72 -54.14
CA LEU B 562 -6.53 -1.17 -53.63
C LEU B 562 -6.67 -2.68 -53.72
N HIS B 563 -6.32 -3.25 -54.88
CA HIS B 563 -6.28 -4.70 -55.03
C HIS B 563 -5.58 -5.35 -53.85
N THR B 564 -4.35 -4.92 -53.55
CA THR B 564 -3.60 -5.53 -52.48
C THR B 564 -4.31 -5.38 -51.14
N LEU B 565 -4.93 -4.23 -50.89
CA LEU B 565 -5.69 -4.08 -49.65
C LEU B 565 -6.85 -5.07 -49.62
N GLU B 566 -7.52 -5.25 -50.76
CA GLU B 566 -8.56 -6.26 -50.86
C GLU B 566 -8.01 -7.65 -50.56
N LYS B 567 -6.75 -7.90 -50.92
CA LYS B 567 -6.11 -9.17 -50.62
C LYS B 567 -5.69 -9.29 -49.16
N ALA B 568 -5.63 -8.18 -48.44
CA ALA B 568 -5.25 -8.17 -47.03
C ALA B 568 -6.47 -8.16 -46.11
N GLY B 569 -7.67 -8.28 -46.66
CA GLY B 569 -8.87 -8.33 -45.85
C GLY B 569 -9.40 -6.99 -45.40
N ILE B 570 -8.81 -5.89 -45.85
CA ILE B 570 -9.24 -4.54 -45.47
C ILE B 570 -10.18 -4.01 -46.53
N LEU B 571 -11.35 -3.52 -46.08
CA LEU B 571 -12.29 -2.80 -46.93
C LEU B 571 -12.08 -1.32 -46.64
N ILE B 572 -11.29 -0.64 -47.48
CA ILE B 572 -10.89 0.72 -47.14
C ILE B 572 -11.99 1.73 -47.44
N ASP B 573 -12.93 1.41 -48.32
CA ASP B 573 -14.02 2.32 -48.65
C ASP B 573 -15.06 2.27 -47.52
N MET B 574 -15.28 3.43 -46.89
CA MET B 574 -16.22 3.50 -45.76
C MET B 574 -17.63 3.12 -46.17
N GLN B 575 -18.00 3.37 -47.43
CA GLN B 575 -19.34 3.02 -47.86
C GLN B 575 -19.49 1.52 -48.09
N GLU B 576 -18.47 0.87 -48.64
CA GLU B 576 -18.49 -0.59 -48.71
C GLU B 576 -18.53 -1.21 -47.32
N ARG B 577 -17.85 -0.58 -46.37
CA ARG B 577 -17.92 -1.03 -44.98
C ARG B 577 -19.33 -0.90 -44.43
N LYS B 578 -19.98 0.23 -44.69
CA LYS B 578 -21.38 0.40 -44.32
C LYS B 578 -22.24 -0.70 -44.91
N GLN B 579 -22.06 -0.99 -46.20
CA GLN B 579 -22.92 -1.96 -46.86
C GLN B 579 -22.70 -3.35 -46.29
N ARG B 580 -21.45 -3.77 -46.08
CA ARG B 580 -21.22 -5.08 -45.51
C ARG B 580 -21.76 -5.17 -44.08
N ILE B 581 -21.48 -4.15 -43.26
CA ILE B 581 -21.99 -4.15 -41.89
C ILE B 581 -23.51 -4.37 -41.89
N LEU B 582 -24.23 -3.54 -42.65
CA LEU B 582 -25.68 -3.59 -42.62
C LEU B 582 -26.21 -4.91 -43.18
N HIS B 583 -25.66 -5.36 -44.32
CA HIS B 583 -26.15 -6.57 -44.95
C HIS B 583 -25.96 -7.79 -44.06
N ASP B 584 -24.75 -7.95 -43.52
CA ASP B 584 -24.46 -9.11 -42.69
C ASP B 584 -25.24 -9.07 -41.38
N SER B 585 -25.35 -7.89 -40.75
CA SER B 585 -26.15 -7.79 -39.53
C SER B 585 -27.61 -8.11 -39.80
N SER B 586 -28.15 -7.68 -40.94
CA SER B 586 -29.55 -7.98 -41.24
C SER B 586 -29.77 -9.45 -41.54
N ILE B 587 -28.81 -10.10 -42.20
CA ILE B 587 -28.91 -11.54 -42.39
C ILE B 587 -28.96 -12.24 -41.04
N LEU B 588 -28.05 -11.85 -40.13
CA LEU B 588 -28.01 -12.46 -38.80
C LEU B 588 -29.32 -12.25 -38.05
N ALA B 589 -29.89 -11.04 -38.13
CA ALA B 589 -31.11 -10.75 -37.40
C ALA B 589 -32.33 -11.44 -38.01
N GLU B 590 -32.35 -11.60 -39.34
CA GLU B 590 -33.41 -12.36 -39.96
C GLU B 590 -33.34 -13.82 -39.56
N GLY B 591 -32.13 -14.36 -39.38
CA GLY B 591 -31.96 -15.72 -38.91
C GLY B 591 -32.66 -16.03 -37.59
N VAL B 592 -32.94 -15.01 -36.78
CA VAL B 592 -33.73 -15.19 -35.55
C VAL B 592 -35.10 -14.53 -35.68
N GLY B 593 -35.55 -14.26 -36.90
CA GLY B 593 -36.84 -13.64 -37.13
C GLY B 593 -36.94 -12.22 -36.62
N GLY B 594 -35.92 -11.39 -36.88
CA GLY B 594 -35.87 -10.04 -36.34
C GLY B 594 -35.27 -9.06 -37.32
N ASP B 595 -35.29 -7.80 -36.92
CA ASP B 595 -34.73 -6.67 -37.64
C ASP B 595 -33.77 -5.93 -36.74
N ILE B 596 -32.64 -5.48 -37.28
CA ILE B 596 -31.70 -4.67 -36.53
C ILE B 596 -32.24 -3.26 -36.38
N ILE B 597 -32.05 -2.68 -35.19
CA ILE B 597 -32.20 -1.24 -34.96
C ILE B 597 -30.80 -0.65 -35.07
N ALA B 598 -30.49 -0.08 -36.24
CA ALA B 598 -29.16 0.42 -36.54
C ALA B 598 -29.28 1.83 -37.08
N PRO B 599 -29.41 2.83 -36.20
CA PRO B 599 -29.49 4.21 -36.67
C PRO B 599 -28.20 4.61 -37.38
N ASP B 600 -28.30 5.61 -38.25
CA ASP B 600 -27.14 6.00 -39.04
C ASP B 600 -26.02 6.57 -38.18
N SER B 601 -26.35 7.24 -37.08
CA SER B 601 -25.33 7.76 -36.18
C SER B 601 -24.41 6.65 -35.68
N LEU B 602 -25.01 5.58 -35.15
CA LEU B 602 -24.20 4.49 -34.63
C LEU B 602 -23.48 3.75 -35.75
N VAL B 603 -24.14 3.59 -36.90
CA VAL B 603 -23.48 2.93 -38.03
C VAL B 603 -22.25 3.72 -38.45
N GLN B 604 -22.36 5.05 -38.46
CA GLN B 604 -21.24 5.91 -38.82
C GLN B 604 -20.09 5.74 -37.83
N GLU B 605 -20.40 5.69 -36.53
CA GLU B 605 -19.35 5.43 -35.56
C GLU B 605 -18.69 4.06 -35.77
N VAL B 606 -19.51 3.01 -35.94
CA VAL B 606 -18.99 1.65 -36.09
C VAL B 606 -18.12 1.53 -37.33
N ILE B 607 -18.50 2.21 -38.42
CA ILE B 607 -17.74 2.14 -39.66
C ILE B 607 -16.28 2.49 -39.44
N ASN B 608 -16.01 3.43 -38.54
CA ASN B 608 -14.65 3.87 -38.26
C ASN B 608 -14.13 3.37 -36.92
N LEU B 609 -14.67 2.26 -36.44
CA LEU B 609 -14.06 1.50 -35.38
C LEU B 609 -13.52 0.17 -35.88
N VAL B 610 -13.57 -0.07 -37.18
CA VAL B 610 -13.18 -1.34 -37.77
C VAL B 610 -12.45 -1.10 -39.09
N GLU B 611 -11.73 -2.12 -39.54
CA GLU B 611 -11.17 -2.19 -40.88
C GLU B 611 -11.72 -3.35 -41.68
N ALA B 612 -12.13 -4.42 -41.01
CA ALA B 612 -12.64 -5.61 -41.66
C ALA B 612 -13.88 -6.05 -40.90
N PRO B 613 -15.02 -5.41 -41.17
CA PRO B 613 -16.22 -5.67 -40.37
C PRO B 613 -16.61 -7.13 -40.39
N MET B 614 -16.94 -7.67 -39.22
CA MET B 614 -17.43 -9.03 -39.09
C MET B 614 -18.55 -9.03 -38.07
N PRO B 615 -19.79 -8.85 -38.52
CA PRO B 615 -20.92 -8.85 -37.57
C PRO B 615 -21.19 -10.24 -37.01
N ILE B 616 -21.53 -10.28 -35.73
CA ILE B 616 -21.73 -11.52 -34.97
C ILE B 616 -22.94 -11.32 -34.07
N ILE B 617 -23.86 -12.29 -34.07
CA ILE B 617 -25.07 -12.20 -33.25
C ILE B 617 -24.82 -12.90 -31.92
N GLY B 618 -25.25 -12.27 -30.83
CA GLY B 618 -25.16 -12.86 -29.51
C GLY B 618 -26.46 -12.68 -28.75
N ARG B 619 -26.55 -13.35 -27.60
CA ARG B 619 -27.79 -13.40 -26.85
C ARG B 619 -27.60 -12.80 -25.45
N TYR B 620 -28.68 -12.28 -24.88
CA TYR B 620 -28.68 -11.88 -23.49
C TYR B 620 -29.89 -12.47 -22.77
N ASP B 621 -29.82 -12.48 -21.44
CA ASP B 621 -30.84 -13.14 -20.65
C ASP B 621 -32.19 -12.45 -20.82
N VAL B 622 -33.24 -13.25 -21.02
CA VAL B 622 -34.57 -12.69 -21.23
C VAL B 622 -35.11 -12.00 -19.98
N SER B 623 -34.55 -12.30 -18.81
CA SER B 623 -34.89 -11.54 -17.59
C SER B 623 -34.75 -10.03 -17.84
N PHE B 624 -33.72 -9.62 -18.58
CA PHE B 624 -33.49 -8.21 -18.83
C PHE B 624 -34.57 -7.57 -19.70
N LEU B 625 -35.35 -8.37 -20.43
CA LEU B 625 -36.48 -7.77 -21.15
C LEU B 625 -37.46 -7.12 -20.20
N ALA B 626 -37.40 -7.44 -18.89
CA ALA B 626 -38.21 -6.75 -17.90
C ALA B 626 -37.77 -5.32 -17.65
N LEU B 627 -36.59 -4.94 -18.12
CA LEU B 627 -36.16 -3.55 -18.07
C LEU B 627 -36.85 -2.76 -19.17
N PRO B 628 -36.99 -1.44 -18.99
CA PRO B 628 -37.61 -0.62 -20.05
C PRO B 628 -36.87 -0.76 -21.37
N LYS B 629 -37.63 -0.90 -22.45
CA LYS B 629 -37.02 -1.19 -23.75
C LYS B 629 -36.06 -0.09 -24.19
N ASP B 630 -36.38 1.17 -23.88
CA ASP B 630 -35.48 2.26 -24.23
C ASP B 630 -34.16 2.16 -23.49
N VAL B 631 -34.19 1.65 -22.25
CA VAL B 631 -32.97 1.46 -21.47
C VAL B 631 -32.06 0.45 -22.16
N LEU B 632 -32.62 -0.71 -22.52
CA LEU B 632 -31.80 -1.73 -23.19
C LEU B 632 -31.25 -1.21 -24.51
N ILE B 633 -32.08 -0.52 -25.29
CA ILE B 633 -31.62 -0.03 -26.58
C ILE B 633 -30.49 0.98 -26.41
N THR B 634 -30.64 1.89 -25.45
CA THR B 634 -29.61 2.91 -25.22
C THR B 634 -28.32 2.29 -24.70
N VAL B 635 -28.42 1.39 -23.71
CA VAL B 635 -27.22 0.73 -23.20
C VAL B 635 -26.47 0.07 -24.35
N MET B 636 -27.14 -0.85 -25.05
CA MET B 636 -26.61 -1.49 -26.26
C MET B 636 -25.91 -0.52 -27.19
N GLN B 637 -26.69 0.42 -27.75
CA GLN B 637 -26.20 1.31 -28.80
C GLN B 637 -25.11 2.25 -28.28
N LYS B 638 -25.44 3.10 -27.32
CA LYS B 638 -24.57 4.19 -26.92
C LYS B 638 -23.41 3.76 -26.03
N HIS B 639 -23.45 2.57 -25.42
CA HIS B 639 -22.36 2.16 -24.56
C HIS B 639 -21.60 0.94 -25.06
N GLN B 640 -22.25 0.03 -25.78
CA GLN B 640 -21.54 -1.11 -26.35
C GLN B 640 -21.42 -1.03 -27.87
N LYS B 641 -22.12 -0.09 -28.51
CA LYS B 641 -22.19 0.00 -29.97
C LYS B 641 -22.64 -1.34 -30.57
N TYR B 642 -23.69 -1.90 -29.98
CA TYR B 642 -24.38 -3.07 -30.52
C TYR B 642 -25.64 -2.63 -31.27
N PHE B 643 -26.04 -3.45 -32.25
CA PHE B 643 -27.33 -3.29 -32.92
C PHE B 643 -28.38 -4.06 -32.15
N PRO B 644 -29.35 -3.41 -31.50
CA PRO B 644 -30.49 -4.15 -30.96
C PRO B 644 -31.27 -4.85 -32.06
N VAL B 645 -32.12 -5.79 -31.66
CA VAL B 645 -32.92 -6.57 -32.60
C VAL B 645 -34.36 -6.64 -32.10
N THR B 646 -35.30 -6.26 -32.95
CA THR B 646 -36.73 -6.36 -32.66
C THR B 646 -37.39 -7.38 -33.58
N SER B 647 -38.43 -8.03 -33.07
CA SER B 647 -39.13 -9.06 -33.84
C SER B 647 -39.79 -8.47 -35.08
N LYS B 648 -39.70 -9.21 -36.19
CA LYS B 648 -40.42 -8.87 -37.42
C LYS B 648 -41.91 -9.08 -37.29
N THR B 649 -42.37 -9.73 -36.21
CA THR B 649 -43.77 -10.10 -36.02
C THR B 649 -44.41 -9.38 -34.84
N MET B 650 -43.82 -9.48 -33.64
CA MET B 650 -44.40 -8.85 -32.47
C MET B 650 -44.05 -7.38 -32.33
N GLY B 651 -42.95 -6.92 -32.96
CA GLY B 651 -42.50 -5.56 -32.77
C GLY B 651 -41.82 -5.31 -31.45
N ASN B 652 -41.42 -6.37 -30.75
CA ASN B 652 -40.78 -6.27 -29.44
C ASN B 652 -39.34 -6.72 -29.54
N LEU B 653 -38.54 -6.35 -28.54
CA LEU B 653 -37.10 -6.62 -28.60
C LEU B 653 -36.85 -8.11 -28.41
N LEU B 654 -36.19 -8.73 -29.38
CA LEU B 654 -35.71 -10.09 -29.17
C LEU B 654 -34.47 -10.06 -28.29
N PRO B 655 -34.27 -11.07 -27.44
CA PRO B 655 -33.10 -11.05 -26.55
C PRO B 655 -31.81 -11.28 -27.31
N CYS B 656 -31.49 -10.37 -28.22
CA CYS B 656 -30.44 -10.58 -29.21
C CYS B 656 -29.73 -9.27 -29.51
N PHE B 657 -28.48 -9.38 -29.96
CA PHE B 657 -27.73 -8.23 -30.46
C PHE B 657 -26.76 -8.66 -31.55
N ILE B 658 -26.25 -7.65 -32.27
CA ILE B 658 -25.17 -7.81 -33.23
C ILE B 658 -23.99 -6.96 -32.77
N THR B 659 -22.81 -7.56 -32.76
CA THR B 659 -21.53 -6.89 -32.51
C THR B 659 -20.73 -6.91 -33.80
N VAL B 660 -20.21 -5.77 -34.21
CA VAL B 660 -19.35 -5.70 -35.39
C VAL B 660 -17.91 -5.87 -34.91
N ALA B 661 -17.41 -7.10 -34.98
CA ALA B 661 -16.02 -7.39 -34.66
C ALA B 661 -15.10 -6.94 -35.79
N ASN B 662 -13.80 -6.96 -35.51
CA ASN B 662 -12.77 -6.55 -36.46
C ASN B 662 -11.80 -7.69 -36.69
N GLY B 663 -11.54 -8.01 -37.96
CA GLY B 663 -10.52 -8.97 -38.31
C GLY B 663 -10.98 -10.41 -38.23
N ALA B 664 -10.04 -11.32 -38.53
CA ALA B 664 -10.33 -12.75 -38.64
C ALA B 664 -10.33 -13.39 -37.25
N ILE B 665 -11.33 -13.00 -36.47
CA ILE B 665 -11.45 -13.45 -35.08
C ILE B 665 -12.25 -14.73 -35.03
N LYS B 666 -12.28 -15.38 -33.86
CA LYS B 666 -13.08 -16.58 -33.65
C LYS B 666 -14.46 -16.16 -33.15
N GLU B 667 -15.49 -16.52 -33.91
CA GLU B 667 -16.87 -16.09 -33.62
C GLU B 667 -17.31 -16.47 -32.22
N GLU B 668 -17.07 -17.72 -31.82
CA GLU B 668 -17.54 -18.23 -30.53
C GLU B 668 -16.98 -17.42 -29.37
N VAL B 669 -15.66 -17.21 -29.38
CA VAL B 669 -14.96 -16.49 -28.31
C VAL B 669 -15.51 -15.08 -28.16
N VAL B 670 -15.54 -14.34 -29.28
CA VAL B 670 -16.00 -12.96 -29.27
C VAL B 670 -17.45 -12.87 -28.79
N ARG B 671 -18.29 -13.81 -29.24
CA ARG B 671 -19.68 -13.84 -28.83
C ARG B 671 -19.81 -13.98 -27.31
N LYS B 672 -19.14 -15.00 -26.73
CA LYS B 672 -19.27 -15.20 -25.29
C LYS B 672 -18.72 -14.00 -24.51
N GLY B 673 -17.60 -13.42 -24.99
CA GLY B 673 -17.05 -12.24 -24.37
C GLY B 673 -18.05 -11.09 -24.29
N ASN B 674 -18.58 -10.70 -25.45
CA ASN B 674 -19.56 -9.62 -25.50
C ASN B 674 -20.83 -9.97 -24.71
N GLU B 675 -21.21 -11.25 -24.69
CA GLU B 675 -22.37 -11.64 -23.90
C GLU B 675 -22.15 -11.35 -22.42
N ALA B 676 -20.96 -11.70 -21.92
CA ALA B 676 -20.67 -11.42 -20.51
C ALA B 676 -20.67 -9.93 -20.24
N VAL B 677 -20.07 -9.14 -21.13
CA VAL B 677 -20.07 -7.69 -20.95
C VAL B 677 -21.50 -7.15 -20.89
N LEU B 678 -22.36 -7.56 -21.83
CA LEU B 678 -23.72 -7.02 -21.84
C LEU B 678 -24.48 -7.45 -20.60
N ARG B 679 -24.30 -8.70 -20.16
CA ARG B 679 -24.96 -9.12 -18.92
C ARG B 679 -24.54 -8.22 -17.77
N ALA B 680 -23.24 -7.90 -17.67
CA ALA B 680 -22.78 -7.01 -16.61
C ALA B 680 -23.40 -5.63 -16.73
N ARG B 681 -23.49 -5.10 -17.94
CA ARG B 681 -24.05 -3.77 -18.14
C ARG B 681 -25.51 -3.72 -17.72
N TYR B 682 -26.29 -4.73 -18.13
CA TYR B 682 -27.68 -4.82 -17.74
C TYR B 682 -27.83 -5.03 -16.23
N GLU B 683 -26.87 -5.72 -15.61
CA GLU B 683 -26.93 -5.88 -14.16
C GLU B 683 -26.71 -4.55 -13.45
N ASP B 684 -25.77 -3.75 -13.95
CA ASP B 684 -25.59 -2.40 -13.43
C ASP B 684 -26.87 -1.58 -13.59
N ALA B 685 -27.48 -1.66 -14.78
CA ALA B 685 -28.73 -0.95 -15.04
C ALA B 685 -29.82 -1.38 -14.06
N LYS B 686 -29.97 -2.68 -13.85
CA LYS B 686 -30.98 -3.21 -12.95
C LYS B 686 -30.74 -2.76 -11.52
N PHE B 687 -29.47 -2.81 -11.08
CA PHE B 687 -29.08 -2.35 -9.75
C PHE B 687 -29.52 -0.90 -9.51
N PHE B 688 -29.14 0.00 -10.42
CA PHE B 688 -29.43 1.40 -10.19
C PHE B 688 -30.91 1.72 -10.42
N TYR B 689 -31.60 0.97 -11.29
CA TYR B 689 -33.04 1.11 -11.42
C TYR B 689 -33.74 0.81 -10.10
N LYS B 690 -33.44 -0.35 -9.51
CA LYS B 690 -34.04 -0.69 -8.23
C LYS B 690 -33.72 0.37 -7.19
N MET B 691 -32.51 0.92 -7.22
CA MET B 691 -32.20 2.01 -6.33
C MET B 691 -33.15 3.19 -6.52
N ASP B 692 -33.55 3.46 -7.77
CA ASP B 692 -34.44 4.60 -8.05
C ASP B 692 -35.91 4.34 -7.75
N THR B 693 -36.37 3.08 -7.74
CA THR B 693 -37.81 2.80 -7.59
C THR B 693 -38.38 3.36 -6.29
N GLN B 694 -37.55 3.53 -5.26
CA GLN B 694 -38.07 3.91 -3.94
C GLN B 694 -38.64 5.33 -3.95
N LYS B 695 -38.00 6.24 -4.68
CA LYS B 695 -38.45 7.62 -4.70
C LYS B 695 -39.37 7.83 -5.89
N LYS B 696 -39.86 9.05 -5.98
CA LYS B 696 -40.76 9.49 -7.02
C LYS B 696 -40.08 10.67 -7.67
N LEU B 697 -40.28 10.88 -8.98
CA LEU B 697 -39.48 11.87 -9.75
C LEU B 697 -39.36 13.21 -9.02
N SER B 698 -40.48 13.68 -8.46
CA SER B 698 -40.50 14.94 -7.75
C SER B 698 -39.53 14.94 -6.57
N GLU B 699 -39.27 13.78 -5.98
CA GLU B 699 -38.31 13.71 -4.88
C GLU B 699 -36.88 13.92 -5.37
N PHE B 700 -36.59 13.48 -6.60
CA PHE B 700 -35.26 13.68 -7.16
C PHE B 700 -35.04 15.14 -7.55
N ARG B 701 -36.09 15.82 -8.04
CA ARG B 701 -35.88 17.13 -8.66
C ARG B 701 -35.10 18.10 -7.78
N ASP B 702 -35.27 18.04 -6.45
CA ASP B 702 -34.56 18.99 -5.60
C ASP B 702 -33.06 18.73 -5.57
N GLN B 703 -32.61 17.53 -5.94
CA GLN B 703 -31.19 17.25 -5.98
C GLN B 703 -30.50 17.80 -7.21
N LEU B 704 -31.24 18.43 -8.12
CA LEU B 704 -30.61 19.17 -9.21
C LEU B 704 -29.68 20.25 -8.67
N SER B 705 -29.87 20.68 -7.42
CA SER B 705 -28.97 21.62 -6.76
C SER B 705 -27.58 21.04 -6.54
N SER B 706 -27.39 19.74 -6.77
CA SER B 706 -26.08 19.11 -6.63
C SER B 706 -25.26 19.16 -7.90
N ILE B 707 -25.78 19.71 -8.98
CA ILE B 707 -25.11 19.72 -10.27
C ILE B 707 -24.94 21.16 -10.72
N LEU B 708 -23.69 21.57 -10.92
CA LEU B 708 -23.39 22.91 -11.42
C LEU B 708 -23.64 22.96 -12.93
N PHE B 709 -24.37 23.98 -13.36
CA PHE B 709 -24.36 24.32 -14.78
C PHE B 709 -23.15 25.20 -15.09
N HIS B 710 -23.00 26.29 -14.34
CA HIS B 710 -21.85 27.17 -14.45
C HIS B 710 -21.78 27.99 -13.17
N GLU B 711 -20.57 28.42 -12.80
CA GLU B 711 -20.38 29.12 -11.54
C GLU B 711 -21.20 30.40 -11.48
N ARG B 712 -21.17 31.21 -12.52
CA ARG B 712 -21.92 32.45 -12.54
C ARG B 712 -23.34 32.28 -13.09
N LEU B 713 -23.78 31.04 -13.32
CA LEU B 713 -25.13 30.76 -13.78
C LEU B 713 -25.95 29.94 -12.79
N GLY B 714 -25.32 29.09 -11.99
CA GLY B 714 -26.00 28.35 -10.96
C GLY B 714 -26.08 26.86 -11.23
N THR B 715 -26.97 26.20 -10.49
CA THR B 715 -27.14 24.77 -10.60
C THR B 715 -28.12 24.44 -11.71
N MET B 716 -28.26 23.14 -12.00
CA MET B 716 -29.33 22.69 -12.88
C MET B 716 -30.70 23.06 -12.33
N LEU B 717 -30.81 23.21 -11.02
CA LEU B 717 -32.08 23.63 -10.43
C LEU B 717 -32.35 25.10 -10.72
N ASP B 718 -31.33 25.96 -10.58
CA ASP B 718 -31.47 27.35 -11.02
C ASP B 718 -31.88 27.41 -12.48
N LYS B 719 -31.27 26.57 -13.31
CA LYS B 719 -31.59 26.53 -14.73
C LYS B 719 -33.06 26.16 -14.96
N MET B 720 -33.54 25.17 -14.22
CA MET B 720 -34.94 24.74 -14.38
C MET B 720 -35.92 25.81 -13.93
N LYS B 721 -35.61 26.49 -12.84
CA LYS B 721 -36.51 27.56 -12.40
C LYS B 721 -36.58 28.65 -13.46
N ARG B 722 -35.44 28.97 -14.08
CA ARG B 722 -35.43 29.89 -15.22
C ARG B 722 -36.36 29.38 -16.33
N VAL B 723 -36.22 28.11 -16.70
CA VAL B 723 -37.00 27.52 -17.79
C VAL B 723 -38.50 27.62 -17.49
N GLU B 724 -38.89 27.22 -16.28
CA GLU B 724 -40.28 27.37 -15.84
C GLU B 724 -40.76 28.80 -16.04
N ASN B 725 -39.95 29.77 -15.62
CA ASN B 725 -40.42 31.15 -15.67
C ASN B 725 -40.47 31.69 -17.09
N THR B 726 -39.87 31.03 -18.09
CA THR B 726 -40.01 31.53 -19.46
C THR B 726 -40.85 30.67 -20.40
N VAL B 727 -41.24 29.47 -19.99
CA VAL B 727 -41.76 28.48 -20.93
C VAL B 727 -43.09 28.93 -21.57
N ALA B 728 -43.94 29.66 -20.83
CA ALA B 728 -45.25 30.04 -21.37
C ALA B 728 -45.12 31.10 -22.46
N GLU B 729 -44.23 32.07 -22.26
CA GLU B 729 -44.04 33.09 -23.28
C GLU B 729 -43.37 32.51 -24.52
N VAL B 730 -42.42 31.59 -24.33
CA VAL B 730 -41.89 30.89 -25.50
C VAL B 730 -42.99 30.15 -26.23
N ALA B 731 -43.93 29.56 -25.49
CA ALA B 731 -45.06 28.88 -26.10
C ALA B 731 -45.90 29.85 -26.94
N LEU B 732 -46.25 31.01 -26.37
CA LEU B 732 -47.07 31.96 -27.12
C LEU B 732 -46.36 32.47 -28.36
N LEU B 733 -45.05 32.74 -28.26
CA LEU B 733 -44.32 33.15 -29.46
C LEU B 733 -44.22 32.02 -30.49
N LEU B 734 -44.31 30.78 -30.05
CA LEU B 734 -44.41 29.67 -30.99
C LEU B 734 -45.81 29.49 -31.54
N GLY B 735 -46.78 30.26 -31.04
CA GLY B 735 -48.13 30.18 -31.57
C GLY B 735 -48.88 28.91 -31.25
N ILE B 736 -48.57 28.27 -30.12
CA ILE B 736 -49.37 27.14 -29.65
C ILE B 736 -50.47 27.69 -28.76
N ASN B 737 -51.63 27.02 -28.78
CA ASN B 737 -52.85 27.57 -28.17
C ASN B 737 -52.68 27.79 -26.66
N GLU B 738 -53.40 28.76 -26.13
CA GLU B 738 -53.17 29.16 -24.75
C GLU B 738 -53.58 28.07 -23.75
N LYS B 739 -53.97 26.92 -24.25
CA LYS B 739 -54.62 25.89 -23.44
C LYS B 739 -53.66 24.77 -23.07
N MET B 740 -52.61 24.61 -23.86
CA MET B 740 -51.55 23.71 -23.49
C MET B 740 -50.57 24.32 -22.48
N ILE B 741 -50.55 25.66 -22.25
CA ILE B 741 -49.65 26.22 -21.24
C ILE B 741 -49.68 25.51 -19.89
N PRO B 742 -50.83 25.28 -19.25
CA PRO B 742 -50.79 24.65 -17.92
C PRO B 742 -49.90 23.41 -17.90
N ALA B 743 -50.20 22.47 -18.80
CA ALA B 743 -49.42 21.25 -18.88
C ALA B 743 -47.94 21.55 -19.13
N ILE B 744 -47.65 22.44 -20.09
CA ILE B 744 -46.26 22.87 -20.32
C ILE B 744 -45.62 23.27 -18.99
N LYS B 745 -46.25 24.20 -18.27
CA LYS B 745 -45.71 24.61 -16.97
C LYS B 745 -45.57 23.41 -16.06
N ASP B 746 -46.58 22.53 -16.05
CA ASP B 746 -46.47 21.29 -15.29
C ASP B 746 -45.23 20.51 -15.70
N ALA B 747 -45.07 20.26 -17.00
CA ALA B 747 -43.88 19.54 -17.45
C ALA B 747 -42.62 20.29 -17.06
N ALA B 748 -42.67 21.63 -17.13
CA ALA B 748 -41.50 22.43 -16.78
C ALA B 748 -41.09 22.20 -15.34
N ALA B 749 -42.02 21.83 -14.47
CA ALA B 749 -41.69 21.62 -13.06
C ALA B 749 -41.02 20.27 -12.81
N LEU B 750 -40.94 19.41 -13.82
CA LEU B 750 -40.37 18.07 -13.64
C LEU B 750 -39.27 17.79 -14.66
N ALA B 751 -38.78 18.83 -15.32
CA ALA B 751 -37.86 18.65 -16.45
C ALA B 751 -36.45 18.36 -15.95
N MET B 752 -35.81 17.39 -16.61
CA MET B 752 -34.44 16.93 -16.27
C MET B 752 -34.24 16.66 -14.79
N SER B 753 -35.28 16.21 -14.08
CA SER B 753 -35.07 15.74 -12.73
C SER B 753 -34.35 14.41 -12.71
N ASP B 754 -34.53 13.60 -13.77
CA ASP B 754 -33.81 12.35 -13.88
C ASP B 754 -32.29 12.52 -13.98
N LEU B 755 -31.79 13.76 -14.08
CA LEU B 755 -30.36 13.99 -13.97
C LEU B 755 -29.83 13.60 -12.59
N ALA B 756 -30.67 13.63 -11.56
CA ALA B 756 -30.22 13.28 -10.22
C ALA B 756 -30.39 11.80 -9.89
N THR B 757 -30.92 11.00 -10.82
CA THR B 757 -31.14 9.59 -10.52
C THR B 757 -29.82 8.82 -10.61
N ASN B 758 -29.80 7.65 -9.95
CA ASN B 758 -28.62 6.80 -9.98
C ASN B 758 -28.39 6.23 -11.38
N ILE B 759 -29.46 5.85 -12.06
CA ILE B 759 -29.32 5.21 -13.37
C ILE B 759 -28.70 6.19 -14.37
N VAL B 760 -29.09 7.47 -14.31
CA VAL B 760 -28.56 8.43 -15.26
C VAL B 760 -27.17 8.89 -14.85
N THR B 761 -26.88 8.94 -13.55
CA THR B 761 -25.51 9.24 -13.15
C THR B 761 -24.56 8.09 -13.50
N GLU B 762 -25.07 6.88 -13.65
CA GLU B 762 -24.29 5.78 -14.18
C GLU B 762 -24.33 5.70 -15.70
N PHE B 763 -25.48 6.00 -16.31
CA PHE B 763 -25.64 5.99 -17.76
C PHE B 763 -26.16 7.37 -18.18
N THR B 764 -25.23 8.30 -18.42
CA THR B 764 -25.59 9.65 -18.80
C THR B 764 -26.42 9.71 -20.08
N SER B 765 -26.46 8.63 -20.85
CA SER B 765 -27.21 8.58 -22.10
C SER B 765 -28.69 8.29 -21.89
N LEU B 766 -29.17 8.24 -20.66
CA LEU B 766 -30.58 7.95 -20.41
C LEU B 766 -31.35 9.16 -19.91
N ALA B 767 -30.73 10.33 -19.86
CA ALA B 767 -31.46 11.56 -19.59
C ALA B 767 -32.63 11.69 -20.55
N GLY B 768 -33.75 12.17 -20.04
CA GLY B 768 -34.97 12.22 -20.84
C GLY B 768 -35.72 10.91 -20.87
N ILE B 769 -35.05 9.81 -21.24
CA ILE B 769 -35.70 8.51 -21.23
C ILE B 769 -36.23 8.20 -19.84
N MET B 770 -35.37 8.36 -18.82
CA MET B 770 -35.77 8.01 -17.46
C MET B 770 -36.74 9.01 -16.87
N ALA B 771 -36.66 10.29 -17.26
CA ALA B 771 -37.69 11.22 -16.80
C ALA B 771 -39.06 10.80 -17.31
N ARG B 772 -39.15 10.42 -18.58
CA ARG B 772 -40.38 9.90 -19.15
C ARG B 772 -40.86 8.66 -18.40
N HIS B 773 -39.95 7.70 -18.18
CA HIS B 773 -40.34 6.42 -17.59
C HIS B 773 -40.79 6.60 -16.15
N TYR B 774 -39.96 7.28 -15.34
CA TYR B 774 -40.32 7.56 -13.97
C TYR B 774 -41.51 8.49 -13.87
N ALA B 775 -41.88 9.22 -14.92
CA ALA B 775 -43.10 10.01 -14.83
C ALA B 775 -44.33 9.16 -15.08
N LEU B 776 -44.28 8.32 -16.12
CA LEU B 776 -45.39 7.42 -16.40
C LEU B 776 -45.61 6.45 -15.24
N ARG B 777 -44.53 5.98 -14.64
CA ARG B 777 -44.59 5.06 -13.50
C ARG B 777 -45.22 5.77 -12.30
N ASP B 778 -45.54 7.06 -12.44
CA ASP B 778 -46.19 7.77 -11.34
C ASP B 778 -47.62 8.10 -11.74
N GLY B 779 -48.10 7.56 -12.86
CA GLY B 779 -49.41 7.89 -13.34
C GLY B 779 -49.54 9.27 -13.95
N LEU B 780 -48.45 10.01 -14.08
CA LEU B 780 -48.52 11.31 -14.72
C LEU B 780 -48.91 11.15 -16.19
N SER B 781 -49.28 12.28 -16.81
CA SER B 781 -49.86 12.25 -18.15
C SER B 781 -48.88 11.69 -19.17
N GLU B 782 -49.43 10.95 -20.14
CA GLU B 782 -48.62 10.46 -21.24
C GLU B 782 -47.93 11.60 -21.97
N GLN B 783 -48.67 12.68 -22.23
CA GLN B 783 -48.10 13.81 -22.95
C GLN B 783 -47.05 14.54 -22.10
N ILE B 784 -47.22 14.57 -20.77
CA ILE B 784 -46.22 15.20 -19.94
C ILE B 784 -44.94 14.36 -19.88
N ALA B 785 -45.09 13.04 -19.79
CA ALA B 785 -43.93 12.17 -19.84
C ALA B 785 -43.19 12.32 -21.17
N GLU B 786 -43.93 12.42 -22.27
CA GLU B 786 -43.26 12.63 -23.54
C GLU B 786 -42.57 13.99 -23.59
N ALA B 787 -43.17 15.02 -22.99
CA ALA B 787 -42.51 16.32 -22.95
C ALA B 787 -41.19 16.24 -22.20
N LEU B 788 -41.19 15.51 -21.07
CA LEU B 788 -39.98 15.34 -20.28
C LEU B 788 -38.90 14.60 -21.07
N PHE B 789 -39.29 13.69 -21.96
CA PHE B 789 -38.26 13.09 -22.81
C PHE B 789 -37.86 14.03 -23.95
N GLU B 790 -38.82 14.78 -24.51
CA GLU B 790 -38.57 15.57 -25.71
C GLU B 790 -37.66 16.76 -25.45
N ILE B 791 -37.69 17.32 -24.24
CA ILE B 791 -36.83 18.46 -23.92
C ILE B 791 -35.35 18.18 -24.21
N THR B 792 -34.95 16.92 -24.35
CA THR B 792 -33.56 16.60 -24.67
C THR B 792 -33.32 16.37 -26.15
N LEU B 793 -34.34 16.50 -26.99
CA LEU B 793 -34.03 16.11 -28.36
C LEU B 793 -33.75 17.33 -29.22
N PRO B 794 -32.87 17.21 -30.23
CA PRO B 794 -32.10 15.98 -30.50
C PRO B 794 -30.86 15.87 -29.61
N ARG B 795 -30.55 14.65 -29.16
CA ARG B 795 -29.43 14.42 -28.25
C ARG B 795 -28.11 14.28 -28.98
N PHE B 796 -28.13 13.97 -30.28
CA PHE B 796 -26.92 13.75 -31.06
C PHE B 796 -27.26 13.92 -32.53
N SER B 797 -26.23 14.14 -33.34
CA SER B 797 -26.43 14.25 -34.78
C SER B 797 -26.94 12.91 -35.31
N GLY B 798 -28.18 12.89 -35.75
CA GLY B 798 -28.88 11.67 -36.13
C GLY B 798 -30.12 11.41 -35.30
N ASP B 799 -30.19 11.95 -34.09
CA ASP B 799 -31.33 11.72 -33.22
C ASP B 799 -32.62 12.24 -33.85
N VAL B 800 -33.74 11.79 -33.30
CA VAL B 800 -35.06 12.30 -33.69
C VAL B 800 -35.25 13.65 -33.01
N PHE B 801 -36.35 14.32 -33.32
CA PHE B 801 -36.60 15.67 -32.83
C PHE B 801 -37.85 15.67 -31.96
N PRO B 802 -38.02 16.67 -31.10
CA PRO B 802 -39.31 16.83 -30.43
C PRO B 802 -40.40 17.02 -31.47
N LYS B 803 -41.55 16.39 -31.24
CA LYS B 803 -42.67 16.45 -32.16
C LYS B 803 -43.96 16.91 -31.52
N THR B 804 -44.07 16.81 -30.19
CA THR B 804 -45.23 17.26 -29.45
C THR B 804 -45.04 18.72 -29.08
N ASP B 805 -46.12 19.51 -29.15
CA ASP B 805 -46.00 20.94 -28.94
C ASP B 805 -45.40 21.32 -27.59
N PRO B 806 -45.89 20.81 -26.45
CA PRO B 806 -45.21 21.14 -25.17
C PRO B 806 -43.76 20.62 -25.11
N GLY B 807 -43.47 19.48 -25.74
CA GLY B 807 -42.09 19.05 -25.83
C GLY B 807 -41.24 20.03 -26.64
N ILE B 808 -41.79 20.52 -27.76
CA ILE B 808 -41.11 21.54 -28.55
C ILE B 808 -40.84 22.77 -27.70
N VAL B 809 -41.85 23.22 -26.96
CA VAL B 809 -41.71 24.43 -26.16
C VAL B 809 -40.62 24.24 -25.12
N LEU B 810 -40.60 23.08 -24.45
CA LEU B 810 -39.60 22.84 -23.41
C LEU B 810 -38.19 22.81 -24.00
N ALA B 811 -38.01 22.06 -25.09
CA ALA B 811 -36.70 21.95 -25.71
C ALA B 811 -36.19 23.31 -26.17
N VAL B 812 -37.05 24.08 -26.86
CA VAL B 812 -36.67 25.38 -27.37
C VAL B 812 -36.29 26.33 -26.23
N THR B 813 -37.12 26.37 -25.18
CA THR B 813 -36.81 27.23 -24.04
C THR B 813 -35.46 26.87 -23.43
N ASP B 814 -35.19 25.57 -23.24
CA ASP B 814 -33.95 25.18 -22.60
C ASP B 814 -32.74 25.56 -23.45
N ARG B 815 -32.87 25.43 -24.77
CA ARG B 815 -31.76 25.82 -25.64
C ARG B 815 -31.55 27.34 -25.62
N LEU B 816 -32.63 28.12 -25.65
CA LEU B 816 -32.50 29.57 -25.53
C LEU B 816 -31.81 29.94 -24.22
N ASP B 817 -32.19 29.29 -23.12
CA ASP B 817 -31.63 29.60 -21.81
C ASP B 817 -30.13 29.30 -21.78
N SER B 818 -29.74 28.12 -22.27
CA SER B 818 -28.32 27.80 -22.35
C SER B 818 -27.57 28.83 -23.20
N LEU B 819 -28.11 29.17 -24.37
CA LEU B 819 -27.41 30.10 -25.27
C LEU B 819 -27.19 31.46 -24.62
N VAL B 820 -28.28 32.09 -24.16
CA VAL B 820 -28.15 33.44 -23.60
C VAL B 820 -27.27 33.43 -22.37
N GLY B 821 -27.49 32.46 -21.46
CA GLY B 821 -26.75 32.46 -20.21
C GLY B 821 -25.28 32.18 -20.40
N LEU B 822 -24.95 31.17 -21.22
CA LEU B 822 -23.56 30.81 -21.42
C LEU B 822 -22.83 31.88 -22.21
N PHE B 823 -23.49 32.51 -23.19
CA PHE B 823 -22.86 33.59 -23.93
C PHE B 823 -22.62 34.80 -23.04
N GLY B 824 -23.58 35.13 -22.18
CA GLY B 824 -23.35 36.18 -21.20
C GLY B 824 -22.35 35.81 -20.14
N ALA B 825 -22.05 34.51 -19.99
CA ALA B 825 -21.04 34.05 -19.05
C ALA B 825 -19.64 34.08 -19.64
N GLY B 826 -19.50 34.48 -20.90
CA GLY B 826 -18.23 34.49 -21.56
C GLY B 826 -17.78 33.17 -22.13
N CYS B 827 -18.67 32.18 -22.22
CA CYS B 827 -18.32 30.88 -22.76
C CYS B 827 -18.55 30.78 -24.26
N GLN B 828 -18.55 31.91 -24.97
CA GLN B 828 -18.72 31.92 -26.41
C GLN B 828 -17.73 30.94 -27.05
N PRO B 829 -18.20 29.98 -27.84
CA PRO B 829 -17.30 28.93 -28.35
C PRO B 829 -16.24 29.49 -29.27
N SER B 830 -15.25 28.64 -29.54
CA SER B 830 -14.13 28.97 -30.42
C SER B 830 -14.06 27.93 -31.52
N SER B 831 -13.05 28.09 -32.39
CA SER B 831 -12.91 27.20 -33.54
C SER B 831 -12.78 25.74 -33.12
N THR B 832 -12.21 25.48 -31.95
CA THR B 832 -11.95 24.12 -31.50
C THR B 832 -12.50 23.80 -30.11
N ASN B 833 -12.66 24.80 -29.24
CA ASN B 833 -13.15 24.58 -27.89
C ASN B 833 -14.62 24.99 -27.80
N ASP B 834 -15.50 23.99 -27.70
CA ASP B 834 -16.91 24.20 -27.39
C ASP B 834 -17.31 23.20 -26.30
N PRO B 835 -16.79 23.39 -25.08
CA PRO B 835 -17.03 22.39 -24.03
C PRO B 835 -18.50 22.23 -23.69
N PHE B 836 -19.26 23.32 -23.70
CA PHE B 836 -20.68 23.28 -23.41
C PHE B 836 -21.53 22.88 -24.62
N GLY B 837 -20.91 22.66 -25.78
CA GLY B 837 -21.65 22.21 -26.95
C GLY B 837 -22.60 23.23 -27.53
N LEU B 838 -22.27 24.52 -27.41
CA LEU B 838 -23.17 25.56 -27.88
C LEU B 838 -23.46 25.44 -29.38
N ARG B 839 -22.50 24.95 -30.16
CA ARG B 839 -22.69 24.87 -31.60
C ARG B 839 -23.79 23.87 -31.93
N ARG B 840 -23.75 22.68 -31.33
CA ARG B 840 -24.82 21.71 -31.60
C ARG B 840 -26.11 22.11 -30.90
N ILE B 841 -26.04 22.84 -29.80
CA ILE B 841 -27.26 23.33 -29.16
C ILE B 841 -28.01 24.27 -30.10
N SER B 842 -27.30 25.24 -30.69
CA SER B 842 -27.92 26.17 -31.63
C SER B 842 -28.38 25.46 -32.91
N TYR B 843 -27.54 24.56 -33.43
CA TYR B 843 -27.93 23.76 -34.60
C TYR B 843 -29.23 23.00 -34.33
N GLY B 844 -29.32 22.36 -33.17
CA GLY B 844 -30.53 21.62 -32.84
C GLY B 844 -31.73 22.52 -32.66
N LEU B 845 -31.51 23.72 -32.12
CA LEU B 845 -32.64 24.64 -31.97
C LEU B 845 -33.23 25.00 -33.33
N VAL B 846 -32.38 25.38 -34.29
CA VAL B 846 -32.93 25.73 -35.60
C VAL B 846 -33.55 24.50 -36.26
N GLN B 847 -32.95 23.33 -36.05
CA GLN B 847 -33.52 22.10 -36.62
C GLN B 847 -34.90 21.82 -36.06
N ILE B 848 -35.08 22.01 -34.74
CA ILE B 848 -36.38 21.81 -34.13
C ILE B 848 -37.40 22.76 -34.74
N LEU B 849 -37.02 24.01 -34.94
CA LEU B 849 -37.99 24.96 -35.48
C LEU B 849 -38.32 24.70 -36.95
N VAL B 850 -37.37 24.19 -37.73
CA VAL B 850 -37.65 23.91 -39.14
C VAL B 850 -38.49 22.64 -39.28
N GLU B 851 -38.07 21.56 -38.63
CA GLU B 851 -38.73 20.26 -38.81
C GLU B 851 -40.19 20.31 -38.37
N ASN B 852 -40.48 21.06 -37.31
CA ASN B 852 -41.84 21.17 -36.80
C ASN B 852 -42.59 22.38 -37.36
N LYS B 853 -42.07 22.96 -38.46
CA LYS B 853 -42.69 24.09 -39.17
C LYS B 853 -43.24 25.13 -38.20
N LYS B 854 -42.38 25.57 -37.28
CA LYS B 854 -42.76 26.50 -36.23
C LYS B 854 -42.18 27.87 -36.54
N ASN B 855 -43.05 28.86 -36.66
CA ASN B 855 -42.61 30.23 -36.87
C ASN B 855 -42.18 30.83 -35.55
N PHE B 856 -41.08 31.58 -35.58
CA PHE B 856 -40.49 32.09 -34.36
C PHE B 856 -39.97 33.50 -34.56
N ASP B 857 -40.02 34.29 -33.48
CA ASP B 857 -39.33 35.57 -33.40
C ASP B 857 -38.10 35.34 -32.51
N LEU B 858 -36.96 35.08 -33.15
CA LEU B 858 -35.76 34.69 -32.42
C LEU B 858 -35.30 35.76 -31.44
N THR B 859 -35.17 36.99 -31.92
CA THR B 859 -34.67 38.07 -31.07
C THR B 859 -35.59 38.31 -29.89
N LYS B 860 -36.90 38.28 -30.12
CA LYS B 860 -37.87 38.50 -29.04
C LYS B 860 -37.71 37.44 -27.95
N ALA B 861 -37.64 36.17 -28.34
CA ALA B 861 -37.51 35.10 -27.36
C ALA B 861 -36.17 35.13 -26.65
N LEU B 862 -35.11 35.53 -27.35
CA LEU B 862 -33.81 35.61 -26.72
C LEU B 862 -33.78 36.73 -25.69
N THR B 863 -34.36 37.88 -26.00
CA THR B 863 -34.53 38.92 -24.98
C THR B 863 -35.36 38.39 -23.81
N LEU B 864 -36.39 37.61 -24.13
CA LEU B 864 -37.27 37.02 -23.11
C LEU B 864 -36.48 36.22 -22.09
N VAL B 865 -35.68 35.26 -22.55
CA VAL B 865 -34.87 34.48 -21.61
C VAL B 865 -33.69 35.28 -21.08
N ALA B 866 -33.28 36.34 -21.79
CA ALA B 866 -32.21 37.20 -21.29
C ALA B 866 -32.62 37.91 -20.02
N GLU B 867 -33.91 38.22 -19.89
CA GLU B 867 -34.37 38.86 -18.66
C GLU B 867 -34.28 37.93 -17.46
N GLU B 868 -34.47 36.62 -17.66
CA GLU B 868 -34.51 35.67 -16.55
C GLU B 868 -33.13 35.31 -16.01
N GLN B 869 -32.05 35.76 -16.66
CA GLN B 869 -30.71 35.26 -16.34
C GLN B 869 -30.20 35.88 -15.03
N PRO B 870 -29.45 35.10 -14.24
CA PRO B 870 -28.89 35.66 -12.99
C PRO B 870 -27.88 36.77 -13.23
N ILE B 871 -27.24 36.80 -14.39
CA ILE B 871 -26.33 37.87 -14.75
C ILE B 871 -27.05 38.88 -15.63
N THR B 872 -26.43 40.03 -15.83
CA THR B 872 -26.98 41.02 -16.75
C THR B 872 -26.62 40.63 -18.18
N ILE B 873 -27.60 40.69 -19.07
CA ILE B 873 -27.42 40.38 -20.49
C ILE B 873 -27.63 41.66 -21.28
N ASP B 874 -26.64 42.02 -22.10
CA ASP B 874 -26.71 43.22 -22.92
C ASP B 874 -27.52 42.95 -24.19
N SER B 875 -27.82 44.02 -24.92
CA SER B 875 -28.30 43.83 -26.29
C SER B 875 -27.22 43.20 -27.15
N GLY B 876 -25.95 43.45 -26.81
CA GLY B 876 -24.85 42.88 -27.57
C GLY B 876 -24.74 41.38 -27.40
N VAL B 877 -25.01 40.87 -26.20
CA VAL B 877 -25.01 39.42 -26.01
C VAL B 877 -26.12 38.79 -26.85
N ILE B 878 -27.30 39.41 -26.85
CA ILE B 878 -28.42 38.90 -27.64
C ILE B 878 -28.06 38.90 -29.12
N ASP B 879 -27.42 39.97 -29.59
CA ASP B 879 -27.01 40.02 -30.99
C ASP B 879 -25.96 38.96 -31.30
N GLU B 880 -25.04 38.73 -30.36
CA GLU B 880 -24.05 37.66 -30.51
C GLU B 880 -24.74 36.32 -30.71
N VAL B 881 -25.73 36.02 -29.87
CA VAL B 881 -26.45 34.75 -30.00
C VAL B 881 -27.21 34.70 -31.31
N VAL B 882 -27.87 35.79 -31.70
CA VAL B 882 -28.63 35.80 -32.95
C VAL B 882 -27.72 35.49 -34.12
N GLN B 883 -26.52 36.07 -34.13
CA GLN B 883 -25.56 35.82 -35.21
C GLN B 883 -25.05 34.39 -35.19
N PHE B 884 -24.75 33.87 -33.99
CA PHE B 884 -24.28 32.49 -33.85
C PHE B 884 -25.32 31.52 -34.37
N VAL B 885 -26.58 31.68 -33.93
CA VAL B 885 -27.67 30.83 -34.38
C VAL B 885 -27.88 30.94 -35.88
N THR B 886 -27.80 32.17 -36.41
CA THR B 886 -28.00 32.37 -37.85
C THR B 886 -26.93 31.63 -38.64
N ARG B 887 -25.68 31.67 -38.18
CA ARG B 887 -24.62 30.95 -38.87
C ARG B 887 -24.86 29.44 -38.82
N ARG B 888 -25.37 28.92 -37.70
CA ARG B 888 -25.71 27.51 -37.69
C ARG B 888 -26.88 27.19 -38.61
N LEU B 889 -27.82 28.13 -38.78
CA LEU B 889 -28.91 27.92 -39.74
C LEU B 889 -28.37 27.90 -41.17
N GLU B 890 -27.41 28.78 -41.47
CA GLU B 890 -26.71 28.74 -42.74
C GLU B 890 -26.05 27.38 -42.95
N GLN B 891 -25.33 26.90 -41.93
CA GLN B 891 -24.72 25.58 -41.97
C GLN B 891 -25.75 24.50 -42.27
N LEU B 892 -26.86 24.52 -41.54
CA LEU B 892 -27.94 23.57 -41.78
C LEU B 892 -28.34 23.55 -43.24
N LEU B 893 -28.75 24.70 -43.76
CA LEU B 893 -29.30 24.77 -45.11
C LEU B 893 -28.26 24.44 -46.17
N VAL B 894 -26.98 24.74 -45.94
CA VAL B 894 -25.94 24.32 -46.87
C VAL B 894 -25.56 22.87 -46.67
N ASP B 895 -26.00 22.25 -45.56
CA ASP B 895 -25.85 20.82 -45.35
C ASP B 895 -27.02 20.03 -45.90
N GLU B 896 -28.21 20.61 -45.91
CA GLU B 896 -29.37 19.99 -46.54
C GLU B 896 -29.36 20.16 -48.06
N GLY B 897 -28.41 20.90 -48.62
CA GLY B 897 -28.24 20.98 -50.04
C GLY B 897 -28.71 22.25 -50.72
N ILE B 898 -28.63 23.40 -50.05
CA ILE B 898 -28.99 24.67 -50.66
C ILE B 898 -27.70 25.42 -50.97
N ASN B 899 -27.68 26.11 -52.12
CA ASN B 899 -26.51 26.87 -52.53
C ASN B 899 -26.16 27.93 -51.49
N CYS B 900 -24.87 28.22 -51.35
CA CYS B 900 -24.37 29.12 -50.32
C CYS B 900 -24.99 30.52 -50.43
N GLU B 901 -24.69 31.24 -51.50
CA GLU B 901 -25.17 32.62 -51.62
C GLU B 901 -26.68 32.69 -51.60
N ILE B 902 -27.36 31.69 -52.16
CA ILE B 902 -28.81 31.65 -52.12
C ILE B 902 -29.30 31.56 -50.68
N VAL B 903 -28.48 31.00 -49.79
CA VAL B 903 -28.83 30.94 -48.37
C VAL B 903 -28.48 32.26 -47.69
N ARG B 904 -27.29 32.80 -47.97
CA ARG B 904 -26.87 34.03 -47.33
C ARG B 904 -27.83 35.18 -47.63
N SER B 905 -28.21 35.34 -48.90
CA SER B 905 -29.07 36.44 -49.30
C SER B 905 -30.42 36.35 -48.60
N VAL B 906 -30.92 35.14 -48.36
CA VAL B 906 -32.17 34.97 -47.64
C VAL B 906 -31.98 35.27 -46.16
N LEU B 907 -30.88 34.79 -45.59
CA LEU B 907 -30.67 34.90 -44.14
C LEU B 907 -30.39 36.34 -43.71
N ILE B 908 -29.82 37.15 -44.61
CA ILE B 908 -29.63 38.57 -44.31
C ILE B 908 -30.95 39.24 -43.94
N GLU B 909 -32.07 38.80 -44.53
CA GLU B 909 -33.36 39.45 -44.31
C GLU B 909 -34.34 38.66 -43.47
N ARG B 910 -34.21 37.34 -43.36
CA ARG B 910 -35.24 36.57 -42.67
C ARG B 910 -34.70 35.60 -41.62
N ALA B 911 -33.48 35.82 -41.12
CA ALA B 911 -32.90 34.88 -40.16
C ALA B 911 -33.68 34.84 -38.84
N ASN B 912 -34.39 35.92 -38.50
CA ASN B 912 -35.07 35.99 -37.22
C ASN B 912 -36.17 34.94 -37.07
N CYS B 913 -36.66 34.38 -38.18
CA CYS B 913 -37.54 33.22 -38.14
C CYS B 913 -36.87 32.09 -38.89
N PRO B 914 -36.28 31.12 -38.18
CA PRO B 914 -35.57 30.04 -38.89
C PRO B 914 -36.44 29.26 -39.87
N TYR B 915 -37.69 28.97 -39.53
CA TYR B 915 -38.50 28.15 -40.42
C TYR B 915 -38.89 28.91 -41.69
N LEU B 916 -39.33 30.17 -41.53
CA LEU B 916 -39.64 30.98 -42.72
C LEU B 916 -38.40 31.16 -43.58
N ALA B 917 -37.25 31.40 -42.97
N ALA B 917 -37.25 31.40 -42.97
CA ALA B 917 -36.01 31.56 -43.73
CA ALA B 917 -36.01 31.56 -43.73
C ALA B 917 -35.67 30.29 -44.49
C ALA B 917 -35.67 30.29 -44.49
N SER B 918 -35.86 29.13 -43.87
CA SER B 918 -35.60 27.87 -44.55
C SER B 918 -36.49 27.71 -45.78
N GLN B 919 -37.80 27.88 -45.58
CA GLN B 919 -38.74 27.82 -46.70
C GLN B 919 -38.31 28.76 -47.82
N THR B 920 -37.99 30.00 -47.46
CA THR B 920 -37.63 31.01 -48.45
C THR B 920 -36.35 30.62 -49.20
N ALA B 921 -35.40 30.00 -48.50
CA ALA B 921 -34.18 29.54 -49.16
C ALA B 921 -34.50 28.50 -50.22
N ILE B 922 -35.38 27.55 -49.89
CA ILE B 922 -35.73 26.55 -50.89
C ILE B 922 -36.45 27.19 -52.08
N GLU B 923 -37.42 28.07 -51.79
CA GLU B 923 -38.18 28.71 -52.87
C GLU B 923 -37.26 29.51 -53.81
N MET B 924 -36.25 30.19 -53.26
CA MET B 924 -35.38 30.92 -54.16
C MET B 924 -34.32 30.05 -54.81
N GLU B 925 -34.01 28.87 -54.27
CA GLU B 925 -33.21 27.97 -55.08
C GLU B 925 -34.02 27.46 -56.27
N ALA B 926 -35.34 27.34 -56.13
CA ALA B 926 -36.18 27.10 -57.29
C ALA B 926 -36.09 28.27 -58.27
N PHE B 927 -36.36 29.48 -57.78
CA PHE B 927 -36.21 30.73 -58.51
C PHE B 927 -34.92 30.79 -59.32
N SER B 928 -33.82 30.31 -58.74
CA SER B 928 -32.49 30.44 -59.31
C SER B 928 -32.34 29.80 -60.69
N ARG B 929 -33.34 29.07 -61.17
CA ARG B 929 -33.18 28.27 -62.39
C ARG B 929 -34.25 28.57 -63.43
N THR B 930 -34.91 29.73 -63.35
CA THR B 930 -36.17 29.94 -64.06
C THR B 930 -36.10 31.01 -65.15
N GLU B 931 -34.90 31.30 -65.67
CA GLU B 931 -34.71 32.22 -66.79
C GLU B 931 -34.96 33.67 -66.42
N ASP B 932 -36.05 33.95 -65.71
CA ASP B 932 -36.37 35.33 -65.36
C ASP B 932 -35.51 35.83 -64.22
N PHE B 933 -35.11 34.94 -63.31
CA PHE B 933 -34.24 35.23 -62.19
C PHE B 933 -33.12 36.21 -62.53
N PRO B 934 -32.25 35.92 -63.53
CA PRO B 934 -31.15 36.87 -63.82
C PRO B 934 -31.64 38.26 -64.18
N LYS B 935 -32.75 38.36 -64.94
CA LYS B 935 -33.27 39.67 -65.34
C LYS B 935 -33.88 40.43 -64.17
N ILE B 936 -34.63 39.73 -63.30
CA ILE B 936 -35.13 40.34 -62.06
C ILE B 936 -33.96 40.83 -61.20
N VAL B 937 -32.89 40.04 -61.14
CA VAL B 937 -31.76 40.40 -60.30
C VAL B 937 -31.07 41.65 -60.83
N GLU B 938 -30.81 41.70 -62.15
CA GLU B 938 -30.21 42.89 -62.75
C GLU B 938 -31.11 44.11 -62.59
N ALA B 939 -32.41 43.90 -62.80
CA ALA B 939 -33.42 44.94 -62.58
C ALA B 939 -33.25 45.60 -61.23
N TYR B 940 -33.06 44.80 -60.19
CA TYR B 940 -32.87 45.38 -58.86
C TYR B 940 -31.44 45.85 -58.60
N SER B 941 -30.45 45.28 -59.31
CA SER B 941 -29.07 45.61 -59.00
C SER B 941 -28.71 47.02 -59.47
N ARG B 942 -29.20 47.42 -60.65
CA ARG B 942 -28.82 48.73 -61.16
C ARG B 942 -29.28 49.88 -60.27
N PRO B 943 -30.53 49.97 -59.83
CA PRO B 943 -30.90 51.05 -58.90
C PRO B 943 -30.13 51.00 -57.59
N THR B 944 -29.89 49.79 -57.06
CA THR B 944 -29.10 49.63 -55.85
C THR B 944 -27.69 50.19 -56.02
N ARG B 945 -27.01 49.77 -57.09
CA ARG B 945 -25.67 50.28 -57.36
C ARG B 945 -25.66 51.80 -57.54
N ILE B 946 -26.69 52.35 -58.17
CA ILE B 946 -26.68 53.79 -58.41
C ILE B 946 -26.88 54.56 -57.11
N ILE B 947 -27.80 54.11 -56.25
CA ILE B 947 -28.14 54.88 -55.05
C ILE B 947 -27.15 54.70 -53.92
N ARG B 948 -26.12 53.87 -54.10
CA ARG B 948 -25.14 53.64 -53.04
C ARG B 948 -24.45 54.95 -52.66
N GLY B 949 -24.43 55.24 -51.36
CA GLY B 949 -23.81 56.45 -50.86
C GLY B 949 -24.72 57.66 -50.83
N LYS B 950 -25.78 57.68 -51.63
CA LYS B 950 -26.65 58.85 -51.72
C LYS B 950 -27.82 58.68 -50.75
N GLU B 951 -27.52 58.89 -49.47
CA GLU B 951 -28.56 58.79 -48.45
C GLU B 951 -29.67 59.81 -48.64
N ILE B 952 -29.43 60.83 -49.48
CA ILE B 952 -30.49 61.78 -49.81
C ILE B 952 -31.72 61.04 -50.34
N GLY B 953 -31.51 59.98 -51.13
CA GLY B 953 -32.62 59.21 -51.66
C GLY B 953 -33.42 58.50 -50.60
N SER B 954 -32.79 58.16 -49.48
CA SER B 954 -33.51 57.59 -48.35
C SER B 954 -34.19 58.65 -47.49
N ALA B 955 -33.88 59.93 -47.70
CA ALA B 955 -34.42 60.99 -46.85
C ALA B 955 -35.61 61.71 -47.47
N LEU B 956 -35.83 61.55 -48.76
CA LEU B 956 -36.88 62.26 -49.49
C LEU B 956 -38.04 61.33 -49.79
N GLU B 957 -39.24 61.90 -49.85
CA GLU B 957 -40.37 61.23 -50.43
C GLU B 957 -40.45 61.59 -51.91
N VAL B 958 -40.71 60.59 -52.75
CA VAL B 958 -40.92 60.85 -54.17
C VAL B 958 -42.06 61.86 -54.33
N ASP B 959 -41.84 62.84 -55.18
CA ASP B 959 -42.84 63.87 -55.45
C ASP B 959 -43.21 63.75 -56.93
N ALA B 960 -44.39 63.19 -57.21
CA ALA B 960 -44.76 62.90 -58.59
C ALA B 960 -44.89 64.16 -59.41
N SER B 961 -45.14 65.31 -58.76
CA SER B 961 -45.21 66.58 -59.45
C SER B 961 -43.86 67.08 -59.93
N VAL B 962 -42.76 66.46 -59.49
CA VAL B 962 -41.42 66.83 -59.95
C VAL B 962 -41.03 66.04 -61.20
N PHE B 963 -41.85 65.08 -61.62
CA PHE B 963 -41.54 64.31 -62.81
C PHE B 963 -41.49 65.20 -64.04
N GLU B 964 -40.62 64.84 -64.99
CA GLU B 964 -40.48 65.56 -66.23
C GLU B 964 -40.70 64.69 -67.47
N LYS B 965 -40.50 63.39 -67.37
CA LYS B 965 -40.68 62.48 -68.50
C LYS B 965 -41.67 61.40 -68.12
N ASP B 966 -42.46 60.97 -69.11
CA ASP B 966 -43.51 59.97 -68.87
C ASP B 966 -42.94 58.68 -68.29
N GLU B 967 -41.68 58.36 -68.61
CA GLU B 967 -41.09 57.14 -68.06
C GLU B 967 -40.97 57.22 -66.55
N GLU B 968 -40.80 58.42 -65.99
CA GLU B 968 -40.77 58.57 -64.55
C GLU B 968 -42.11 58.21 -63.91
N ARG B 969 -43.23 58.73 -64.46
CA ARG B 969 -44.52 58.38 -63.88
C ARG B 969 -44.85 56.92 -64.12
N ALA B 970 -44.46 56.38 -65.27
CA ALA B 970 -44.67 54.95 -65.53
C ALA B 970 -43.95 54.10 -64.49
N LEU B 971 -42.67 54.39 -64.24
CA LEU B 971 -41.92 53.65 -63.23
C LEU B 971 -42.54 53.82 -61.85
N TRP B 972 -43.01 55.04 -61.53
CA TRP B 972 -43.58 55.29 -60.21
C TRP B 972 -44.87 54.50 -60.00
N SER B 973 -45.77 54.53 -61.00
CA SER B 973 -47.02 53.79 -60.93
C SER B 973 -46.76 52.29 -60.81
N ALA B 974 -45.83 51.78 -61.62
CA ALA B 974 -45.48 50.37 -61.54
C ALA B 974 -44.91 50.02 -60.17
N TYR B 975 -44.05 50.89 -59.63
CA TYR B 975 -43.52 50.64 -58.30
C TYR B 975 -44.61 50.60 -57.25
N LEU B 976 -45.59 51.50 -57.36
CA LEU B 976 -46.63 51.55 -56.34
C LEU B 976 -47.47 50.28 -56.36
N GLU B 977 -47.81 49.80 -57.57
CA GLU B 977 -48.56 48.55 -57.63
C GLU B 977 -47.73 47.37 -57.11
N VAL B 978 -46.45 47.31 -57.48
CA VAL B 978 -45.58 46.22 -57.02
C VAL B 978 -45.38 46.28 -55.51
N ALA B 979 -45.29 47.48 -54.95
CA ALA B 979 -45.21 47.63 -53.50
C ALA B 979 -46.49 47.15 -52.83
N ASP B 980 -47.62 47.27 -53.53
CA ASP B 980 -48.85 46.70 -53.00
C ASP B 980 -48.85 45.17 -53.06
N LYS B 981 -48.24 44.59 -54.09
CA LYS B 981 -48.21 43.13 -54.22
C LYS B 981 -47.04 42.48 -53.50
N ILE B 982 -46.26 43.25 -52.76
CA ILE B 982 -45.03 42.75 -52.13
C ILE B 982 -44.96 43.35 -50.73
N HIS B 983 -45.13 42.50 -49.72
CA HIS B 983 -44.96 42.85 -48.31
C HIS B 983 -43.83 42.04 -47.72
N PRO B 984 -43.17 42.54 -46.69
CA PRO B 984 -42.31 41.66 -45.87
C PRO B 984 -43.14 40.51 -45.32
N GLY B 985 -42.80 39.30 -45.74
CA GLY B 985 -43.60 38.11 -45.48
C GLY B 985 -44.11 37.42 -46.74
N VAL B 986 -43.99 38.05 -47.91
CA VAL B 986 -44.52 37.45 -49.14
C VAL B 986 -43.67 36.25 -49.55
N ASP B 987 -44.29 35.33 -50.31
CA ASP B 987 -43.51 34.21 -50.84
C ASP B 987 -42.68 34.67 -52.02
N ILE B 988 -41.65 33.87 -52.34
CA ILE B 988 -40.75 34.21 -53.44
C ILE B 988 -41.49 34.21 -54.77
N LYS B 989 -42.43 33.29 -54.96
CA LYS B 989 -43.17 33.22 -56.22
C LYS B 989 -43.88 34.53 -56.50
N ALA B 990 -44.60 35.05 -55.50
CA ALA B 990 -45.28 36.33 -55.66
C ALA B 990 -44.28 37.46 -55.84
N PHE B 991 -43.16 37.41 -55.13
CA PHE B 991 -42.14 38.45 -55.29
C PHE B 991 -41.62 38.51 -56.71
N ALA B 992 -41.24 37.36 -57.27
CA ALA B 992 -40.68 37.33 -58.62
C ALA B 992 -41.72 37.74 -59.65
N ASP B 993 -42.93 37.18 -59.52
CA ASP B 993 -43.98 37.51 -60.48
C ASP B 993 -44.31 39.00 -60.44
N ALA B 994 -44.30 39.61 -59.24
CA ALA B 994 -44.60 41.03 -59.14
C ALA B 994 -43.44 41.88 -59.67
N SER B 995 -42.21 41.45 -59.39
CA SER B 995 -41.03 42.13 -59.92
C SER B 995 -40.98 42.12 -61.44
N LEU B 996 -41.60 41.13 -62.08
CA LEU B 996 -41.68 41.13 -63.54
C LEU B 996 -42.31 42.42 -64.08
N GLU B 997 -43.24 43.02 -63.33
CA GLU B 997 -43.91 44.22 -63.80
C GLU B 997 -43.03 45.47 -63.76
N LEU B 998 -41.81 45.39 -63.24
CA LEU B 998 -40.89 46.52 -63.25
C LEU B 998 -39.91 46.48 -64.41
N LEU B 999 -39.80 45.34 -65.11
CA LEU B 999 -38.73 45.15 -66.08
C LEU B 999 -38.81 46.19 -67.18
N GLN B 1000 -39.91 46.21 -67.92
CA GLN B 1000 -40.03 47.17 -69.02
C GLN B 1000 -40.06 48.61 -68.53
N PRO B 1001 -40.80 48.97 -67.47
CA PRO B 1001 -40.72 50.35 -66.97
C PRO B 1001 -39.29 50.77 -66.62
N LEU B 1002 -38.51 49.88 -66.01
CA LEU B 1002 -37.16 50.24 -65.62
C LEU B 1002 -36.26 50.40 -66.82
N GLU B 1003 -36.42 49.54 -67.84
CA GLU B 1003 -35.65 49.69 -69.07
C GLU B 1003 -35.95 51.02 -69.74
N ASP B 1004 -37.25 51.36 -69.88
CA ASP B 1004 -37.62 52.65 -70.45
C ASP B 1004 -36.99 53.80 -69.66
N PHE B 1005 -37.09 53.72 -68.32
CA PHE B 1005 -36.51 54.76 -67.47
C PHE B 1005 -35.01 54.92 -67.75
N PHE B 1006 -34.28 53.82 -67.79
CA PHE B 1006 -32.83 53.92 -67.94
C PHE B 1006 -32.40 54.26 -69.37
N THR B 1007 -33.27 54.04 -70.36
CA THR B 1007 -32.92 54.45 -71.71
C THR B 1007 -33.24 55.91 -71.99
N ASN B 1008 -34.25 56.49 -71.33
CA ASN B 1008 -34.65 57.85 -71.68
C ASN B 1008 -34.58 58.86 -70.53
N VAL B 1009 -34.17 58.47 -69.33
CA VAL B 1009 -34.15 59.40 -68.20
C VAL B 1009 -32.73 59.50 -67.67
N PHE B 1010 -32.21 60.72 -67.62
CA PHE B 1010 -30.86 60.96 -67.12
C PHE B 1010 -30.92 61.05 -65.60
N VAL B 1011 -30.30 60.08 -64.92
CA VAL B 1011 -30.48 59.93 -63.48
C VAL B 1011 -29.80 61.07 -62.73
N MET B 1012 -28.55 61.36 -63.09
CA MET B 1012 -27.78 62.40 -62.41
C MET B 1012 -28.06 63.78 -63.03
N ALA B 1013 -29.35 64.13 -63.06
CA ALA B 1013 -29.77 65.42 -63.60
C ALA B 1013 -29.06 66.56 -62.88
N GLU B 1014 -28.86 67.67 -63.59
CA GLU B 1014 -28.09 68.76 -63.02
C GLU B 1014 -28.93 69.65 -62.10
N ASP B 1015 -30.25 69.56 -62.17
CA ASP B 1015 -31.10 70.21 -61.19
C ASP B 1015 -31.21 69.30 -59.96
N GLU B 1016 -30.85 69.83 -58.79
CA GLU B 1016 -30.77 69.02 -57.58
C GLU B 1016 -32.12 68.39 -57.22
N LYS B 1017 -33.21 69.13 -57.39
CA LYS B 1017 -34.52 68.62 -57.01
C LYS B 1017 -34.92 67.42 -57.88
N VAL B 1018 -34.71 67.52 -59.19
CA VAL B 1018 -35.10 66.43 -60.08
C VAL B 1018 -34.19 65.24 -59.91
N ARG B 1019 -32.88 65.48 -59.81
CA ARG B 1019 -31.94 64.40 -59.54
C ARG B 1019 -32.26 63.70 -58.23
N ASN B 1020 -32.61 64.46 -57.20
CA ASN B 1020 -32.90 63.86 -55.90
C ASN B 1020 -34.20 63.08 -55.94
N ASN B 1021 -35.20 63.57 -56.67
CA ASN B 1021 -36.44 62.82 -56.85
C ASN B 1021 -36.17 61.51 -57.59
N ARG B 1022 -35.27 61.53 -58.57
CA ARG B 1022 -34.98 60.32 -59.32
C ARG B 1022 -34.21 59.31 -58.47
N LEU B 1023 -33.28 59.81 -57.66
CA LEU B 1023 -32.58 58.94 -56.71
C LEU B 1023 -33.55 58.35 -55.70
N ALA B 1024 -34.50 59.15 -55.20
CA ALA B 1024 -35.50 58.64 -54.27
C ALA B 1024 -36.36 57.56 -54.90
N LEU B 1025 -36.72 57.76 -56.17
CA LEU B 1025 -37.49 56.75 -56.90
C LEU B 1025 -36.71 55.44 -57.01
N LEU B 1026 -35.45 55.53 -57.46
CA LEU B 1026 -34.63 54.32 -57.57
C LEU B 1026 -34.38 53.70 -56.19
N THR B 1027 -34.39 54.51 -55.14
CA THR B 1027 -34.24 53.99 -53.80
C THR B 1027 -35.46 53.19 -53.38
N LYS B 1028 -36.66 53.71 -53.64
CA LYS B 1028 -37.86 52.94 -53.31
C LYS B 1028 -37.93 51.66 -54.14
N VAL B 1029 -37.46 51.70 -55.39
CA VAL B 1029 -37.44 50.48 -56.19
C VAL B 1029 -36.47 49.47 -55.58
N ALA B 1030 -35.26 49.93 -55.21
CA ALA B 1030 -34.28 49.04 -54.60
C ALA B 1030 -34.70 48.55 -53.21
N SER B 1031 -35.65 49.21 -52.57
CA SER B 1031 -36.10 48.85 -51.23
C SER B 1031 -37.16 47.77 -51.20
N LEU B 1032 -37.80 47.47 -52.34
CA LEU B 1032 -38.80 46.41 -52.38
C LEU B 1032 -38.31 45.07 -51.86
N PRO B 1033 -37.11 44.59 -52.18
CA PRO B 1033 -36.69 43.27 -51.68
C PRO B 1033 -36.43 43.23 -50.18
N LYS B 1034 -36.47 44.37 -49.50
CA LYS B 1034 -36.13 44.40 -48.07
C LYS B 1034 -37.07 43.47 -47.30
N GLY B 1035 -36.48 42.68 -46.41
CA GLY B 1035 -37.26 41.72 -45.66
C GLY B 1035 -37.62 40.46 -46.41
N ILE B 1036 -37.05 40.26 -47.60
CA ILE B 1036 -37.31 39.05 -48.38
C ILE B 1036 -35.97 38.39 -48.66
N ALA B 1037 -35.09 39.11 -49.36
CA ALA B 1037 -33.72 38.69 -49.53
C ALA B 1037 -32.90 39.89 -50.00
N ASP B 1038 -31.58 39.74 -49.89
CA ASP B 1038 -30.63 40.76 -50.32
C ASP B 1038 -29.96 40.25 -51.58
N LEU B 1039 -30.42 40.74 -52.74
CA LEU B 1039 -29.87 40.28 -54.01
C LEU B 1039 -28.44 40.78 -54.26
N SER B 1040 -27.87 41.57 -53.35
CA SER B 1040 -26.49 42.02 -53.48
C SER B 1040 -25.48 40.88 -53.42
N VAL B 1041 -25.91 39.68 -53.01
CA VAL B 1041 -25.01 38.53 -52.91
C VAL B 1041 -25.23 37.55 -54.06
N LEU B 1042 -26.37 37.61 -54.72
CA LEU B 1042 -26.73 36.63 -55.72
C LEU B 1042 -25.92 36.87 -57.00
N PRO B 1043 -25.63 35.82 -57.78
CA PRO B 1043 -24.92 36.00 -59.05
C PRO B 1043 -25.66 36.92 -60.03
#